data_9BUK
#
_entry.id   9BUK
#
_cell.length_a   1.00
_cell.length_b   1.00
_cell.length_c   1.00
_cell.angle_alpha   90.00
_cell.angle_beta   90.00
_cell.angle_gamma   90.00
#
_symmetry.space_group_name_H-M   'P 1'
#
loop_
_entity.id
_entity.type
_entity.pdbx_description
1 polymer 'ATP-binding cassette sub-family C member 2'
2 non-polymer "ADENOSINE-5'-TRIPHOSPHATE"
3 non-polymer 'MAGNESIUM ION'
4 non-polymer 'UNKNOWN LIGAND'
5 non-polymer CHOLESTEROL
#
_entity_poly.entity_id   1
_entity_poly.type   'polypeptide(L)'
_entity_poly.pdbx_seq_one_letter_code
;MLEKFCNSTFWNSSFLDSPEADLPLCFEQTVLVWIPLGYLWLLAPWQLLHVYKSRTKRSSTTKLYLAKQVFVGFLLILAA
IELALVLTEDSGQATVPAVRYTNPSLYLGTWLLVLLIQYSRQWCVQKNSWFLSLFWILSILCGTFQFQTLIRTLLQGDNS
NLAYSCLFFISYGFQILILIFSAFSENNESSNNPSSIASFLSSITYSWYDSIILKGYKRPLTLEDVWEVDEEMKTKTLVS
KFETHMKRELQKARRALQRRQEKSSQQNSGARLPGLNKNQSQSQDALVLEDVEKKKKKSGTKKDVPKSWLMKALFKTFYM
VLLKSFLLKLVNDIFTFVSPQLLKLLISFASDRDTYLWIGYLCAILLFTAALIQSFCLQCYFQLCFKLGVKVRTAIMASV
YKKALTLSNLARKEYTVGETVNLMSVDAQKLMDVTNFMHMLWSSVLQIVLSIFFLWRELGPSVLAGVGVMVLVIPINAIL
STKSKTIQVKNMKNKDKRLKIMNEILSGIKILKYFAWEPSFRDQVQNLRKKELKNLLAFSQLQCVVIFVFQLTPVLVSVV
TFSVYVLVDSNNILDAQKAFTSITLFNILRFPLSMLPMMISSMLQASVSTERLEKYLGGDDLDTSAIRHDCNFDKAMQFS
EASFTWEHDSEATVRDVNLDIMAGQLVAVIGPVGSGKSSLISAMLGEMENVHGHITIKGTTAYVPQQSWIQNGTIKDNIL
FGTEFNEKRYQQVLEACALLPDLEMLPGGDLAEIGEKGINLSGGQKQRISLARATYQNLDIYLLDDPLSAVDAHVGKHIF
NKVLGPNGLLKGKTRLLVTHSMHFLPQVDEIVVLGNGTIVEKGSYSALLAKKGEFAKNLKTFLRHTGPEEEATVHDGSEE
EDDDYGLISSVEEIPEDAASITMRRENSFRRTLSRSSRSNGRHLKSLRNSLKTRNVNSLKEDEELVKGQKLIKKEFIETG
KVKFSIYLEYLQAIGLFSIFFIILAFVMNSVAFIGSNLWLSAWTSDSKIFNSTDYPASQRDMRVGVYGALGLAQGIFVFI
AHFWSAFGFVHASNILHKQLLNNILRAPMRFFDTTPTGRIVNRFAGDISTVDDTLPQSLRSWITCFLGIISTLVMICMAT
PVFTIIVIPLGIIYVSVQMFYVSTSRQLRRLDSVTRSPIYSHFSETVSGLPVIRAFEHQQRFLKHNEVRIDTNQKCVFSW
ITSNRWLAIRLELVGNLTVFFSALMMVIYRDTLSGDTVGFVLSNALNITQTLNWLVRMTSEIETNIVAVERITEYTKVEN
EAPWVTDKRPPPDWPSKGKIQFNNYQVRYRPELDLVLRGITCDIGSMEKIGVVGRTGAGKSSLTNCLFRILEAAGGQIII
DGVDIASIGLHDLREKLTIIPQDPILFSGSLRMNLDPFNNYSDEEIWKALELAHLKSFVASLQLGLSHEVTEAGGNLSIG
QRQLLCLGRALLRKSKILVLDQATAAVDLETDNLIQTTIQNEFAHCTVITIAHRLHTIMDSDKVMVLDNGKIIECGSPEE
LLQIPGPFYFMAKEAGIENVNSTKF
;
_entity_poly.pdbx_strand_id   A
#
loop_
_chem_comp.id
_chem_comp.type
_chem_comp.name
_chem_comp.formula
ATP non-polymer ADENOSINE-5'-TRIPHOSPHATE 'C10 H16 N5 O13 P3'
CLR non-polymer CHOLESTEROL 'C27 H46 O'
MG non-polymer 'MAGNESIUM ION' 'Mg 2'
UNL non-polymer 'UNKNOWN LIGAND' ?
#
# COMPACT_ATOMS: atom_id res chain seq x y z
N MET A 1 43.17 -33.12 39.19
CA MET A 1 43.63 -34.50 39.21
C MET A 1 42.90 -35.35 38.19
N LEU A 2 42.78 -34.82 36.97
CA LEU A 2 42.09 -35.55 35.91
C LEU A 2 42.84 -36.83 35.54
N GLU A 3 44.17 -36.77 35.51
CA GLU A 3 44.96 -37.96 35.17
C GLU A 3 44.78 -39.04 36.22
N LYS A 4 44.73 -38.66 37.49
CA LYS A 4 44.54 -39.64 38.56
C LYS A 4 43.17 -40.32 38.46
N PHE A 5 42.14 -39.54 38.12
CA PHE A 5 40.78 -40.09 38.07
C PHE A 5 40.64 -41.12 36.95
N CYS A 6 41.09 -40.78 35.75
CA CYS A 6 40.94 -41.64 34.59
C CYS A 6 42.11 -42.61 34.40
N ASN A 7 43.17 -42.47 35.21
CA ASN A 7 44.35 -43.34 35.12
C ASN A 7 44.94 -43.32 33.71
N SER A 8 45.09 -42.13 33.16
CA SER A 8 45.63 -41.95 31.81
C SER A 8 46.32 -40.59 31.76
N THR A 9 46.75 -40.21 30.55
CA THR A 9 47.45 -38.96 30.32
C THR A 9 46.53 -37.87 29.82
N PHE A 10 46.77 -36.64 30.29
CA PHE A 10 45.92 -35.51 29.89
C PHE A 10 46.08 -35.21 28.40
N TRP A 11 47.33 -35.07 27.94
CA TRP A 11 47.60 -34.77 26.55
C TRP A 11 49.06 -35.04 26.26
N ASN A 12 49.33 -35.77 25.18
CA ASN A 12 50.69 -36.08 24.74
C ASN A 12 50.92 -35.42 23.40
N SER A 13 51.98 -34.61 23.31
CA SER A 13 52.28 -33.93 22.06
C SER A 13 52.67 -34.92 20.97
N SER A 14 53.46 -35.94 21.32
CA SER A 14 53.89 -36.94 20.34
C SER A 14 52.78 -37.86 19.89
N PHE A 15 51.62 -37.85 20.58
CA PHE A 15 50.52 -38.71 20.17
C PHE A 15 50.01 -38.35 18.79
N LEU A 16 49.87 -37.05 18.51
CA LEU A 16 49.43 -36.57 17.22
C LEU A 16 50.59 -36.21 16.28
N ASP A 17 51.82 -36.26 16.77
CA ASP A 17 52.97 -35.93 15.93
C ASP A 17 53.21 -36.97 14.85
N SER A 18 52.75 -38.20 15.05
CA SER A 18 52.90 -39.24 14.04
C SER A 18 51.98 -38.97 12.85
N PRO A 19 52.29 -39.52 11.68
CA PRO A 19 51.37 -39.38 10.54
C PRO A 19 49.98 -39.90 10.84
N GLU A 20 49.88 -40.97 11.63
CA GLU A 20 48.61 -41.46 12.13
C GLU A 20 48.41 -40.96 13.55
N ALA A 21 47.35 -40.21 13.77
CA ALA A 21 47.10 -39.55 15.05
C ALA A 21 45.89 -40.16 15.74
N ASP A 22 45.95 -40.18 17.07
CA ASP A 22 44.86 -40.71 17.88
C ASP A 22 44.86 -39.98 19.22
N LEU A 23 43.83 -39.15 19.44
CA LEU A 23 43.72 -38.44 20.70
C LEU A 23 43.44 -39.42 21.84
N PRO A 24 43.84 -39.08 23.07
CA PRO A 24 43.64 -40.02 24.18
C PRO A 24 42.17 -40.30 24.42
N LEU A 25 41.86 -41.56 24.72
CA LEU A 25 40.44 -41.97 24.90
C LEU A 25 39.84 -41.28 26.12
N CYS A 26 40.60 -41.20 27.22
CA CYS A 26 40.05 -40.62 28.47
C CYS A 26 39.67 -39.16 28.23
N PHE A 27 40.42 -38.44 27.40
CA PHE A 27 40.02 -37.05 27.07
C PHE A 27 38.62 -37.06 26.48
N GLU A 28 38.38 -37.97 25.52
CA GLU A 28 37.04 -38.08 24.88
C GLU A 28 36.03 -38.62 25.89
N GLN A 29 36.46 -39.55 26.75
CA GLN A 29 35.54 -40.17 27.75
C GLN A 29 35.17 -39.14 28.82
N THR A 30 35.72 -37.92 28.72
CA THR A 30 35.43 -36.85 29.72
C THR A 30 34.89 -35.61 29.00
N VAL A 31 35.76 -34.73 28.51
CA VAL A 31 35.30 -33.44 27.91
C VAL A 31 34.20 -33.71 26.87
N LEU A 32 34.42 -34.65 25.95
CA LEU A 32 33.43 -34.87 24.85
C LEU A 32 32.09 -35.32 25.43
N VAL A 33 32.09 -36.04 26.55
CA VAL A 33 30.81 -36.56 27.12
C VAL A 33 30.29 -35.58 28.18
N TRP A 34 30.96 -34.44 28.35
CA TRP A 34 30.50 -33.41 29.31
C TRP A 34 29.72 -32.32 28.57
N ILE A 35 30.28 -31.82 27.46
CA ILE A 35 29.62 -30.71 26.71
C ILE A 35 28.16 -31.09 26.40
N PRO A 36 27.86 -32.25 25.76
CA PRO A 36 26.48 -32.57 25.38
C PRO A 36 25.58 -32.71 26.61
N LEU A 37 26.03 -33.47 27.61
CA LEU A 37 25.15 -33.72 28.80
C LEU A 37 24.83 -32.40 29.50
N GLY A 38 25.86 -31.64 29.88
CA GLY A 38 25.64 -30.37 30.59
C GLY A 38 24.61 -29.52 29.86
N TYR A 39 24.80 -29.33 28.55
CA TYR A 39 23.87 -28.52 27.73
C TYR A 39 22.43 -28.96 28.03
N LEU A 40 22.19 -30.27 27.98
CA LEU A 40 20.80 -30.79 28.22
C LEU A 40 20.38 -30.46 29.65
N TRP A 41 21.29 -30.59 30.61
CA TRP A 41 20.91 -30.39 32.03
C TRP A 41 20.69 -28.91 32.35
N LEU A 42 21.71 -28.06 32.15
CA LEU A 42 21.56 -26.68 32.57
C LEU A 42 20.63 -25.88 31.66
N LEU A 43 20.15 -26.46 30.56
CA LEU A 43 19.06 -25.84 29.79
C LEU A 43 17.69 -26.42 30.10
N ALA A 44 17.61 -27.63 30.65
CA ALA A 44 16.31 -28.30 30.78
C ALA A 44 15.30 -27.54 31.65
N PRO A 45 15.62 -27.09 32.87
CA PRO A 45 14.55 -26.53 33.72
C PRO A 45 13.85 -25.31 33.14
N TRP A 46 14.58 -24.46 32.42
CA TRP A 46 13.96 -23.28 31.83
C TRP A 46 12.91 -23.67 30.80
N GLN A 47 13.23 -24.63 29.93
CA GLN A 47 12.26 -25.08 28.95
C GLN A 47 11.12 -25.86 29.61
N LEU A 48 11.40 -26.56 30.70
CA LEU A 48 10.32 -27.22 31.44
C LEU A 48 9.33 -26.19 31.97
N LEU A 49 9.84 -25.09 32.54
CA LEU A 49 8.96 -24.02 33.00
C LEU A 49 8.21 -23.39 31.83
N HIS A 50 8.88 -23.21 30.70
CA HIS A 50 8.22 -22.64 29.52
C HIS A 50 7.07 -23.53 29.07
N VAL A 51 7.28 -24.85 29.04
CA VAL A 51 6.20 -25.76 28.67
C VAL A 51 5.09 -25.72 29.70
N TYR A 52 5.44 -25.58 30.98
CA TYR A 52 4.44 -25.47 32.03
C TYR A 52 3.57 -24.25 31.82
N LYS A 53 4.17 -23.13 31.39
CA LYS A 53 3.40 -21.91 31.16
C LYS A 53 2.39 -22.09 30.03
N SER A 54 2.78 -22.77 28.95
CA SER A 54 1.94 -22.90 27.76
C SER A 54 1.22 -24.24 27.70
N ARG A 55 0.80 -24.76 28.85
CA ARG A 55 0.06 -26.03 28.88
C ARG A 55 -1.41 -25.73 28.63
N THR A 56 -1.90 -26.13 27.45
CA THR A 56 -3.29 -25.88 27.06
C THR A 56 -4.07 -27.17 26.88
N LYS A 57 -3.60 -28.08 26.04
CA LYS A 57 -4.33 -29.32 25.79
C LYS A 57 -3.35 -30.38 25.29
N ARG A 58 -3.80 -31.62 25.31
CA ARG A 58 -2.99 -32.76 24.88
C ARG A 58 -3.44 -33.21 23.50
N SER A 59 -2.47 -33.47 22.63
CA SER A 59 -2.75 -33.92 21.28
C SER A 59 -2.92 -35.44 21.26
N SER A 60 -3.26 -35.97 20.08
CA SER A 60 -3.42 -37.45 19.94
C SER A 60 -2.06 -38.13 20.00
N THR A 61 -2.04 -39.44 20.23
CA THR A 61 -0.77 -40.20 20.32
C THR A 61 -0.24 -40.48 18.91
N THR A 62 0.71 -39.66 18.44
CA THR A 62 1.25 -39.81 17.06
C THR A 62 2.14 -41.07 16.99
N LYS A 63 1.91 -41.93 16.01
CA LYS A 63 2.78 -43.12 15.82
C LYS A 63 4.26 -42.72 15.96
N LEU A 64 4.65 -41.59 15.35
CA LEU A 64 6.05 -41.21 15.37
C LEU A 64 6.54 -40.96 16.79
N TYR A 65 5.74 -40.28 17.61
CA TYR A 65 6.12 -40.02 18.99
C TYR A 65 6.25 -41.33 19.78
N LEU A 66 5.31 -42.26 19.59
CA LEU A 66 5.38 -43.54 20.27
C LEU A 66 6.62 -44.32 19.84
N ALA A 67 6.92 -44.32 18.54
CA ALA A 67 8.09 -45.03 18.04
C ALA A 67 9.37 -44.43 18.61
N LYS A 68 9.46 -43.09 18.65
CA LYS A 68 10.65 -42.45 19.19
C LYS A 68 10.81 -42.74 20.67
N GLN A 69 9.70 -42.75 21.40
CA GLN A 69 9.77 -43.10 22.85
C GLN A 69 10.26 -44.54 22.99
N VAL A 70 9.73 -45.46 22.16
CA VAL A 70 10.14 -46.86 22.24
C VAL A 70 11.64 -46.98 21.95
N PHE A 71 12.12 -46.26 20.94
CA PHE A 71 13.54 -46.33 20.61
C PHE A 71 14.40 -45.81 21.75
N VAL A 72 14.02 -44.68 22.33
CA VAL A 72 14.79 -44.13 23.48
C VAL A 72 14.75 -45.18 24.61
N GLY A 73 13.57 -45.76 24.87
CA GLY A 73 13.49 -46.73 25.95
C GLY A 73 14.40 -47.92 25.74
N PHE A 74 14.50 -48.39 24.50
CA PHE A 74 15.40 -49.50 24.21
C PHE A 74 16.85 -49.05 24.38
N LEU A 75 17.16 -47.80 24.03
CA LEU A 75 18.49 -47.26 24.32
C LEU A 75 18.76 -47.23 25.82
N LEU A 76 17.77 -46.82 26.61
CA LEU A 76 17.92 -46.83 28.07
C LEU A 76 18.16 -48.24 28.59
N ILE A 77 17.44 -49.22 28.04
CA ILE A 77 17.64 -50.62 28.44
C ILE A 77 19.04 -51.07 28.09
N LEU A 78 19.55 -50.65 26.93
CA LEU A 78 20.92 -50.96 26.55
C LEU A 78 21.92 -50.37 27.54
N ALA A 79 21.69 -49.12 27.95
CA ALA A 79 22.56 -48.51 28.96
C ALA A 79 22.49 -49.28 30.28
N ALA A 80 21.29 -49.71 30.67
CA ALA A 80 21.13 -50.44 31.91
C ALA A 80 21.85 -51.79 31.87
N ILE A 81 21.74 -52.50 30.76
CA ILE A 81 22.41 -53.80 30.66
C ILE A 81 23.93 -53.61 30.58
N GLU A 82 24.38 -52.51 29.97
CA GLU A 82 25.81 -52.20 30.01
C GLU A 82 26.28 -51.96 31.44
N LEU A 83 25.48 -51.23 32.23
CA LEU A 83 25.83 -51.02 33.63
C LEU A 83 25.85 -52.33 34.41
N ALA A 84 24.88 -53.21 34.12
CA ALA A 84 24.85 -54.51 34.78
C ALA A 84 26.09 -55.34 34.43
N LEU A 85 26.50 -55.31 33.16
CA LEU A 85 27.71 -56.04 32.77
C LEU A 85 28.94 -55.44 33.44
N VAL A 86 28.99 -54.12 33.56
CA VAL A 86 30.11 -53.46 34.24
C VAL A 86 30.15 -53.89 35.70
N LEU A 87 29.00 -53.94 36.36
CA LEU A 87 28.95 -54.38 37.76
C LEU A 87 29.38 -55.83 37.89
N THR A 88 28.95 -56.69 36.97
CA THR A 88 29.34 -58.09 37.00
C THR A 88 30.85 -58.24 36.81
N GLU A 89 31.43 -57.46 35.90
CA GLU A 89 32.87 -57.51 35.70
C GLU A 89 33.62 -57.01 36.94
N ASP A 90 33.11 -55.96 37.58
CA ASP A 90 33.73 -55.45 38.79
C ASP A 90 33.57 -56.40 39.96
N SER A 91 32.55 -57.27 39.93
CA SER A 91 32.33 -58.22 41.02
C SER A 91 33.39 -59.32 41.07
N GLY A 92 34.23 -59.43 40.05
CA GLY A 92 35.25 -60.46 40.03
C GLY A 92 36.51 -60.10 40.81
N GLN A 93 36.32 -59.39 41.92
CA GLN A 93 37.43 -58.99 42.80
C GLN A 93 38.48 -58.18 42.04
N ALA A 94 38.06 -57.01 41.56
CA ALA A 94 38.94 -56.12 40.83
C ALA A 94 38.51 -54.68 41.08
N THR A 95 39.43 -53.76 40.83
CA THR A 95 39.19 -52.33 41.00
C THR A 95 38.84 -51.72 39.65
N VAL A 96 37.59 -51.36 39.46
CA VAL A 96 37.12 -50.77 38.21
C VAL A 96 37.46 -49.29 38.19
N PRO A 97 37.68 -48.69 37.02
CA PRO A 97 37.94 -47.25 36.97
C PRO A 97 36.71 -46.45 37.38
N ALA A 98 36.96 -45.23 37.86
CA ALA A 98 35.88 -44.35 38.28
C ALA A 98 34.98 -43.97 37.12
N VAL A 99 35.59 -43.67 35.98
CA VAL A 99 34.81 -43.25 34.79
C VAL A 99 33.89 -44.40 34.36
N ARG A 100 34.41 -45.63 34.33
CA ARG A 100 33.63 -46.77 33.86
C ARG A 100 32.39 -46.99 34.70
N TYR A 101 32.41 -46.54 35.96
CA TYR A 101 31.24 -46.66 36.82
C TYR A 101 30.34 -45.43 36.78
N THR A 102 30.93 -44.23 36.60
CA THR A 102 30.14 -43.01 36.60
C THR A 102 29.37 -42.82 35.30
N ASN A 103 30.01 -43.18 34.19
CA ASN A 103 29.40 -42.96 32.85
C ASN A 103 28.00 -43.56 32.76
N PRO A 104 27.79 -44.88 32.99
CA PRO A 104 26.45 -45.47 32.79
C PRO A 104 25.36 -44.76 33.58
N SER A 105 25.63 -44.33 34.80
CA SER A 105 24.64 -43.61 35.58
C SER A 105 24.30 -42.27 34.92
N LEU A 106 25.32 -41.57 34.42
CA LEU A 106 25.08 -40.31 33.73
C LEU A 106 24.21 -40.51 32.49
N TYR A 107 24.52 -41.55 31.71
CA TYR A 107 23.71 -41.84 30.52
C TYR A 107 22.28 -42.19 30.91
N LEU A 108 22.10 -42.99 31.97
CA LEU A 108 20.76 -43.36 32.40
C LEU A 108 19.96 -42.14 32.81
N GLY A 109 20.55 -41.26 33.61
CA GLY A 109 19.86 -40.06 34.02
C GLY A 109 19.54 -39.15 32.86
N THR A 110 20.45 -39.08 31.89
CA THR A 110 20.19 -38.27 30.68
C THR A 110 18.97 -38.82 29.94
N TRP A 111 19.00 -40.10 29.55
CA TRP A 111 17.88 -40.65 28.74
C TRP A 111 16.56 -40.39 29.46
N LEU A 112 16.56 -40.45 30.80
CA LEU A 112 15.30 -40.26 31.56
C LEU A 112 14.76 -38.85 31.30
N LEU A 113 15.62 -37.84 31.42
CA LEU A 113 15.19 -36.44 31.21
C LEU A 113 14.73 -36.29 29.76
N VAL A 114 15.42 -36.94 28.82
CA VAL A 114 15.02 -36.89 27.39
C VAL A 114 13.59 -37.40 27.27
N LEU A 115 13.28 -38.52 27.93
CA LEU A 115 11.89 -39.09 27.88
C LEU A 115 10.91 -38.04 28.36
N LEU A 116 11.21 -37.40 29.50
CA LEU A 116 10.31 -36.37 30.05
C LEU A 116 10.13 -35.24 29.02
N ILE A 117 11.23 -34.73 28.48
CA ILE A 117 11.16 -33.60 27.51
C ILE A 117 10.34 -34.04 26.29
N GLN A 118 10.65 -35.21 25.73
CA GLN A 118 9.93 -35.69 24.52
C GLN A 118 8.44 -35.78 24.84
N TYR A 119 8.10 -36.20 26.06
CA TYR A 119 6.67 -36.34 26.47
C TYR A 119 6.05 -34.97 26.71
N SER A 120 6.67 -34.17 27.58
CA SER A 120 6.10 -32.83 27.92
C SER A 120 5.76 -32.07 26.64
N ARG A 121 6.55 -32.25 25.58
CA ARG A 121 6.32 -31.47 24.33
C ARG A 121 4.93 -31.79 23.76
N GLN A 122 4.40 -32.99 24.01
CA GLN A 122 3.11 -33.39 23.40
C GLN A 122 2.06 -32.30 23.64
N TRP A 123 2.26 -31.48 24.67
CA TRP A 123 1.29 -30.44 25.00
C TRP A 123 1.56 -29.12 24.29
N CYS A 124 2.57 -29.05 23.43
CA CYS A 124 2.92 -27.83 22.73
C CYS A 124 2.55 -27.92 21.26
N VAL A 125 2.44 -26.75 20.62
CA VAL A 125 2.02 -26.70 19.22
C VAL A 125 3.10 -27.26 18.30
N GLN A 126 4.37 -27.09 18.65
CA GLN A 126 5.50 -27.59 17.85
C GLN A 126 6.09 -28.79 18.58
N LYS A 127 5.99 -29.97 17.96
CA LYS A 127 6.43 -31.19 18.60
C LYS A 127 7.95 -31.33 18.60
N ASN A 128 8.62 -30.85 17.56
CA ASN A 128 10.07 -30.94 17.45
C ASN A 128 10.64 -29.52 17.45
N SER A 129 11.33 -29.15 18.52
CA SER A 129 11.91 -27.83 18.67
C SER A 129 13.43 -27.91 18.50
N TRP A 130 14.09 -26.76 18.70
CA TRP A 130 15.52 -26.68 18.47
C TRP A 130 16.34 -27.38 19.55
N PHE A 131 15.77 -27.54 20.75
CA PHE A 131 16.53 -28.09 21.87
C PHE A 131 17.01 -29.50 21.59
N LEU A 132 16.07 -30.42 21.39
CA LEU A 132 16.51 -31.83 21.20
C LEU A 132 17.36 -31.89 19.92
N SER A 133 16.92 -31.27 18.82
CA SER A 133 17.66 -31.39 17.58
C SER A 133 19.12 -30.95 17.76
N LEU A 134 19.33 -29.83 18.43
CA LEU A 134 20.69 -29.37 18.68
C LEU A 134 21.43 -30.33 19.60
N PHE A 135 20.74 -30.89 20.60
CA PHE A 135 21.37 -31.86 21.48
C PHE A 135 21.82 -33.10 20.71
N TRP A 136 20.95 -33.58 19.82
CA TRP A 136 21.31 -34.77 19.00
C TRP A 136 22.51 -34.43 18.12
N ILE A 137 22.49 -33.27 17.46
CA ILE A 137 23.59 -32.88 16.57
C ILE A 137 24.89 -32.80 17.35
N LEU A 138 24.86 -32.18 18.53
CA LEU A 138 26.06 -32.10 19.35
C LEU A 138 26.55 -33.46 19.77
N SER A 139 25.63 -34.36 20.14
CA SER A 139 26.02 -35.70 20.54
C SER A 139 26.69 -36.45 19.40
N ILE A 140 26.13 -36.33 18.20
CA ILE A 140 26.71 -37.02 17.00
C ILE A 140 28.11 -36.45 16.74
N LEU A 141 28.24 -35.12 16.75
CA LEU A 141 29.53 -34.50 16.45
C LEU A 141 30.58 -34.86 17.49
N CYS A 142 30.15 -34.98 18.76
CA CYS A 142 31.11 -35.36 19.83
C CYS A 142 31.50 -36.83 19.69
N GLY A 143 30.52 -37.71 19.48
CA GLY A 143 30.80 -39.13 19.43
C GLY A 143 31.47 -39.62 18.17
N THR A 144 31.55 -38.77 17.14
CA THR A 144 32.27 -39.17 15.91
C THR A 144 33.69 -39.57 16.27
N PHE A 145 34.40 -38.74 17.03
CA PHE A 145 35.83 -39.01 17.37
C PHE A 145 35.96 -40.33 18.14
N GLN A 146 35.10 -40.55 19.14
CA GLN A 146 35.24 -41.78 19.96
C GLN A 146 35.10 -43.00 19.06
N PHE A 147 34.08 -43.00 18.19
CA PHE A 147 33.90 -44.14 17.25
C PHE A 147 35.17 -44.33 16.43
N GLN A 148 35.73 -43.24 15.91
CA GLN A 148 36.96 -43.30 15.08
C GLN A 148 38.03 -44.10 15.82
N THR A 149 38.45 -43.63 17.01
CA THR A 149 39.57 -44.31 17.72
C THR A 149 39.17 -45.73 18.12
N LEU A 150 37.93 -45.93 18.57
CA LEU A 150 37.51 -47.28 19.05
C LEU A 150 37.66 -48.29 17.91
N ILE A 151 37.12 -47.97 16.74
CA ILE A 151 37.15 -48.94 15.59
C ILE A 151 38.61 -49.12 15.14
N ARG A 152 39.39 -48.03 15.09
CA ARG A 152 40.83 -48.16 14.75
C ARG A 152 41.46 -49.19 15.69
N THR A 153 41.27 -49.01 17.00
CA THR A 153 41.87 -49.93 17.99
C THR A 153 41.41 -51.36 17.69
N LEU A 154 40.14 -51.55 17.38
CA LEU A 154 39.60 -52.92 17.14
C LEU A 154 40.33 -53.52 15.93
N LEU A 155 40.55 -52.73 14.88
CA LEU A 155 41.27 -53.23 13.68
C LEU A 155 42.68 -53.64 14.11
N GLN A 156 43.37 -52.78 14.87
CA GLN A 156 44.75 -53.09 15.33
C GLN A 156 44.75 -54.42 16.08
N GLY A 157 43.83 -54.57 17.05
CA GLY A 157 43.77 -55.82 17.84
C GLY A 157 42.37 -56.08 18.35
N ASP A 158 41.92 -57.35 18.31
CA ASP A 158 40.53 -57.68 18.74
C ASP A 158 40.50 -57.91 20.25
N ASN A 159 41.65 -57.82 20.92
CA ASN A 159 41.73 -58.08 22.38
C ASN A 159 41.24 -56.84 23.13
N SER A 160 39.92 -56.65 23.21
CA SER A 160 39.35 -55.45 23.89
C SER A 160 37.95 -55.75 24.39
N ASN A 161 37.24 -54.71 24.86
CA ASN A 161 35.83 -54.90 25.31
C ASN A 161 34.93 -54.92 24.07
N LEU A 162 34.93 -56.03 23.33
CA LEU A 162 34.12 -56.13 22.09
C LEU A 162 32.66 -55.85 22.43
N ALA A 163 32.19 -56.37 23.57
CA ALA A 163 30.79 -56.11 24.00
C ALA A 163 30.61 -54.59 24.14
N TYR A 164 31.53 -53.91 24.83
CA TYR A 164 31.45 -52.43 24.96
C TYR A 164 31.40 -51.81 23.58
N SER A 165 32.38 -52.16 22.72
CA SER A 165 32.40 -51.55 21.40
C SER A 165 31.09 -51.79 20.66
N CYS A 166 30.56 -53.01 20.74
CA CYS A 166 29.30 -53.33 20.05
C CYS A 166 28.14 -52.52 20.60
N LEU A 167 28.06 -52.40 21.93
CA LEU A 167 26.96 -51.61 22.50
C LEU A 167 27.11 -50.14 22.17
N PHE A 168 28.35 -49.64 22.12
CA PHE A 168 28.54 -48.25 21.70
C PHE A 168 28.14 -48.07 20.24
N PHE A 169 28.43 -49.04 19.38
CA PHE A 169 28.04 -48.94 17.99
C PHE A 169 26.52 -48.92 17.84
N ILE A 170 25.83 -49.79 18.57
CA ILE A 170 24.38 -49.81 18.47
C ILE A 170 23.79 -48.53 19.05
N SER A 171 24.45 -47.98 20.08
CA SER A 171 23.98 -46.72 20.71
C SER A 171 24.17 -45.57 19.72
N TYR A 172 25.37 -45.43 19.15
CA TYR A 172 25.62 -44.37 18.16
C TYR A 172 24.59 -44.52 17.03
N GLY A 173 24.27 -45.76 16.66
CA GLY A 173 23.24 -46.01 15.63
C GLY A 173 21.88 -45.48 16.08
N PHE A 174 21.50 -45.73 17.33
CA PHE A 174 20.23 -45.17 17.84
C PHE A 174 20.25 -43.65 17.67
N GLN A 175 21.33 -43.01 18.12
CA GLN A 175 21.42 -41.53 18.05
C GLN A 175 21.16 -41.08 16.60
N ILE A 176 21.84 -41.70 15.64
CA ILE A 176 21.66 -41.33 14.21
C ILE A 176 20.19 -41.52 13.82
N LEU A 177 19.62 -42.68 14.16
CA LEU A 177 18.21 -42.97 13.78
C LEU A 177 17.29 -41.93 14.42
N ILE A 178 17.47 -41.66 15.72
CA ILE A 178 16.59 -40.68 16.42
C ILE A 178 16.61 -39.37 15.65
N LEU A 179 17.79 -38.87 15.31
CA LEU A 179 17.88 -37.55 14.61
C LEU A 179 17.06 -37.64 13.32
N ILE A 180 17.31 -38.67 12.51
CA ILE A 180 16.56 -38.85 11.25
C ILE A 180 15.06 -38.75 11.58
N PHE A 181 14.58 -39.52 12.55
CA PHE A 181 13.12 -39.54 12.86
C PHE A 181 12.62 -38.17 13.33
N SER A 182 13.50 -37.30 13.82
CA SER A 182 13.05 -36.01 14.42
C SER A 182 12.67 -34.98 13.34
N ALA A 183 13.40 -34.91 12.24
CA ALA A 183 13.14 -33.86 11.23
C ALA A 183 11.74 -34.00 10.64
N PHE A 184 11.13 -35.18 10.73
CA PHE A 184 9.75 -35.38 10.22
C PHE A 184 8.75 -34.63 11.11
N SER A 185 7.72 -34.03 10.51
CA SER A 185 6.66 -33.35 11.29
C SER A 185 5.29 -33.78 10.77
N GLU A 186 4.40 -34.23 11.66
CA GLU A 186 3.06 -34.73 11.23
C GLU A 186 2.14 -33.55 10.93
N ASN A 187 1.09 -33.78 10.14
CA ASN A 187 0.10 -32.70 9.83
C ASN A 187 -0.61 -32.30 11.12
N ASN A 188 -0.56 -33.16 12.14
CA ASN A 188 -1.18 -32.83 13.46
C ASN A 188 -2.61 -32.34 13.22
N GLU A 189 -3.37 -33.05 12.37
CA GLU A 189 -4.77 -32.65 12.07
C GLU A 189 -4.85 -31.12 12.00
N SER A 190 -3.84 -30.48 11.40
CA SER A 190 -3.81 -29.02 11.33
C SER A 190 -3.82 -28.60 9.86
N SER A 191 -4.94 -28.05 9.42
CA SER A 191 -5.09 -27.58 8.05
C SER A 191 -4.66 -26.13 7.86
N ASN A 192 -4.14 -25.50 8.91
CA ASN A 192 -3.70 -24.11 8.84
C ASN A 192 -2.35 -24.04 8.12
N ASN A 193 -1.72 -22.88 8.16
CA ASN A 193 -0.43 -22.70 7.51
C ASN A 193 0.59 -23.65 8.15
N PRO A 194 1.39 -24.36 7.35
CA PRO A 194 2.36 -25.30 7.93
C PRO A 194 3.56 -24.60 8.55
N SER A 195 3.50 -23.27 8.67
CA SER A 195 4.60 -22.54 9.30
C SER A 195 4.73 -22.91 10.77
N SER A 196 3.60 -23.04 11.47
CA SER A 196 3.66 -23.37 12.89
C SER A 196 4.11 -24.80 13.12
N ILE A 197 3.56 -25.75 12.36
CA ILE A 197 3.93 -27.16 12.48
C ILE A 197 5.08 -27.42 11.53
N ALA A 198 6.30 -27.37 12.08
CA ALA A 198 7.50 -27.54 11.26
C ALA A 198 8.66 -27.93 12.16
N SER A 199 9.38 -28.97 11.77
CA SER A 199 10.58 -29.36 12.49
C SER A 199 11.66 -28.29 12.32
N PHE A 200 12.55 -28.19 13.31
CA PHE A 200 13.59 -27.18 13.29
C PHE A 200 14.46 -27.32 12.05
N LEU A 201 14.88 -28.55 11.74
CA LEU A 201 15.66 -28.79 10.53
C LEU A 201 14.85 -28.48 9.28
N SER A 202 13.53 -28.64 9.33
CA SER A 202 12.67 -28.29 8.22
C SER A 202 12.18 -26.84 8.27
N SER A 203 12.51 -26.11 9.33
CA SER A 203 12.15 -24.70 9.43
C SER A 203 13.32 -23.77 9.20
N ILE A 204 14.55 -24.27 9.30
CA ILE A 204 15.71 -23.45 8.96
C ILE A 204 16.07 -23.51 7.47
N THR A 205 15.53 -24.49 6.74
CA THR A 205 15.76 -24.58 5.31
C THR A 205 14.51 -24.30 4.48
N TYR A 206 13.42 -23.89 5.14
CA TYR A 206 12.17 -23.54 4.42
C TYR A 206 11.74 -24.69 3.51
N SER A 207 11.79 -25.93 4.01
CA SER A 207 11.35 -27.08 3.24
C SER A 207 9.83 -27.23 3.21
N TRP A 208 9.11 -26.44 3.99
CA TRP A 208 7.65 -26.48 3.99
C TRP A 208 7.04 -25.62 2.90
N TYR A 209 7.85 -24.92 2.11
CA TYR A 209 7.37 -24.05 1.04
C TYR A 209 7.47 -24.71 -0.33
N ASP A 210 7.83 -26.00 -0.38
CA ASP A 210 7.98 -26.66 -1.68
C ASP A 210 6.65 -26.84 -2.39
N SER A 211 5.57 -27.07 -1.65
CA SER A 211 4.28 -27.33 -2.26
C SER A 211 3.79 -26.13 -3.06
N ILE A 212 3.89 -24.93 -2.48
CA ILE A 212 3.41 -23.73 -3.17
C ILE A 212 4.18 -23.52 -4.46
N ILE A 213 5.50 -23.73 -4.42
CA ILE A 213 6.36 -23.49 -5.62
C ILE A 213 6.08 -24.56 -6.67
N LEU A 214 5.78 -25.79 -6.26
CA LEU A 214 5.44 -26.83 -7.22
C LEU A 214 4.11 -26.56 -7.91
N LYS A 215 3.09 -26.19 -7.14
CA LYS A 215 1.79 -25.92 -7.74
C LYS A 215 1.82 -24.64 -8.58
N GLY A 216 2.66 -23.67 -8.20
CA GLY A 216 2.82 -22.49 -9.02
C GLY A 216 3.50 -22.79 -10.35
N TYR A 217 4.46 -23.71 -10.34
CA TYR A 217 5.10 -24.12 -11.58
C TYR A 217 4.15 -24.91 -12.46
N LYS A 218 3.33 -25.78 -11.86
CA LYS A 218 2.42 -26.59 -12.65
C LYS A 218 1.32 -25.74 -13.29
N ARG A 219 0.69 -24.88 -12.51
CA ARG A 219 -0.42 -24.06 -12.97
C ARG A 219 -0.28 -22.66 -12.37
N PRO A 220 -0.87 -21.65 -13.00
CA PRO A 220 -0.84 -20.31 -12.42
C PRO A 220 -1.53 -20.26 -11.06
N LEU A 221 -0.99 -19.43 -10.18
CA LEU A 221 -1.48 -19.36 -8.81
C LEU A 221 -2.85 -18.67 -8.76
N THR A 222 -3.40 -18.58 -7.56
CA THR A 222 -4.72 -18.01 -7.33
C THR A 222 -4.76 -17.50 -5.90
N LEU A 223 -5.55 -16.45 -5.68
CA LEU A 223 -5.63 -15.83 -4.36
C LEU A 223 -6.05 -16.82 -3.28
N GLU A 224 -6.84 -17.83 -3.64
CA GLU A 224 -7.27 -18.84 -2.68
C GLU A 224 -6.16 -19.81 -2.29
N ASP A 225 -5.03 -19.78 -2.99
CA ASP A 225 -3.97 -20.76 -2.79
C ASP A 225 -2.91 -20.30 -1.78
N VAL A 226 -3.05 -19.10 -1.23
CA VAL A 226 -2.08 -18.56 -0.28
C VAL A 226 -2.61 -18.78 1.13
N TRP A 227 -1.81 -19.42 1.97
CA TRP A 227 -2.22 -19.71 3.33
C TRP A 227 -2.30 -18.44 4.15
N GLU A 228 -3.22 -18.45 5.13
CA GLU A 228 -3.46 -17.29 5.96
C GLU A 228 -2.27 -17.02 6.88
N VAL A 229 -2.16 -15.79 7.38
CA VAL A 229 -0.99 -15.40 8.21
C VAL A 229 -1.08 -16.02 9.60
N ASP A 230 -0.03 -15.82 10.43
CA ASP A 230 -0.02 -16.37 11.81
C ASP A 230 -0.90 -15.52 12.71
N GLU A 231 -1.34 -16.08 13.85
CA GLU A 231 -2.24 -15.36 14.78
C GLU A 231 -1.63 -14.01 15.16
N GLU A 232 -0.34 -13.98 15.55
CA GLU A 232 0.24 -12.73 16.01
C GLU A 232 0.25 -11.68 14.90
N MET A 233 0.57 -12.08 13.68
CA MET A 233 0.71 -11.13 12.58
C MET A 233 -0.62 -10.54 12.10
N LYS A 234 -1.76 -10.82 12.73
CA LYS A 234 -3.00 -10.20 12.32
C LYS A 234 -2.99 -8.71 12.67
N THR A 235 -3.98 -7.99 12.14
CA THR A 235 -3.97 -6.53 12.25
C THR A 235 -4.31 -6.06 13.66
N LYS A 236 -5.24 -6.76 14.33
CA LYS A 236 -5.79 -6.25 15.59
C LYS A 236 -4.72 -6.12 16.68
N THR A 237 -3.85 -7.12 16.79
CA THR A 237 -2.83 -7.08 17.84
C THR A 237 -1.89 -5.90 17.66
N LEU A 238 -1.37 -5.73 16.44
CA LEU A 238 -0.48 -4.61 16.17
C LEU A 238 -1.19 -3.28 16.37
N VAL A 239 -2.45 -3.20 15.93
CA VAL A 239 -3.21 -1.97 16.10
C VAL A 239 -3.32 -1.61 17.57
N SER A 240 -3.68 -2.58 18.40
CA SER A 240 -3.84 -2.31 19.83
C SER A 240 -2.54 -1.87 20.47
N LYS A 241 -1.46 -2.63 20.22
CA LYS A 241 -0.18 -2.32 20.86
C LYS A 241 0.33 -0.94 20.43
N PHE A 242 0.35 -0.70 19.12
CA PHE A 242 0.83 0.59 18.63
C PHE A 242 -0.07 1.73 19.08
N GLU A 243 -1.38 1.51 19.15
CA GLU A 243 -2.28 2.56 19.61
C GLU A 243 -1.97 2.94 21.05
N THR A 244 -1.77 1.94 21.92
CA THR A 244 -1.44 2.24 23.31
C THR A 244 -0.13 3.02 23.40
N HIS A 245 0.92 2.53 22.73
CA HIS A 245 2.22 3.19 22.83
C HIS A 245 2.19 4.59 22.24
N MET A 246 1.55 4.75 21.08
CA MET A 246 1.48 6.06 20.44
C MET A 246 0.68 7.04 21.27
N LYS A 247 -0.44 6.60 21.86
CA LYS A 247 -1.21 7.50 22.71
C LYS A 247 -0.40 7.93 23.92
N ARG A 248 0.33 7.00 24.54
CA ARG A 248 1.17 7.37 25.68
C ARG A 248 2.23 8.38 25.29
N GLU A 249 2.91 8.13 24.15
CA GLU A 249 3.96 9.03 23.71
C GLU A 249 3.41 10.41 23.36
N LEU A 250 2.26 10.45 22.69
CA LEU A 250 1.66 11.74 22.33
C LEU A 250 1.24 12.51 23.58
N GLN A 251 0.66 11.82 24.56
CA GLN A 251 0.27 12.49 25.79
C GLN A 251 1.50 13.05 26.51
N LYS A 252 2.59 12.28 26.53
CA LYS A 252 3.82 12.76 27.16
C LYS A 252 4.39 13.97 26.42
N ALA A 253 4.39 13.94 25.09
CA ALA A 253 5.03 14.97 24.30
C ALA A 253 4.17 16.21 24.08
N ARG A 254 2.86 16.14 24.33
CA ARG A 254 2.02 17.32 24.16
C ARG A 254 2.22 18.33 25.29
N ARG A 255 2.62 17.88 26.47
CA ARG A 255 2.85 18.79 27.59
C ARG A 255 4.03 19.73 27.35
N ALA A 256 5.00 19.32 26.52
CA ALA A 256 6.13 20.18 26.24
C ALA A 256 5.70 21.46 25.52
N LEU A 257 4.83 21.29 24.52
CA LEU A 257 4.36 22.46 23.73
C LEU A 257 3.68 23.44 24.68
N GLN A 258 3.15 22.95 25.80
CA GLN A 258 2.51 23.84 26.78
C GLN A 258 3.57 24.78 27.37
N ARG A 259 4.77 24.26 27.65
CA ARG A 259 5.86 25.09 28.19
C ARG A 259 6.15 26.24 27.22
N ARG A 260 6.10 25.96 25.91
CA ARG A 260 6.34 27.01 24.90
C ARG A 260 5.15 27.97 24.85
N PRO A 306 3.17 17.95 19.72
CA PRO A 306 3.78 17.33 18.55
C PRO A 306 5.15 17.93 18.22
N LYS A 307 6.19 17.48 18.93
CA LYS A 307 7.55 17.95 18.71
C LYS A 307 8.45 16.87 18.15
N SER A 308 8.57 15.73 18.83
CA SER A 308 9.42 14.64 18.36
C SER A 308 8.92 13.35 18.96
N TRP A 309 8.21 12.56 18.16
CA TRP A 309 7.74 11.24 18.57
C TRP A 309 7.57 10.41 17.31
N LEU A 310 6.97 9.23 17.44
CA LEU A 310 6.75 8.24 16.39
C LEU A 310 8.08 7.55 16.07
N MET A 311 9.12 7.78 16.86
CA MET A 311 10.36 7.01 16.76
C MET A 311 10.57 6.27 18.07
N LYS A 312 10.26 6.91 19.21
CA LYS A 312 10.29 6.21 20.48
C LYS A 312 9.16 5.20 20.59
N ALA A 313 7.97 5.56 20.09
CA ALA A 313 6.83 4.65 20.15
C ALA A 313 7.08 3.40 19.30
N LEU A 314 7.61 3.59 18.09
CA LEU A 314 7.91 2.44 17.24
C LEU A 314 8.99 1.57 17.85
N PHE A 315 10.02 2.18 18.44
CA PHE A 315 11.07 1.40 19.10
C PHE A 315 10.52 0.64 20.30
N LYS A 316 9.66 1.28 21.09
CA LYS A 316 9.13 0.64 22.29
C LYS A 316 8.18 -0.50 21.93
N THR A 317 7.41 -0.33 20.85
CA THR A 317 6.45 -1.37 20.47
C THR A 317 7.17 -2.64 20.02
N PHE A 318 8.19 -2.50 19.18
CA PHE A 318 8.95 -3.63 18.64
C PHE A 318 10.39 -3.49 19.11
N TYR A 319 10.72 -4.15 20.23
CA TYR A 319 12.10 -4.22 20.68
C TYR A 319 12.58 -5.64 20.97
N MET A 320 11.71 -6.65 20.88
CA MET A 320 12.19 -8.02 20.85
C MET A 320 12.84 -8.36 19.52
N VAL A 321 12.20 -7.95 18.41
CA VAL A 321 12.73 -8.27 17.09
C VAL A 321 14.03 -7.53 16.82
N LEU A 322 14.27 -6.40 17.46
CA LEU A 322 15.52 -5.67 17.28
C LEU A 322 16.68 -6.28 18.04
N LEU A 323 16.42 -7.26 18.91
CA LEU A 323 17.47 -7.91 19.69
C LEU A 323 17.98 -9.20 19.05
N LYS A 324 17.08 -10.02 18.52
CA LYS A 324 17.51 -11.27 17.88
C LYS A 324 18.35 -10.99 16.64
N SER A 325 17.95 -10.01 15.83
CA SER A 325 18.73 -9.65 14.66
C SER A 325 20.09 -9.10 15.06
N PHE A 326 20.13 -8.28 16.12
CA PHE A 326 21.41 -7.78 16.61
C PHE A 326 22.31 -8.90 17.07
N LEU A 327 21.75 -9.91 17.75
CA LEU A 327 22.54 -11.05 18.18
C LEU A 327 23.05 -11.85 16.99
N LEU A 328 22.22 -12.01 15.95
CA LEU A 328 22.62 -12.78 14.79
C LEU A 328 23.69 -12.08 13.97
N LYS A 329 23.66 -10.73 13.94
CA LYS A 329 24.63 -9.99 13.16
C LYS A 329 26.05 -10.21 13.66
N LEU A 330 26.24 -10.24 14.98
CA LEU A 330 27.56 -10.46 15.54
C LEU A 330 28.10 -11.83 15.16
N VAL A 331 27.26 -12.87 15.23
CA VAL A 331 27.68 -14.21 14.85
C VAL A 331 28.05 -14.26 13.38
N ASN A 332 27.24 -13.61 12.53
CA ASN A 332 27.53 -13.60 11.09
C ASN A 332 28.87 -12.94 10.83
N ASP A 333 29.13 -11.80 11.49
CA ASP A 333 30.40 -11.10 11.30
C ASP A 333 31.57 -11.94 11.79
N ILE A 334 31.42 -12.59 12.95
CA ILE A 334 32.50 -13.41 13.50
C ILE A 334 32.85 -14.54 12.54
N PHE A 335 31.82 -15.19 12.00
CA PHE A 335 32.06 -16.27 11.02
C PHE A 335 32.66 -15.68 9.74
N THR A 336 32.30 -14.44 9.41
CA THR A 336 32.80 -13.80 8.16
C THR A 336 34.29 -13.50 8.29
N PHE A 337 34.78 -13.29 9.51
CA PHE A 337 36.22 -12.95 9.72
C PHE A 337 37.03 -14.21 9.97
N VAL A 338 36.37 -15.28 10.40
CA VAL A 338 37.10 -16.55 10.71
C VAL A 338 37.35 -17.32 9.41
N SER A 339 36.35 -17.39 8.52
CA SER A 339 36.53 -18.22 7.32
C SER A 339 37.79 -17.91 6.52
N PRO A 340 38.15 -16.65 6.24
CA PRO A 340 39.38 -16.40 5.47
C PRO A 340 40.63 -16.96 6.11
N GLN A 341 40.71 -16.99 7.44
CA GLN A 341 41.86 -17.59 8.10
C GLN A 341 41.95 -19.08 7.79
N LEU A 342 40.81 -19.77 7.80
CA LEU A 342 40.80 -21.19 7.42
C LEU A 342 41.24 -21.37 5.98
N LEU A 343 40.76 -20.51 5.08
CA LEU A 343 41.17 -20.62 3.68
C LEU A 343 42.67 -20.40 3.52
N LYS A 344 43.22 -19.41 4.24
CA LYS A 344 44.65 -19.14 4.17
C LYS A 344 45.46 -20.31 4.71
N LEU A 345 45.02 -20.91 5.82
CA LEU A 345 45.73 -22.06 6.36
C LEU A 345 45.70 -23.23 5.39
N LEU A 346 44.53 -23.46 4.74
CA LEU A 346 44.44 -24.55 3.78
C LEU A 346 45.37 -24.30 2.59
N ILE A 347 45.43 -23.06 2.12
CA ILE A 347 46.29 -22.75 0.93
C ILE A 347 47.75 -22.87 1.35
N SER A 348 48.06 -22.59 2.62
CA SER A 348 49.42 -22.74 3.10
C SER A 348 49.79 -24.20 3.36
N PHE A 349 48.80 -25.08 3.51
CA PHE A 349 49.10 -26.49 3.69
C PHE A 349 49.83 -27.08 2.48
N ALA A 350 49.38 -26.72 1.27
CA ALA A 350 49.95 -27.28 0.06
C ALA A 350 51.34 -26.73 -0.26
N SER A 351 51.79 -25.71 0.47
CA SER A 351 53.11 -25.15 0.20
C SER A 351 54.21 -26.17 0.45
N ASP A 352 54.09 -26.95 1.53
CA ASP A 352 55.07 -27.95 1.89
C ASP A 352 54.52 -29.34 1.63
N ARG A 353 55.37 -30.22 1.10
CA ARG A 353 54.97 -31.58 0.77
C ARG A 353 55.29 -32.58 1.87
N ASP A 354 55.81 -32.12 3.01
CA ASP A 354 56.15 -33.00 4.12
C ASP A 354 55.10 -33.00 5.22
N THR A 355 53.93 -32.39 4.97
CA THR A 355 52.87 -32.32 5.96
C THR A 355 52.15 -33.67 6.07
N TYR A 356 51.16 -33.72 6.95
CA TYR A 356 50.44 -34.96 7.23
C TYR A 356 49.32 -35.15 6.21
N LEU A 357 48.46 -36.14 6.46
CA LEU A 357 47.37 -36.50 5.57
C LEU A 357 46.04 -35.86 5.94
N TRP A 358 45.73 -35.77 7.23
CA TRP A 358 44.40 -35.37 7.68
C TRP A 358 44.21 -33.86 7.77
N ILE A 359 45.27 -33.07 7.61
CA ILE A 359 45.15 -31.61 7.77
C ILE A 359 44.22 -31.04 6.70
N GLY A 360 44.40 -31.45 5.45
CA GLY A 360 43.57 -30.92 4.38
C GLY A 360 42.11 -31.31 4.53
N TYR A 361 41.85 -32.55 4.90
CA TYR A 361 40.47 -33.00 5.08
C TYR A 361 39.81 -32.27 6.25
N LEU A 362 40.54 -32.08 7.35
CA LEU A 362 40.00 -31.34 8.48
C LEU A 362 39.69 -29.90 8.09
N CYS A 363 40.59 -29.27 7.32
CA CYS A 363 40.35 -27.90 6.88
C CYS A 363 39.12 -27.82 5.99
N ALA A 364 38.97 -28.77 5.07
CA ALA A 364 37.81 -28.76 4.18
C ALA A 364 36.51 -28.94 4.95
N ILE A 365 36.50 -29.86 5.91
CA ILE A 365 35.28 -30.09 6.70
C ILE A 365 34.94 -28.85 7.52
N LEU A 366 35.95 -28.23 8.13
CA LEU A 366 35.72 -27.02 8.91
C LEU A 366 35.17 -25.90 8.03
N LEU A 367 35.74 -25.75 6.82
CA LEU A 367 35.26 -24.71 5.90
C LEU A 367 33.79 -24.96 5.52
N PHE A 368 33.46 -26.21 5.21
CA PHE A 368 32.08 -26.54 4.85
C PHE A 368 31.12 -26.21 5.98
N THR A 369 31.45 -26.64 7.20
CA THR A 369 30.56 -26.39 8.33
C THR A 369 30.41 -24.90 8.62
N ALA A 370 31.52 -24.15 8.57
CA ALA A 370 31.45 -22.72 8.84
C ALA A 370 30.59 -22.02 7.80
N ALA A 371 30.76 -22.38 6.52
CA ALA A 371 29.96 -21.74 5.48
C ALA A 371 28.47 -22.05 5.66
N LEU A 372 28.15 -23.30 6.00
CA LEU A 372 26.74 -23.67 6.20
C LEU A 372 26.13 -22.86 7.34
N ILE A 373 26.84 -22.78 8.48
CA ILE A 373 26.29 -22.07 9.63
C ILE A 373 26.13 -20.59 9.32
N GLN A 374 27.12 -20.00 8.63
CA GLN A 374 27.02 -18.59 8.26
C GLN A 374 25.82 -18.34 7.36
N SER A 375 25.59 -19.22 6.39
CA SER A 375 24.46 -19.06 5.49
C SER A 375 23.14 -19.11 6.26
N PHE A 376 22.98 -20.09 7.14
CA PHE A 376 21.73 -20.22 7.89
C PHE A 376 21.51 -18.99 8.77
N CYS A 377 22.55 -18.52 9.45
CA CYS A 377 22.42 -17.35 10.32
C CYS A 377 22.02 -16.11 9.52
N LEU A 378 22.69 -15.89 8.38
CA LEU A 378 22.40 -14.69 7.57
C LEU A 378 20.95 -14.73 7.10
N GLN A 379 20.52 -15.83 6.49
CA GLN A 379 19.14 -15.95 5.98
C GLN A 379 18.15 -15.62 7.10
N CYS A 380 18.31 -16.24 8.26
CA CYS A 380 17.41 -15.97 9.42
C CYS A 380 17.45 -14.47 9.74
N TYR A 381 18.65 -13.91 9.87
CA TYR A 381 18.80 -12.46 10.20
C TYR A 381 18.02 -11.62 9.18
N PHE A 382 18.19 -11.92 7.88
CA PHE A 382 17.50 -11.14 6.82
C PHE A 382 15.99 -11.27 6.97
N GLN A 383 15.49 -12.50 7.17
CA GLN A 383 14.03 -12.73 7.28
C GLN A 383 13.48 -11.92 8.46
N LEU A 384 14.17 -11.96 9.60
CA LEU A 384 13.74 -11.16 10.78
C LEU A 384 13.59 -9.70 10.37
N CYS A 385 14.63 -9.13 9.76
CA CYS A 385 14.61 -7.69 9.37
C CYS A 385 13.41 -7.43 8.46
N PHE A 386 13.18 -8.31 7.48
CA PHE A 386 12.10 -8.07 6.49
C PHE A 386 10.73 -8.14 7.17
N LYS A 387 10.54 -9.10 8.07
CA LYS A 387 9.20 -9.30 8.70
C LYS A 387 8.86 -8.09 9.57
N LEU A 388 9.80 -7.61 10.38
CA LEU A 388 9.54 -6.39 11.19
C LEU A 388 9.15 -5.26 10.24
N GLY A 389 9.76 -5.21 9.06
CA GLY A 389 9.39 -4.20 8.06
C GLY A 389 7.93 -4.31 7.66
N VAL A 390 7.42 -5.53 7.52
CA VAL A 390 6.02 -5.74 7.15
C VAL A 390 5.10 -5.38 8.32
N LYS A 391 5.48 -5.78 9.53
CA LYS A 391 4.67 -5.47 10.70
C LYS A 391 4.51 -3.96 10.87
N VAL A 392 5.61 -3.23 10.77
CA VAL A 392 5.54 -1.78 10.98
C VAL A 392 4.70 -1.12 9.89
N ARG A 393 4.81 -1.61 8.65
CA ARG A 393 4.01 -1.04 7.57
C ARG A 393 2.52 -1.23 7.82
N THR A 394 2.13 -2.45 8.21
CA THR A 394 0.72 -2.71 8.47
C THR A 394 0.20 -1.87 9.63
N ALA A 395 1.00 -1.75 10.70
CA ALA A 395 0.58 -0.94 11.83
C ALA A 395 0.37 0.52 11.42
N ILE A 396 1.30 1.07 10.63
CA ILE A 396 1.17 2.46 10.21
C ILE A 396 -0.08 2.67 9.38
N MET A 397 -0.33 1.77 8.42
CA MET A 397 -1.51 1.92 7.56
C MET A 397 -2.80 1.89 8.38
N ALA A 398 -2.93 0.90 9.26
CA ALA A 398 -4.16 0.78 10.04
C ALA A 398 -4.34 1.96 10.98
N SER A 399 -3.25 2.44 11.59
CA SER A 399 -3.37 3.59 12.49
C SER A 399 -3.77 4.84 11.72
N VAL A 400 -3.25 5.03 10.51
CA VAL A 400 -3.63 6.19 9.71
C VAL A 400 -5.13 6.14 9.40
N TYR A 401 -5.62 4.98 8.98
CA TYR A 401 -7.05 4.89 8.68
C TYR A 401 -7.90 5.14 9.92
N LYS A 402 -7.50 4.56 11.07
CA LYS A 402 -8.27 4.76 12.28
C LYS A 402 -8.30 6.23 12.70
N LYS A 403 -7.15 6.92 12.56
CA LYS A 403 -7.11 8.34 12.91
C LYS A 403 -7.96 9.18 11.96
N ALA A 404 -8.08 8.77 10.70
CA ALA A 404 -8.81 9.58 9.74
C ALA A 404 -10.28 9.78 10.08
N LEU A 405 -10.83 8.95 10.98
CA LEU A 405 -12.27 9.02 11.27
C LEU A 405 -12.64 10.19 12.17
N THR A 406 -11.73 10.66 13.03
CA THR A 406 -12.11 11.62 14.07
C THR A 406 -11.29 12.89 14.01
N LEU A 407 -11.15 13.48 12.82
CA LEU A 407 -10.42 14.73 12.66
C LEU A 407 -11.39 15.90 12.62
N SER A 408 -11.00 17.01 13.24
CA SER A 408 -11.83 18.19 13.26
C SER A 408 -11.91 18.82 11.87
N ASN A 409 -12.96 19.63 11.66
CA ASN A 409 -13.16 20.25 10.36
C ASN A 409 -12.02 21.19 10.00
N LEU A 410 -11.56 21.99 10.97
CA LEU A 410 -10.46 22.92 10.70
C LEU A 410 -9.16 22.19 10.37
N ALA A 411 -9.01 20.94 10.81
CA ALA A 411 -7.85 20.15 10.46
C ALA A 411 -8.10 19.26 9.24
N ARG A 412 -9.36 18.92 8.95
CA ARG A 412 -9.66 18.16 7.75
C ARG A 412 -9.71 19.02 6.50
N LYS A 413 -9.82 20.34 6.65
CA LYS A 413 -9.76 21.23 5.50
C LYS A 413 -8.39 21.24 4.84
N GLU A 414 -7.36 20.71 5.50
CA GLU A 414 -6.02 20.69 4.95
C GLU A 414 -5.71 19.40 4.20
N TYR A 415 -6.13 18.26 4.75
CA TYR A 415 -5.85 16.96 4.15
C TYR A 415 -7.09 16.46 3.42
N THR A 416 -6.98 16.33 2.10
CA THR A 416 -8.07 15.80 1.29
C THR A 416 -7.89 14.29 1.11
N VAL A 417 -8.67 13.70 0.21
CA VAL A 417 -8.60 12.26 -0.01
C VAL A 417 -7.28 11.89 -0.66
N GLY A 418 -6.89 12.62 -1.72
CA GLY A 418 -5.68 12.28 -2.43
C GLY A 418 -4.42 12.43 -1.60
N GLU A 419 -4.35 13.50 -0.80
CA GLU A 419 -3.18 13.71 0.04
C GLU A 419 -3.03 12.58 1.06
N THR A 420 -4.13 12.19 1.70
CA THR A 420 -4.06 11.10 2.68
C THR A 420 -3.75 9.77 2.02
N VAL A 421 -4.27 9.54 0.81
CA VAL A 421 -3.97 8.31 0.09
C VAL A 421 -2.48 8.23 -0.22
N ASN A 422 -1.85 9.40 -0.39
CA ASN A 422 -0.37 9.40 -0.53
C ASN A 422 0.27 8.88 0.76
N LEU A 423 -0.11 9.41 1.91
CA LEU A 423 0.55 9.04 3.19
C LEU A 423 0.46 7.53 3.46
N MET A 424 -0.57 6.85 2.94
CA MET A 424 -0.74 5.41 3.28
C MET A 424 -0.21 4.55 2.13
N SER A 425 0.49 5.16 1.18
CA SER A 425 1.10 4.37 0.07
C SER A 425 2.60 4.67 -0.01
N VAL A 426 2.98 5.81 -0.58
CA VAL A 426 4.42 6.15 -0.77
C VAL A 426 5.11 6.26 0.59
N ASP A 427 4.62 7.10 1.49
CA ASP A 427 5.34 7.32 2.78
C ASP A 427 5.50 6.01 3.56
N ALA A 428 4.42 5.24 3.73
CA ALA A 428 4.49 4.00 4.52
C ALA A 428 5.45 3.01 3.84
N GLN A 429 5.44 2.95 2.51
CA GLN A 429 6.33 2.02 1.77
C GLN A 429 7.80 2.39 2.03
N LYS A 430 8.09 3.69 2.10
CA LYS A 430 9.48 4.14 2.38
C LYS A 430 9.91 3.61 3.74
N LEU A 431 8.99 3.57 4.71
CA LEU A 431 9.31 3.01 6.05
C LEU A 431 9.50 1.50 5.96
N MET A 432 8.81 0.82 5.04
CA MET A 432 9.10 -0.59 4.91
C MET A 432 10.53 -0.87 4.46
N ASP A 433 11.15 0.04 3.71
CA ASP A 433 12.44 -0.20 3.09
C ASP A 433 13.64 0.19 3.95
N VAL A 434 13.41 0.82 5.11
CA VAL A 434 14.54 1.24 5.94
C VAL A 434 15.00 0.15 6.90
N THR A 435 14.19 -0.90 7.08
CA THR A 435 14.52 -1.95 8.08
C THR A 435 15.68 -2.82 7.61
N ASN A 436 15.85 -3.01 6.29
CA ASN A 436 16.89 -3.94 5.79
C ASN A 436 18.30 -3.34 5.98
N PHE A 437 18.43 -2.01 6.01
CA PHE A 437 19.76 -1.40 6.09
C PHE A 437 19.90 -0.59 7.37
N MET A 438 19.54 -1.19 8.50
CA MET A 438 19.61 -0.52 9.79
C MET A 438 20.78 -0.99 10.64
N HIS A 439 20.94 -2.30 10.83
CA HIS A 439 22.05 -2.81 11.63
C HIS A 439 23.39 -2.71 10.90
N MET A 440 23.36 -2.70 9.57
CA MET A 440 24.60 -2.60 8.83
C MET A 440 25.30 -1.26 9.08
N LEU A 441 24.57 -0.27 9.59
CA LEU A 441 25.26 0.99 9.97
C LEU A 441 26.37 0.64 10.95
N TRP A 442 26.02 0.10 12.12
CA TRP A 442 27.04 -0.25 13.15
C TRP A 442 27.93 -1.40 12.65
N SER A 443 27.35 -2.36 11.93
CA SER A 443 28.13 -3.54 11.47
C SER A 443 29.28 -3.07 10.57
N SER A 444 29.03 -2.04 9.74
CA SER A 444 30.08 -1.52 8.85
C SER A 444 31.27 -1.04 9.69
N VAL A 445 31.00 -0.24 10.73
CA VAL A 445 32.10 0.30 11.57
C VAL A 445 32.87 -0.87 12.18
N LEU A 446 32.16 -1.93 12.63
CA LEU A 446 32.83 -3.08 13.28
C LEU A 446 33.76 -3.75 12.25
N GLN A 447 33.23 -4.11 11.08
CA GLN A 447 34.05 -4.84 10.08
C GLN A 447 35.23 -3.96 9.68
N ILE A 448 35.00 -2.65 9.52
CA ILE A 448 36.11 -1.73 9.13
C ILE A 448 37.20 -1.81 10.20
N VAL A 449 36.85 -1.59 11.46
CA VAL A 449 37.88 -1.57 12.55
C VAL A 449 38.63 -2.90 12.56
N LEU A 450 37.93 -4.03 12.66
CA LEU A 450 38.61 -5.34 12.77
C LEU A 450 39.56 -5.53 11.59
N SER A 451 39.08 -5.27 10.36
CA SER A 451 39.92 -5.47 9.16
C SER A 451 41.17 -4.60 9.26
N ILE A 452 41.00 -3.33 9.67
CA ILE A 452 42.17 -2.41 9.81
C ILE A 452 43.20 -3.05 10.74
N PHE A 453 42.75 -3.77 11.79
CA PHE A 453 43.70 -4.33 12.77
C PHE A 453 44.63 -5.33 12.08
N PHE A 454 44.08 -6.18 11.21
CA PHE A 454 44.90 -7.21 10.51
C PHE A 454 45.99 -6.51 9.68
N LEU A 455 45.64 -5.37 9.08
CA LEU A 455 46.64 -4.61 8.28
C LEU A 455 47.80 -4.22 9.20
N TRP A 456 47.48 -3.67 10.38
CA TRP A 456 48.54 -3.20 11.31
C TRP A 456 49.40 -4.40 11.70
N ARG A 457 48.79 -5.57 11.87
CA ARG A 457 49.58 -6.79 12.22
C ARG A 457 50.63 -7.04 11.13
N GLU A 458 50.20 -7.12 9.87
CA GLU A 458 51.14 -7.42 8.75
C GLU A 458 52.12 -6.26 8.58
N LEU A 459 51.61 -5.05 8.34
CA LEU A 459 52.49 -3.88 8.12
C LEU A 459 52.72 -3.17 9.46
N GLY A 460 52.54 -1.84 9.48
CA GLY A 460 52.78 -1.07 10.73
C GLY A 460 51.94 0.19 10.75
N PRO A 461 52.41 1.28 11.39
CA PRO A 461 51.62 2.52 11.50
C PRO A 461 51.32 3.12 10.12
N SER A 462 51.94 2.61 9.06
CA SER A 462 51.67 3.10 7.69
C SER A 462 50.19 2.93 7.34
N VAL A 463 49.63 1.75 7.62
CA VAL A 463 48.19 1.50 7.34
C VAL A 463 47.36 2.47 8.21
N LEU A 464 47.83 2.76 9.42
CA LEU A 464 47.06 3.63 10.34
C LEU A 464 46.76 4.97 9.66
N ALA A 465 47.77 5.58 9.02
CA ALA A 465 47.57 6.92 8.41
C ALA A 465 46.28 6.92 7.57
N GLY A 466 45.84 5.74 7.12
CA GLY A 466 44.63 5.64 6.27
C GLY A 466 43.43 6.29 6.92
N VAL A 467 43.39 6.32 8.26
CA VAL A 467 42.21 6.91 8.98
C VAL A 467 42.06 8.37 8.59
N GLY A 468 43.17 9.07 8.28
CA GLY A 468 43.08 10.47 7.84
C GLY A 468 42.14 10.60 6.64
N VAL A 469 42.28 9.71 5.66
CA VAL A 469 41.39 9.73 4.46
C VAL A 469 39.96 9.47 4.95
N MET A 470 39.80 8.51 5.87
CA MET A 470 38.46 8.19 6.42
C MET A 470 37.87 9.44 7.09
N VAL A 471 38.70 10.20 7.81
CA VAL A 471 38.23 11.45 8.46
C VAL A 471 37.68 12.39 7.39
N LEU A 472 38.37 12.48 6.25
CA LEU A 472 37.92 13.36 5.14
C LEU A 472 36.57 12.86 4.60
N VAL A 473 36.44 11.56 4.39
CA VAL A 473 35.17 10.98 3.82
C VAL A 473 33.98 11.55 4.61
N ILE A 474 34.21 12.03 5.83
CA ILE A 474 33.06 12.47 6.69
C ILE A 474 32.45 13.80 6.19
N PRO A 475 33.06 15.00 6.36
CA PRO A 475 32.40 16.28 6.00
C PRO A 475 31.77 16.27 4.60
N ILE A 476 32.42 15.62 3.64
CA ILE A 476 31.89 15.55 2.25
C ILE A 476 30.49 14.92 2.30
N ASN A 477 30.38 13.73 2.90
CA ASN A 477 29.04 13.10 3.04
C ASN A 477 28.12 14.11 3.76
N ALA A 478 28.64 14.79 4.78
CA ALA A 478 27.80 15.74 5.55
C ALA A 478 27.25 16.82 4.62
N ILE A 479 28.13 17.49 3.85
CA ILE A 479 27.66 18.61 2.98
C ILE A 479 26.71 18.05 1.92
N LEU A 480 27.05 16.91 1.31
CA LEU A 480 26.19 16.35 0.24
C LEU A 480 24.83 15.99 0.81
N SER A 481 24.80 15.33 1.97
CA SER A 481 23.52 14.90 2.57
C SER A 481 22.66 16.11 2.97
N THR A 482 23.22 17.06 3.71
CA THR A 482 22.41 18.21 4.19
C THR A 482 21.81 18.92 2.98
N LYS A 483 22.54 18.95 1.87
CA LYS A 483 22.04 19.60 0.66
C LYS A 483 20.96 18.80 -0.04
N SER A 484 21.00 17.47 0.04
CA SER A 484 20.03 16.63 -0.65
C SER A 484 18.79 16.34 0.18
N LYS A 485 18.77 16.69 1.47
CA LYS A 485 17.59 16.40 2.27
C LYS A 485 16.37 17.20 1.82
N THR A 486 16.54 18.50 1.56
CA THR A 486 15.40 19.36 1.27
C THR A 486 14.75 19.03 -0.07
N ILE A 487 15.53 18.47 -0.99
CA ILE A 487 15.00 18.11 -2.30
C ILE A 487 13.91 17.06 -2.16
N GLN A 488 14.08 16.11 -1.23
CA GLN A 488 13.05 15.11 -0.99
C GLN A 488 11.76 15.74 -0.47
N VAL A 489 11.89 16.74 0.41
CA VAL A 489 10.70 17.43 0.93
C VAL A 489 9.96 18.14 -0.20
N LYS A 490 10.70 18.84 -1.07
CA LYS A 490 10.08 19.51 -2.19
C LYS A 490 9.38 18.51 -3.12
N ASN A 491 10.04 17.37 -3.38
CA ASN A 491 9.44 16.35 -4.21
C ASN A 491 8.15 15.81 -3.60
N MET A 492 8.18 15.60 -2.29
CA MET A 492 6.98 15.08 -1.57
C MET A 492 5.83 16.09 -1.68
N LYS A 493 6.11 17.38 -1.53
CA LYS A 493 5.06 18.39 -1.63
C LYS A 493 4.49 18.43 -3.04
N ASN A 494 5.34 18.37 -4.06
CA ASN A 494 4.85 18.40 -5.44
C ASN A 494 4.01 17.17 -5.76
N LYS A 495 4.43 16.01 -5.25
CA LYS A 495 3.63 14.80 -5.44
C LYS A 495 2.26 14.93 -4.78
N ASP A 496 2.22 15.52 -3.59
CA ASP A 496 0.95 15.75 -2.90
C ASP A 496 0.04 16.62 -3.76
N LYS A 497 0.58 17.71 -4.30
CA LYS A 497 -0.24 18.60 -5.13
C LYS A 497 -0.76 17.86 -6.36
N ARG A 498 0.11 17.10 -7.04
CA ARG A 498 -0.30 16.40 -8.25
C ARG A 498 -1.42 15.42 -7.96
N LEU A 499 -1.29 14.64 -6.88
CA LEU A 499 -2.33 13.67 -6.56
C LEU A 499 -3.62 14.34 -6.13
N LYS A 500 -3.53 15.48 -5.43
CA LYS A 500 -4.73 16.22 -5.05
C LYS A 500 -5.49 16.68 -6.29
N ILE A 501 -4.78 17.14 -7.31
CA ILE A 501 -5.46 17.51 -8.56
C ILE A 501 -6.05 16.29 -9.26
N MET A 502 -5.28 15.19 -9.30
CA MET A 502 -5.71 14.02 -10.05
C MET A 502 -6.98 13.41 -9.48
N ASN A 503 -7.09 13.33 -8.15
CA ASN A 503 -8.27 12.72 -7.55
C ASN A 503 -9.53 13.49 -7.92
N GLU A 504 -9.48 14.82 -7.84
CA GLU A 504 -10.66 15.61 -8.15
C GLU A 504 -10.97 15.53 -9.64
N ILE A 505 -9.94 15.45 -10.49
CA ILE A 505 -10.20 15.27 -11.92
C ILE A 505 -10.96 13.97 -12.16
N LEU A 506 -10.51 12.89 -11.53
CA LEU A 506 -11.18 11.60 -11.71
C LEU A 506 -12.59 11.62 -11.14
N SER A 507 -12.84 12.44 -10.12
CA SER A 507 -14.18 12.54 -9.56
C SER A 507 -15.10 13.36 -10.46
N GLY A 508 -14.62 14.46 -11.02
CA GLY A 508 -15.55 15.31 -11.79
C GLY A 508 -15.35 15.11 -13.29
N ILE A 509 -15.81 13.99 -13.85
CA ILE A 509 -15.52 13.74 -15.28
C ILE A 509 -16.68 14.24 -16.14
N LYS A 510 -17.92 14.16 -15.66
CA LYS A 510 -19.06 14.55 -16.53
C LYS A 510 -18.99 16.05 -16.82
N ILE A 511 -18.72 16.86 -15.80
CA ILE A 511 -18.70 18.35 -16.00
C ILE A 511 -17.52 18.72 -16.89
N LEU A 512 -16.38 18.04 -16.75
CA LEU A 512 -15.23 18.33 -17.65
C LEU A 512 -15.68 18.09 -19.10
N LYS A 513 -16.37 16.99 -19.37
CA LYS A 513 -16.79 16.65 -20.76
C LYS A 513 -17.88 17.62 -21.23
N TYR A 514 -18.89 17.88 -20.39
CA TYR A 514 -19.99 18.81 -20.76
C TYR A 514 -19.39 20.17 -21.08
N PHE A 515 -18.27 20.53 -20.44
CA PHE A 515 -17.70 21.88 -20.63
C PHE A 515 -16.44 21.83 -21.49
N ALA A 516 -15.90 20.63 -21.78
CA ALA A 516 -14.76 20.61 -22.73
C ALA A 516 -13.56 21.30 -22.07
N TRP A 517 -13.23 20.92 -20.83
CA TRP A 517 -12.13 21.55 -20.11
C TRP A 517 -10.92 20.64 -19.99
N GLU A 518 -10.88 19.60 -20.83
CA GLU A 518 -9.79 18.60 -20.72
C GLU A 518 -8.41 19.25 -20.90
N PRO A 519 -8.11 20.00 -21.98
CA PRO A 519 -6.73 20.47 -22.22
C PRO A 519 -6.17 21.32 -21.09
N SER A 520 -6.99 22.16 -20.45
CA SER A 520 -6.50 23.02 -19.38
C SER A 520 -5.99 22.19 -18.21
N PHE A 521 -6.78 21.19 -17.78
CA PHE A 521 -6.36 20.35 -16.68
C PHE A 521 -5.19 19.46 -17.06
N ARG A 522 -5.13 19.03 -18.33
CA ARG A 522 -3.98 18.28 -18.80
C ARG A 522 -2.70 19.09 -18.67
N ASP A 523 -2.74 20.36 -19.09
CA ASP A 523 -1.58 21.23 -18.94
C ASP A 523 -1.25 21.47 -17.47
N GLN A 524 -2.29 21.63 -16.64
CA GLN A 524 -2.06 21.86 -15.21
C GLN A 524 -1.32 20.68 -14.58
N VAL A 525 -1.70 19.45 -14.94
CA VAL A 525 -1.01 18.28 -14.40
C VAL A 525 0.39 18.18 -14.98
N GLN A 526 0.55 18.51 -16.27
CA GLN A 526 1.87 18.41 -16.89
C GLN A 526 2.88 19.35 -16.24
N ASN A 527 2.45 20.55 -15.87
CA ASN A 527 3.36 21.49 -15.23
C ASN A 527 3.87 20.95 -13.90
N LEU A 528 2.98 20.39 -13.08
CA LEU A 528 3.40 19.82 -11.80
C LEU A 528 4.31 18.62 -12.01
N ARG A 529 4.03 17.79 -13.02
CA ARG A 529 4.91 16.67 -13.32
C ARG A 529 6.31 17.17 -13.70
N LYS A 530 6.37 18.24 -14.50
CA LYS A 530 7.67 18.81 -14.86
C LYS A 530 8.43 19.29 -13.64
N LYS A 531 7.74 19.99 -12.73
CA LYS A 531 8.40 20.46 -11.51
C LYS A 531 8.92 19.29 -10.68
N GLU A 532 8.11 18.25 -10.53
CA GLU A 532 8.53 17.09 -9.73
C GLU A 532 9.73 16.41 -10.33
N LEU A 533 9.75 16.25 -11.66
CA LEU A 533 10.89 15.61 -12.30
C LEU A 533 12.15 16.46 -12.20
N LYS A 534 12.00 17.79 -12.33
CA LYS A 534 13.14 18.68 -12.13
C LYS A 534 13.71 18.53 -10.73
N ASN A 535 12.83 18.37 -9.73
CA ASN A 535 13.31 18.14 -8.37
C ASN A 535 14.03 16.79 -8.24
N LEU A 536 13.48 15.74 -8.87
CA LEU A 536 14.07 14.41 -8.73
C LEU A 536 15.43 14.31 -9.40
N LEU A 537 15.64 15.06 -10.48
CA LEU A 537 16.91 14.97 -11.20
C LEU A 537 18.10 15.34 -10.31
N ALA A 538 17.97 16.41 -9.53
CA ALA A 538 19.07 16.85 -8.69
C ALA A 538 19.41 15.81 -7.62
N PHE A 539 18.37 15.19 -7.04
CA PHE A 539 18.61 14.12 -6.08
C PHE A 539 19.35 12.96 -6.72
N SER A 540 18.98 12.61 -7.96
CA SER A 540 19.69 11.55 -8.65
C SER A 540 21.16 11.91 -8.87
N GLN A 541 21.43 13.15 -9.26
CA GLN A 541 22.81 13.57 -9.49
C GLN A 541 23.62 13.50 -8.19
N LEU A 542 23.04 13.95 -7.07
CA LEU A 542 23.76 13.91 -5.81
C LEU A 542 24.02 12.47 -5.37
N GLN A 543 23.07 11.57 -5.61
CA GLN A 543 23.30 10.16 -5.32
C GLN A 543 24.46 9.62 -6.16
N CYS A 544 24.52 10.01 -7.44
CA CYS A 544 25.62 9.58 -8.29
C CYS A 544 26.96 10.08 -7.75
N VAL A 545 27.00 11.33 -7.29
CA VAL A 545 28.24 11.89 -6.74
C VAL A 545 28.66 11.12 -5.49
N VAL A 546 27.70 10.81 -4.61
CA VAL A 546 28.01 10.06 -3.40
C VAL A 546 28.56 8.69 -3.75
N ILE A 547 27.95 8.01 -4.73
CA ILE A 547 28.42 6.70 -5.16
C ILE A 547 29.84 6.80 -5.70
N PHE A 548 30.12 7.84 -6.48
CA PHE A 548 31.45 8.02 -7.03
C PHE A 548 32.49 8.19 -5.92
N VAL A 549 32.17 9.01 -4.92
CA VAL A 549 33.12 9.24 -3.83
C VAL A 549 33.37 7.95 -3.06
N PHE A 550 32.28 7.23 -2.75
CA PHE A 550 32.40 5.98 -1.97
C PHE A 550 33.25 4.96 -2.75
N GLN A 551 33.05 4.88 -4.07
CA GLN A 551 33.82 3.92 -4.86
C GLN A 551 35.27 4.35 -5.02
N LEU A 552 35.54 5.65 -5.09
CA LEU A 552 36.89 6.13 -5.33
C LEU A 552 37.77 6.05 -4.09
N THR A 553 37.20 6.28 -2.91
CA THR A 553 38.03 6.39 -1.70
C THR A 553 38.90 5.16 -1.42
N PRO A 554 38.37 3.92 -1.42
CA PRO A 554 39.22 2.79 -1.02
C PRO A 554 40.44 2.57 -1.89
N VAL A 555 40.36 2.87 -3.18
CA VAL A 555 41.52 2.67 -4.06
C VAL A 555 42.65 3.61 -3.66
N LEU A 556 42.33 4.88 -3.42
CA LEU A 556 43.37 5.82 -2.99
C LEU A 556 43.87 5.48 -1.60
N VAL A 557 43.00 4.94 -0.73
CA VAL A 557 43.46 4.51 0.59
C VAL A 557 44.49 3.40 0.45
N SER A 558 44.20 2.41 -0.40
CA SER A 558 45.15 1.32 -0.63
C SER A 558 46.44 1.83 -1.24
N VAL A 559 46.34 2.82 -2.14
CA VAL A 559 47.54 3.37 -2.76
C VAL A 559 48.42 4.05 -1.72
N VAL A 560 47.83 4.93 -0.91
CA VAL A 560 48.59 5.65 0.10
C VAL A 560 49.02 4.77 1.26
N THR A 561 48.50 3.55 1.32
CA THR A 561 48.94 2.60 2.38
C THR A 561 50.42 2.30 2.18
N PHE A 562 50.83 2.07 0.92
CA PHE A 562 52.22 1.77 0.61
C PHE A 562 52.95 2.91 -0.09
N SER A 563 52.23 3.99 -0.40
CA SER A 563 52.88 5.17 -1.02
C SER A 563 54.14 5.53 -0.23
N VAL A 564 54.03 5.52 1.11
CA VAL A 564 55.17 5.92 1.98
C VAL A 564 56.25 4.84 1.93
N TYR A 565 57.10 4.86 0.90
CA TYR A 565 58.21 3.88 0.82
C TYR A 565 59.09 4.02 2.07
N VAL A 566 59.34 5.25 2.50
CA VAL A 566 60.23 5.49 3.68
C VAL A 566 59.88 4.49 4.78
N LEU A 567 58.58 4.30 5.07
CA LEU A 567 58.16 3.39 6.17
C LEU A 567 58.78 2.00 5.96
N VAL A 568 59.49 1.48 6.96
CA VAL A 568 60.09 0.12 6.88
C VAL A 568 60.94 0.01 5.61
N THR A 581 46.95 -12.04 -0.13
CA THR A 581 46.00 -12.06 1.01
C THR A 581 45.68 -10.63 1.44
N SER A 582 46.68 -9.73 1.39
CA SER A 582 46.44 -8.31 1.72
C SER A 582 45.37 -7.74 0.79
N ILE A 583 45.59 -7.88 -0.52
CA ILE A 583 44.60 -7.40 -1.52
C ILE A 583 43.27 -8.13 -1.30
N THR A 584 43.33 -9.42 -0.97
CA THR A 584 42.09 -10.21 -0.73
C THR A 584 41.26 -9.53 0.35
N LEU A 585 41.87 -9.21 1.50
CA LEU A 585 41.13 -8.57 2.61
C LEU A 585 40.69 -7.17 2.19
N PHE A 586 41.56 -6.43 1.49
CA PHE A 586 41.17 -5.09 0.99
C PHE A 586 39.88 -5.24 0.19
N ASN A 587 39.85 -6.22 -0.71
CA ASN A 587 38.63 -6.47 -1.52
C ASN A 587 37.48 -6.82 -0.58
N ILE A 588 37.72 -7.73 0.36
CA ILE A 588 36.67 -8.06 1.38
C ILE A 588 36.26 -6.75 2.06
N LEU A 589 37.23 -5.94 2.48
CA LEU A 589 36.86 -4.72 3.21
C LEU A 589 36.05 -3.77 2.35
N ARG A 590 36.23 -3.82 1.02
CA ARG A 590 35.48 -2.93 0.15
C ARG A 590 34.02 -3.34 0.02
N PHE A 591 33.68 -4.57 0.39
CA PHE A 591 32.28 -5.00 0.30
C PHE A 591 31.37 -4.24 1.26
N PRO A 592 31.70 -4.05 2.55
CA PRO A 592 30.84 -3.24 3.41
C PRO A 592 30.98 -1.74 3.20
N LEU A 593 31.85 -1.32 2.28
CA LEU A 593 32.04 0.12 2.00
C LEU A 593 31.59 0.45 0.57
N SER A 594 30.71 -0.37 0.00
CA SER A 594 30.19 -0.13 -1.34
C SER A 594 28.69 0.11 -1.40
N MET A 595 27.93 -0.44 -0.45
CA MET A 595 26.47 -0.30 -0.43
C MET A 595 25.99 0.75 0.56
N LEU A 596 26.91 1.54 1.13
CA LEU A 596 26.51 2.63 2.03
C LEU A 596 25.63 3.69 1.37
N PRO A 597 25.85 4.10 0.12
CA PRO A 597 24.92 5.08 -0.48
C PRO A 597 23.47 4.63 -0.47
N MET A 598 23.21 3.33 -0.64
CA MET A 598 21.85 2.82 -0.50
C MET A 598 21.33 3.09 0.90
N MET A 599 22.17 2.88 1.92
CA MET A 599 21.80 3.20 3.29
C MET A 599 21.45 4.67 3.44
N ILE A 600 22.28 5.56 2.87
CA ILE A 600 22.08 6.98 3.03
C ILE A 600 20.75 7.42 2.40
N SER A 601 20.50 6.95 1.17
CA SER A 601 19.24 7.27 0.52
C SER A 601 18.05 6.74 1.31
N SER A 602 18.17 5.50 1.81
CA SER A 602 17.07 4.88 2.54
C SER A 602 16.72 5.69 3.77
N MET A 603 17.71 6.03 4.59
CA MET A 603 17.38 6.81 5.79
C MET A 603 16.99 8.25 5.50
N LEU A 604 17.51 8.89 4.45
CA LEU A 604 17.00 10.22 4.15
C LEU A 604 15.51 10.17 3.80
N GLN A 605 15.12 9.25 2.91
CA GLN A 605 13.72 9.12 2.55
C GLN A 605 12.87 8.74 3.76
N ALA A 606 13.36 7.82 4.59
CA ALA A 606 12.60 7.38 5.76
C ALA A 606 12.44 8.51 6.77
N SER A 607 13.47 9.34 6.95
CA SER A 607 13.38 10.44 7.89
C SER A 607 12.34 11.47 7.43
N VAL A 608 12.36 11.81 6.14
CA VAL A 608 11.36 12.75 5.62
C VAL A 608 9.96 12.17 5.78
N SER A 609 9.78 10.91 5.39
CA SER A 609 8.45 10.26 5.57
C SER A 609 8.04 10.34 7.04
N THR A 610 8.90 9.90 7.95
CA THR A 610 8.52 9.87 9.35
C THR A 610 8.13 11.26 9.85
N GLU A 611 8.85 12.29 9.41
CA GLU A 611 8.49 13.65 9.78
C GLU A 611 7.08 13.98 9.32
N ARG A 612 6.75 13.68 8.06
CA ARG A 612 5.41 14.06 7.50
C ARG A 612 4.28 13.26 8.15
N LEU A 613 4.49 11.99 8.45
CA LEU A 613 3.46 11.21 9.18
C LEU A 613 3.33 11.78 10.59
N GLU A 614 4.44 11.92 11.33
CA GLU A 614 4.30 12.44 12.68
C GLU A 614 3.52 13.74 12.70
N LYS A 615 3.76 14.60 11.70
CA LYS A 615 2.98 15.84 11.61
C LYS A 615 1.50 15.54 11.39
N TYR A 616 1.19 14.55 10.56
CA TYR A 616 -0.22 14.24 10.28
C TYR A 616 -0.90 13.65 11.51
N LEU A 617 -0.27 12.66 12.15
CA LEU A 617 -0.94 11.92 13.21
C LEU A 617 -1.15 12.74 14.49
N GLY A 618 -0.53 13.91 14.59
CA GLY A 618 -0.69 14.75 15.76
C GLY A 618 -1.76 15.81 15.60
N GLY A 619 -2.67 15.61 14.65
CA GLY A 619 -3.68 16.61 14.38
C GLY A 619 -4.69 16.76 15.49
N ASP A 620 -5.38 17.88 15.47
CA ASP A 620 -6.35 18.20 16.51
C ASP A 620 -7.59 17.33 16.37
N ASP A 621 -8.16 16.94 17.51
CA ASP A 621 -9.41 16.19 17.54
C ASP A 621 -10.58 17.17 17.51
N LEU A 622 -11.79 16.66 17.74
CA LEU A 622 -12.98 17.50 17.80
C LEU A 622 -13.56 17.45 19.21
N ASP A 623 -13.80 18.62 19.79
CA ASP A 623 -14.35 18.70 21.13
C ASP A 623 -15.80 18.25 21.15
N THR A 624 -16.16 17.48 22.17
CA THR A 624 -17.53 16.98 22.32
C THR A 624 -18.19 17.41 23.62
N SER A 625 -17.53 18.23 24.44
CA SER A 625 -18.08 18.63 25.72
C SER A 625 -19.06 19.79 25.56
N ALA A 626 -19.95 19.69 24.59
CA ALA A 626 -21.02 20.67 24.40
C ALA A 626 -22.39 20.07 24.17
N ILE A 627 -22.48 18.82 23.75
CA ILE A 627 -23.76 18.15 23.49
C ILE A 627 -23.93 17.10 24.57
N ARG A 628 -24.70 17.44 25.61
CA ARG A 628 -24.92 16.54 26.73
C ARG A 628 -26.03 15.54 26.36
N HIS A 629 -25.71 14.25 26.44
CA HIS A 629 -26.66 13.19 26.12
C HIS A 629 -27.31 12.73 27.42
N ASP A 630 -28.36 13.45 27.85
CA ASP A 630 -29.05 13.09 29.11
C ASP A 630 -30.30 12.27 28.79
N CYS A 631 -30.26 10.95 29.06
CA CYS A 631 -31.43 10.07 28.79
C CYS A 631 -32.60 10.53 29.65
N ASN A 632 -32.30 11.05 30.85
CA ASN A 632 -33.38 11.54 31.77
C ASN A 632 -33.63 13.02 31.48
N PHE A 633 -34.27 13.32 30.35
CA PHE A 633 -34.60 14.73 30.00
C PHE A 633 -36.12 14.88 29.92
N ASP A 634 -36.66 16.00 30.40
CA ASP A 634 -38.14 16.21 30.42
C ASP A 634 -38.69 16.13 28.99
N LYS A 635 -37.99 16.72 28.02
CA LYS A 635 -38.49 16.74 26.62
C LYS A 635 -37.53 15.95 25.73
N ALA A 636 -37.01 16.59 24.68
CA ALA A 636 -36.08 15.92 23.79
C ALA A 636 -35.06 16.86 23.15
N MET A 637 -35.16 18.16 23.43
CA MET A 637 -34.26 19.14 22.82
C MET A 637 -34.28 20.45 23.60
N GLN A 638 -33.11 21.00 23.89
CA GLN A 638 -33.01 22.24 24.66
C GLN A 638 -31.80 23.03 24.18
N PHE A 639 -31.99 24.33 23.99
CA PHE A 639 -30.93 25.22 23.54
C PHE A 639 -30.81 26.36 24.53
N SER A 640 -29.69 26.39 25.26
CA SER A 640 -29.45 27.42 26.28
C SER A 640 -28.52 28.48 25.69
N GLU A 641 -29.08 29.32 24.81
CA GLU A 641 -28.36 30.42 24.20
C GLU A 641 -27.06 29.95 23.54
N ALA A 642 -27.18 28.93 22.68
CA ALA A 642 -26.01 28.35 22.05
C ALA A 642 -25.41 29.30 21.02
N SER A 643 -24.12 29.09 20.73
CA SER A 643 -23.43 29.88 19.72
C SER A 643 -22.22 29.06 19.25
N PHE A 644 -22.25 28.63 17.99
CA PHE A 644 -21.22 27.76 17.43
C PHE A 644 -20.63 28.42 16.19
N THR A 645 -19.40 28.01 15.85
CA THR A 645 -18.71 28.56 14.70
C THR A 645 -18.11 27.43 13.87
N TRP A 646 -18.13 27.60 12.54
CA TRP A 646 -17.56 26.59 11.66
C TRP A 646 -16.04 26.60 11.73
N GLU A 647 -15.43 27.77 11.67
CA GLU A 647 -13.98 27.89 11.75
C GLU A 647 -13.54 27.83 13.21
N HIS A 648 -12.27 28.13 13.46
CA HIS A 648 -11.75 28.05 14.83
C HIS A 648 -12.26 29.20 15.67
N ASP A 649 -11.99 30.44 15.25
CA ASP A 649 -12.38 31.62 16.01
C ASP A 649 -12.95 32.71 15.11
N SER A 650 -13.60 32.32 14.01
CA SER A 650 -14.21 33.29 13.11
C SER A 650 -15.58 33.70 13.63
N GLU A 651 -16.35 34.39 12.80
CA GLU A 651 -17.69 34.81 13.20
C GLU A 651 -18.58 33.61 13.43
N ALA A 652 -19.44 33.71 14.44
CA ALA A 652 -20.33 32.62 14.79
C ALA A 652 -21.44 32.49 13.75
N THR A 653 -21.50 31.33 13.08
CA THR A 653 -22.53 31.11 12.08
C THR A 653 -23.92 31.11 12.71
N VAL A 654 -24.06 30.48 13.87
CA VAL A 654 -25.31 30.45 14.61
C VAL A 654 -25.09 31.20 15.92
N ARG A 655 -25.92 32.21 16.18
CA ARG A 655 -25.74 33.10 17.32
C ARG A 655 -27.02 33.20 18.12
N ASP A 656 -26.92 32.95 19.42
CA ASP A 656 -27.99 33.21 20.39
C ASP A 656 -29.30 32.52 19.98
N VAL A 657 -29.24 31.18 19.96
CA VAL A 657 -30.39 30.35 19.62
C VAL A 657 -30.91 29.69 20.89
N ASN A 658 -32.21 29.78 21.13
CA ASN A 658 -32.84 29.18 22.30
C ASN A 658 -34.22 28.68 21.91
N LEU A 659 -34.40 27.36 21.96
CA LEU A 659 -35.69 26.75 21.64
C LEU A 659 -35.75 25.37 22.28
N ASP A 660 -36.97 24.86 22.41
CA ASP A 660 -37.19 23.54 22.97
C ASP A 660 -38.44 22.94 22.34
N ILE A 661 -38.36 21.66 21.97
CA ILE A 661 -39.46 20.95 21.33
C ILE A 661 -39.68 19.64 22.07
N MET A 662 -40.94 19.36 22.42
CA MET A 662 -41.28 18.14 23.12
C MET A 662 -41.25 16.95 22.16
N ALA A 663 -41.24 15.75 22.74
CA ALA A 663 -41.22 14.54 21.94
C ALA A 663 -42.52 14.38 21.16
N GLY A 664 -42.43 13.73 20.01
CA GLY A 664 -43.58 13.54 19.15
C GLY A 664 -44.12 14.83 18.55
N GLN A 665 -43.24 15.75 18.17
CA GLN A 665 -43.62 17.02 17.59
C GLN A 665 -42.89 17.21 16.27
N LEU A 666 -43.65 17.49 15.22
CA LEU A 666 -43.09 17.76 13.90
C LEU A 666 -43.04 19.27 13.71
N VAL A 667 -41.84 19.83 13.66
CA VAL A 667 -41.64 21.26 13.49
C VAL A 667 -40.81 21.48 12.23
N ALA A 668 -41.07 22.59 11.54
CA ALA A 668 -40.45 22.89 10.26
C ALA A 668 -39.57 24.13 10.40
N VAL A 669 -38.36 24.06 9.83
CA VAL A 669 -37.41 25.20 9.86
C VAL A 669 -37.33 25.78 8.45
N ILE A 670 -37.67 27.05 8.27
CA ILE A 670 -37.66 27.71 6.98
C ILE A 670 -36.84 28.99 7.09
N GLY A 671 -36.40 29.48 5.94
CA GLY A 671 -35.61 30.69 5.87
C GLY A 671 -35.04 30.93 4.49
N PRO A 672 -34.32 32.03 4.32
CA PRO A 672 -33.73 32.37 3.03
C PRO A 672 -32.46 31.57 2.78
N VAL A 673 -31.87 31.80 1.61
CA VAL A 673 -30.65 31.10 1.24
C VAL A 673 -29.49 31.60 2.09
N GLY A 674 -28.68 30.67 2.60
CA GLY A 674 -27.58 31.03 3.46
C GLY A 674 -27.97 31.41 4.87
N SER A 675 -29.15 31.01 5.33
CA SER A 675 -29.60 31.39 6.66
C SER A 675 -28.87 30.61 7.75
N GLY A 676 -28.56 29.34 7.51
CA GLY A 676 -27.86 28.55 8.49
C GLY A 676 -28.54 27.32 9.06
N LYS A 677 -29.62 26.88 8.39
CA LYS A 677 -30.38 25.69 8.84
C LYS A 677 -29.44 24.48 8.95
N SER A 678 -28.82 24.06 7.84
CA SER A 678 -27.93 22.90 7.86
C SER A 678 -26.81 23.09 8.86
N SER A 679 -26.36 24.33 9.09
CA SER A 679 -25.37 24.58 10.14
C SER A 679 -25.95 24.25 11.51
N LEU A 680 -27.22 24.60 11.74
CA LEU A 680 -27.87 24.27 13.00
C LEU A 680 -27.96 22.76 13.20
N ILE A 681 -28.33 22.03 12.16
CA ILE A 681 -28.46 20.55 12.27
C ILE A 681 -27.07 19.93 12.45
N SER A 682 -26.03 20.50 11.83
CA SER A 682 -24.68 19.99 12.04
C SER A 682 -24.21 20.26 13.47
N ALA A 683 -24.56 21.42 14.01
CA ALA A 683 -24.25 21.71 15.41
C ALA A 683 -24.97 20.74 16.33
N MET A 684 -26.21 20.38 15.98
CA MET A 684 -26.93 19.35 16.72
C MET A 684 -26.14 18.04 16.69
N LEU A 685 -25.55 17.72 15.54
CA LEU A 685 -24.70 16.51 15.42
C LEU A 685 -23.38 16.76 16.15
N GLY A 686 -22.99 18.03 16.30
CA GLY A 686 -21.73 18.37 16.97
C GLY A 686 -20.55 18.35 16.01
N GLU A 687 -20.66 19.03 14.87
CA GLU A 687 -19.55 19.08 13.88
C GLU A 687 -18.97 20.50 13.84
N MET A 688 -19.39 21.36 14.76
CA MET A 688 -18.88 22.77 14.82
C MET A 688 -18.18 22.99 16.16
N GLU A 689 -17.37 24.05 16.29
CA GLU A 689 -16.67 24.32 17.53
C GLU A 689 -17.52 25.20 18.44
N ASN A 690 -17.69 24.77 19.68
CA ASN A 690 -18.51 25.50 20.64
C ASN A 690 -17.84 26.81 21.03
N VAL A 691 -18.67 27.82 21.31
CA VAL A 691 -18.18 29.11 21.77
C VAL A 691 -18.86 29.47 23.09
N HIS A 692 -20.18 29.32 23.15
CA HIS A 692 -20.94 29.74 24.32
C HIS A 692 -22.28 29.00 24.32
N GLY A 693 -22.51 28.20 25.35
CA GLY A 693 -23.78 27.51 25.53
C GLY A 693 -23.60 26.00 25.56
N HIS A 694 -24.74 25.32 25.64
CA HIS A 694 -24.77 23.87 25.65
C HIS A 694 -26.07 23.39 25.04
N ILE A 695 -26.07 22.15 24.54
CA ILE A 695 -27.29 21.57 23.91
C ILE A 695 -27.54 20.19 24.54
N THR A 696 -28.74 19.96 25.07
CA THR A 696 -29.07 18.64 25.68
C THR A 696 -29.87 17.82 24.67
N ILE A 697 -29.42 16.58 24.40
CA ILE A 697 -30.12 15.69 23.43
C ILE A 697 -30.52 14.40 24.16
N LYS A 698 -31.77 13.97 24.03
CA LYS A 698 -32.27 12.74 24.69
C LYS A 698 -32.62 11.71 23.61
N GLY A 699 -31.95 10.56 23.62
CA GLY A 699 -32.17 9.52 22.62
C GLY A 699 -31.12 9.53 21.53
N THR A 700 -31.39 8.74 20.50
CA THR A 700 -30.50 8.61 19.36
C THR A 700 -30.87 9.66 18.31
N THR A 701 -30.22 9.58 17.14
CA THR A 701 -30.44 10.54 16.07
C THR A 701 -30.34 9.85 14.72
N ALA A 702 -31.03 10.40 13.73
CA ALA A 702 -30.96 9.95 12.35
C ALA A 702 -30.78 11.13 11.44
N TYR A 703 -30.05 10.92 10.34
CA TYR A 703 -29.63 12.01 9.46
C TYR A 703 -30.01 11.71 8.02
N VAL A 704 -30.52 12.72 7.34
CA VAL A 704 -30.79 12.66 5.90
C VAL A 704 -30.11 13.87 5.25
N PRO A 705 -28.88 13.73 4.77
CA PRO A 705 -28.14 14.91 4.30
C PRO A 705 -28.74 15.50 3.03
N GLN A 706 -28.45 16.78 2.82
CA GLN A 706 -28.91 17.47 1.61
C GLN A 706 -28.29 16.84 0.36
N GLN A 707 -27.01 16.51 0.42
CA GLN A 707 -26.32 15.81 -0.67
C GLN A 707 -26.32 14.33 -0.35
N SER A 708 -27.15 13.57 -1.05
CA SER A 708 -27.34 12.16 -0.72
C SER A 708 -26.06 11.36 -0.95
N TRP A 709 -25.81 10.41 -0.06
CA TRP A 709 -24.63 9.57 -0.10
C TRP A 709 -25.06 8.12 -0.31
N ILE A 710 -24.46 7.46 -1.31
CA ILE A 710 -24.80 6.09 -1.66
C ILE A 710 -23.52 5.25 -1.68
N GLN A 711 -23.58 4.08 -1.08
CA GLN A 711 -22.45 3.18 -1.01
C GLN A 711 -22.35 2.35 -2.28
N ASN A 712 -21.50 1.32 -2.27
CA ASN A 712 -21.35 0.40 -3.39
C ASN A 712 -21.94 -0.94 -2.98
N GLY A 713 -22.90 -1.41 -3.76
CA GLY A 713 -23.55 -2.67 -3.47
C GLY A 713 -24.99 -2.63 -3.96
N THR A 714 -25.75 -3.64 -3.54
CA THR A 714 -27.15 -3.72 -3.94
C THR A 714 -27.97 -2.65 -3.24
N ILE A 715 -29.20 -2.46 -3.72
CA ILE A 715 -30.13 -1.54 -3.06
C ILE A 715 -30.52 -2.09 -1.69
N LYS A 716 -30.69 -3.41 -1.59
CA LYS A 716 -31.07 -4.02 -0.31
C LYS A 716 -30.00 -3.78 0.75
N ASP A 717 -28.72 -3.91 0.37
CA ASP A 717 -27.64 -3.66 1.32
C ASP A 717 -27.66 -2.22 1.81
N ASN A 718 -27.88 -1.27 0.90
CA ASN A 718 -27.94 0.14 1.29
C ASN A 718 -29.10 0.41 2.23
N ILE A 719 -30.28 -0.18 1.92
CA ILE A 719 -31.49 0.07 2.77
C ILE A 719 -31.25 -0.56 4.15
N LEU A 720 -30.67 -1.76 4.20
CA LEU A 720 -30.45 -2.42 5.49
C LEU A 720 -29.44 -1.66 6.33
N PHE A 721 -28.30 -1.31 5.75
CA PHE A 721 -27.23 -0.57 6.45
C PHE A 721 -26.79 -1.31 7.71
N GLY A 722 -26.61 -2.63 7.61
CA GLY A 722 -26.17 -3.42 8.76
C GLY A 722 -27.28 -3.64 9.77
N THR A 723 -28.31 -4.40 9.38
CA THR A 723 -29.47 -4.68 10.28
C THR A 723 -30.07 -6.04 9.90
N GLU A 724 -30.66 -6.75 10.87
CA GLU A 724 -31.27 -8.07 10.61
C GLU A 724 -32.42 -7.92 9.62
N PHE A 725 -32.46 -8.74 8.56
CA PHE A 725 -33.50 -8.61 7.55
C PHE A 725 -34.85 -9.04 8.11
N ASN A 726 -35.87 -8.27 7.82
CA ASN A 726 -37.26 -8.58 8.18
C ASN A 726 -38.11 -8.61 6.90
N GLU A 727 -39.40 -8.88 7.09
CA GLU A 727 -40.31 -8.96 5.95
C GLU A 727 -41.55 -8.09 6.18
N LYS A 728 -41.95 -7.92 7.44
CA LYS A 728 -43.11 -7.10 7.73
C LYS A 728 -42.80 -5.61 7.75
N ARG A 729 -41.52 -5.23 7.81
CA ARG A 729 -41.12 -3.83 7.79
C ARG A 729 -40.40 -3.42 6.51
N TYR A 730 -39.60 -4.32 5.95
CA TYR A 730 -38.87 -4.02 4.70
C TYR A 730 -39.88 -3.63 3.63
N GLN A 731 -40.88 -4.48 3.40
CA GLN A 731 -41.89 -4.22 2.34
C GLN A 731 -42.59 -2.90 2.62
N GLN A 732 -42.97 -2.65 3.88
CA GLN A 732 -43.71 -1.41 4.23
C GLN A 732 -42.85 -0.19 3.85
N VAL A 733 -41.56 -0.21 4.21
CA VAL A 733 -40.66 0.94 3.94
C VAL A 733 -40.60 1.18 2.42
N LEU A 734 -40.29 0.15 1.64
CA LEU A 734 -40.15 0.32 0.17
C LEU A 734 -41.44 0.91 -0.42
N GLU A 735 -42.60 0.37 -0.02
CA GLU A 735 -43.89 0.83 -0.62
C GLU A 735 -44.19 2.27 -0.20
N ALA A 736 -44.00 2.60 1.08
CA ALA A 736 -44.36 3.95 1.57
C ALA A 736 -43.50 5.02 0.88
N CYS A 737 -42.23 4.72 0.61
CA CYS A 737 -41.31 5.71 -0.01
C CYS A 737 -41.50 5.71 -1.53
N ALA A 738 -42.56 5.06 -2.02
CA ALA A 738 -42.86 5.02 -3.47
C ALA A 738 -41.60 4.62 -4.25
N LEU A 739 -40.83 3.66 -3.74
CA LEU A 739 -39.63 3.17 -4.46
C LEU A 739 -39.99 1.85 -5.15
N LEU A 740 -41.28 1.52 -5.21
CA LEU A 740 -41.69 0.21 -5.78
C LEU A 740 -41.72 0.27 -7.31
N PRO A 741 -42.45 1.20 -7.97
CA PRO A 741 -42.56 1.18 -9.43
C PRO A 741 -41.18 1.23 -10.09
N ASP A 742 -40.30 2.10 -9.59
CA ASP A 742 -38.95 2.26 -10.18
C ASP A 742 -38.17 0.95 -10.03
N LEU A 743 -38.22 0.36 -8.83
CA LEU A 743 -37.43 -0.88 -8.57
C LEU A 743 -37.86 -1.94 -9.59
N GLU A 744 -39.15 -1.99 -9.93
CA GLU A 744 -39.66 -2.97 -10.91
C GLU A 744 -38.99 -2.73 -12.27
N MET A 745 -38.69 -1.48 -12.60
CA MET A 745 -38.13 -1.18 -13.91
C MET A 745 -36.63 -1.42 -14.00
N LEU A 746 -35.94 -1.54 -12.86
CA LEU A 746 -34.51 -1.80 -12.89
C LEU A 746 -34.21 -3.19 -13.45
N PRO A 747 -33.08 -3.37 -14.12
CA PRO A 747 -32.78 -4.68 -14.72
C PRO A 747 -32.69 -5.81 -13.72
N GLY A 748 -32.15 -5.55 -12.53
CA GLY A 748 -32.01 -6.56 -11.51
C GLY A 748 -33.04 -6.50 -10.40
N GLY A 749 -33.98 -5.56 -10.45
CA GLY A 749 -34.94 -5.43 -9.38
C GLY A 749 -34.28 -4.90 -8.13
N ASP A 750 -34.55 -5.52 -6.98
CA ASP A 750 -33.96 -5.07 -5.70
C ASP A 750 -32.46 -5.36 -5.70
N LEU A 751 -32.03 -6.47 -6.31
CA LEU A 751 -30.63 -6.85 -6.28
C LEU A 751 -29.86 -6.31 -7.49
N ALA A 752 -29.91 -5.00 -7.68
CA ALA A 752 -29.23 -4.33 -8.77
C ALA A 752 -28.06 -3.53 -8.21
N GLU A 753 -26.87 -3.73 -8.78
CA GLU A 753 -25.69 -3.02 -8.32
C GLU A 753 -25.82 -1.53 -8.62
N ILE A 754 -25.33 -0.69 -7.71
CA ILE A 754 -25.53 0.74 -7.80
C ILE A 754 -24.30 1.42 -8.38
N GLY A 755 -23.18 1.34 -7.67
CA GLY A 755 -21.95 1.96 -8.12
C GLY A 755 -21.27 2.68 -6.98
N GLU A 756 -20.25 3.48 -7.34
CA GLU A 756 -19.43 4.15 -6.34
C GLU A 756 -20.17 5.28 -5.65
N LYS A 757 -20.87 6.12 -6.42
CA LYS A 757 -21.53 7.30 -5.88
C LYS A 757 -22.94 7.41 -6.44
N GLY A 758 -23.60 6.27 -6.66
CA GLY A 758 -24.93 6.30 -7.24
C GLY A 758 -24.95 6.84 -8.65
N ILE A 759 -23.93 6.53 -9.45
CA ILE A 759 -23.90 6.99 -10.83
C ILE A 759 -25.06 6.39 -11.62
N ASN A 760 -25.41 5.14 -11.32
CA ASN A 760 -26.50 4.46 -12.02
C ASN A 760 -27.84 4.73 -11.36
N LEU A 761 -28.12 6.01 -11.10
CA LEU A 761 -29.35 6.41 -10.44
C LEU A 761 -29.65 7.85 -10.81
N SER A 762 -30.90 8.24 -10.64
CA SER A 762 -31.32 9.62 -10.82
C SER A 762 -31.10 10.40 -9.53
N GLY A 763 -31.68 11.58 -9.42
CA GLY A 763 -31.62 12.33 -8.18
C GLY A 763 -32.73 11.94 -7.23
N GLY A 764 -33.95 11.86 -7.76
CA GLY A 764 -35.07 11.45 -6.94
C GLY A 764 -34.91 10.06 -6.37
N GLN A 765 -34.35 9.14 -7.17
CA GLN A 765 -34.12 7.78 -6.69
C GLN A 765 -33.11 7.77 -5.54
N LYS A 766 -32.03 8.55 -5.66
CA LYS A 766 -31.07 8.63 -4.57
C LYS A 766 -31.69 9.21 -3.31
N GLN A 767 -32.46 10.29 -3.45
CA GLN A 767 -33.10 10.89 -2.27
C GLN A 767 -34.07 9.92 -1.61
N ARG A 768 -34.86 9.20 -2.41
CA ARG A 768 -35.81 8.25 -1.84
C ARG A 768 -35.10 7.08 -1.20
N ILE A 769 -33.97 6.62 -1.75
CA ILE A 769 -33.20 5.56 -1.11
C ILE A 769 -32.69 6.01 0.25
N SER A 770 -32.16 7.24 0.31
CA SER A 770 -31.68 7.75 1.59
C SER A 770 -32.81 7.86 2.61
N LEU A 771 -33.97 8.37 2.19
CA LEU A 771 -35.10 8.48 3.09
C LEU A 771 -35.57 7.12 3.56
N ALA A 772 -35.59 6.13 2.67
CA ALA A 772 -36.00 4.78 3.05
C ALA A 772 -35.03 4.18 4.06
N ARG A 773 -33.73 4.37 3.86
CA ARG A 773 -32.76 3.87 4.83
C ARG A 773 -32.97 4.51 6.20
N ALA A 774 -33.16 5.83 6.22
CA ALA A 774 -33.35 6.53 7.49
C ALA A 774 -34.61 6.06 8.19
N THR A 775 -35.69 5.85 7.44
CA THR A 775 -36.95 5.42 8.07
C THR A 775 -36.94 3.95 8.44
N TYR A 776 -36.12 3.12 7.78
CA TYR A 776 -36.04 1.72 8.14
C TYR A 776 -35.17 1.49 9.37
N GLN A 777 -34.12 2.31 9.55
CA GLN A 777 -33.25 2.12 10.71
C GLN A 777 -34.00 2.30 12.02
N ASN A 778 -35.07 3.10 12.02
CA ASN A 778 -36.01 3.22 13.14
C ASN A 778 -35.42 3.76 14.45
N LEU A 779 -34.73 4.90 14.33
CA LEU A 779 -34.23 5.63 15.48
C LEU A 779 -35.29 6.51 16.13
N ASP A 780 -34.86 7.35 17.07
CA ASP A 780 -35.78 8.15 17.88
C ASP A 780 -35.96 9.57 17.35
N ILE A 781 -34.87 10.28 17.07
CA ILE A 781 -34.92 11.66 16.62
C ILE A 781 -34.51 11.73 15.16
N TYR A 782 -35.36 12.34 14.34
CA TYR A 782 -35.13 12.45 12.90
C TYR A 782 -34.85 13.90 12.54
N LEU A 783 -33.75 14.14 11.82
CA LEU A 783 -33.35 15.47 11.37
C LEU A 783 -33.30 15.45 9.84
N LEU A 784 -34.44 15.71 9.22
CA LEU A 784 -34.51 15.68 7.74
C LEU A 784 -34.07 17.04 7.20
N ASP A 785 -33.19 17.06 6.20
CA ASP A 785 -32.75 18.33 5.57
C ASP A 785 -33.23 18.37 4.11
N ASP A 786 -34.43 18.89 3.86
CA ASP A 786 -34.99 18.99 2.48
C ASP A 786 -34.98 17.61 1.81
N PRO A 787 -35.91 16.70 2.16
CA PRO A 787 -35.98 15.39 1.51
C PRO A 787 -37.03 15.32 0.40
N LEU A 788 -37.73 16.42 0.11
CA LEU A 788 -38.77 16.43 -0.90
C LEU A 788 -38.52 17.53 -1.92
N SER A 789 -37.28 17.64 -2.38
CA SER A 789 -36.91 18.65 -3.38
C SER A 789 -36.75 18.07 -4.77
N ALA A 790 -36.10 16.91 -4.90
CA ALA A 790 -35.88 16.30 -6.22
C ALA A 790 -37.13 15.65 -6.79
N VAL A 791 -38.08 15.25 -5.94
CA VAL A 791 -39.27 14.56 -6.41
C VAL A 791 -40.32 15.57 -6.86
N ASP A 792 -41.30 15.09 -7.61
CA ASP A 792 -42.35 15.94 -8.16
C ASP A 792 -43.48 16.08 -7.15
N ALA A 793 -44.62 16.61 -7.60
CA ALA A 793 -45.74 16.88 -6.70
C ALA A 793 -46.39 15.59 -6.21
N HIS A 794 -46.64 14.65 -7.14
CA HIS A 794 -47.34 13.42 -6.75
C HIS A 794 -46.52 12.60 -5.76
N VAL A 795 -45.25 12.37 -6.07
CA VAL A 795 -44.41 11.57 -5.18
C VAL A 795 -44.21 12.27 -3.86
N GLY A 796 -44.03 13.59 -3.88
CA GLY A 796 -43.87 14.32 -2.63
C GLY A 796 -45.09 14.24 -1.75
N LYS A 797 -46.27 14.43 -2.34
CA LYS A 797 -47.51 14.33 -1.56
C LYS A 797 -47.70 12.92 -1.02
N HIS A 798 -47.42 11.90 -1.83
CA HIS A 798 -47.55 10.53 -1.36
C HIS A 798 -46.62 10.23 -0.21
N ILE A 799 -45.36 10.67 -0.31
CA ILE A 799 -44.40 10.43 0.75
C ILE A 799 -44.80 11.17 2.02
N PHE A 800 -45.23 12.42 1.90
CA PHE A 800 -45.62 13.17 3.08
C PHE A 800 -46.84 12.57 3.76
N ASN A 801 -47.82 12.12 2.98
CA ASN A 801 -49.02 11.54 3.57
C ASN A 801 -48.83 10.10 4.03
N LYS A 802 -47.75 9.44 3.64
CA LYS A 802 -47.56 8.03 3.98
C LYS A 802 -46.38 7.75 4.91
N VAL A 803 -45.39 8.64 4.98
CA VAL A 803 -44.18 8.40 5.76
C VAL A 803 -44.06 9.34 6.95
N LEU A 804 -43.98 10.65 6.69
CA LEU A 804 -43.78 11.64 7.75
C LEU A 804 -44.91 12.65 7.70
N GLY A 805 -45.72 12.68 8.76
CA GLY A 805 -46.84 13.57 8.82
C GLY A 805 -47.77 13.24 9.98
N PRO A 806 -48.98 13.79 9.96
CA PRO A 806 -49.93 13.50 11.04
C PRO A 806 -50.28 12.03 11.16
N ASN A 807 -50.36 11.31 10.04
CA ASN A 807 -50.68 9.88 10.03
C ASN A 807 -49.69 9.19 9.10
N GLY A 808 -48.56 8.74 9.66
CA GLY A 808 -47.54 8.08 8.87
C GLY A 808 -46.73 7.09 9.68
N LEU A 809 -45.64 6.58 9.08
CA LEU A 809 -44.80 5.62 9.78
C LEU A 809 -44.18 6.21 11.03
N LEU A 810 -43.65 7.42 10.92
CA LEU A 810 -43.03 8.11 12.05
C LEU A 810 -44.02 9.04 12.76
N LYS A 811 -45.17 8.49 13.15
CA LYS A 811 -46.20 9.28 13.81
C LYS A 811 -45.90 9.53 15.28
N GLY A 812 -44.94 8.81 15.86
CA GLY A 812 -44.62 9.00 17.27
C GLY A 812 -43.28 9.67 17.50
N LYS A 813 -42.31 9.38 16.64
CA LYS A 813 -40.98 9.96 16.78
C LYS A 813 -41.01 11.45 16.45
N THR A 814 -40.12 12.20 17.11
CA THR A 814 -40.01 13.62 16.81
C THR A 814 -39.38 13.82 15.43
N ARG A 815 -39.87 14.82 14.71
CA ARG A 815 -39.39 15.12 13.37
C ARG A 815 -39.00 16.58 13.27
N LEU A 816 -37.82 16.86 12.71
CA LEU A 816 -37.39 18.26 12.48
C LEU A 816 -37.05 18.38 10.99
N LEU A 817 -37.91 19.01 10.18
CA LEU A 817 -37.68 19.04 8.72
C LEU A 817 -37.35 20.47 8.26
N VAL A 818 -36.32 20.61 7.41
CA VAL A 818 -35.95 21.93 6.85
C VAL A 818 -36.53 21.98 5.42
N THR A 819 -37.28 23.02 5.07
CA THR A 819 -37.96 22.99 3.75
C THR A 819 -37.87 24.34 3.02
N HIS A 820 -38.25 24.36 1.74
CA HIS A 820 -38.28 25.59 0.96
C HIS A 820 -39.62 25.83 0.30
N SER A 821 -40.53 24.86 0.33
CA SER A 821 -41.85 24.97 -0.26
C SER A 821 -42.89 25.09 0.85
N MET A 822 -43.85 26.01 0.66
CA MET A 822 -44.88 26.28 1.64
C MET A 822 -46.15 25.47 1.41
N HIS A 823 -46.03 24.27 0.83
CA HIS A 823 -47.22 23.49 0.50
C HIS A 823 -47.72 22.68 1.69
N PHE A 824 -46.82 22.14 2.50
CA PHE A 824 -47.19 21.29 3.62
C PHE A 824 -47.16 22.02 4.96
N LEU A 825 -47.06 23.34 4.94
CA LEU A 825 -47.03 24.10 6.20
C LEU A 825 -48.28 23.93 7.06
N PRO A 826 -49.51 23.95 6.54
CA PRO A 826 -50.67 23.85 7.43
C PRO A 826 -50.75 22.57 8.25
N GLN A 827 -50.05 21.51 7.84
CA GLN A 827 -50.10 20.24 8.54
C GLN A 827 -48.93 20.05 9.50
N VAL A 828 -48.35 21.14 9.99
CA VAL A 828 -47.24 21.07 10.95
C VAL A 828 -47.72 21.57 12.30
N ASP A 829 -46.88 21.42 13.31
CA ASP A 829 -47.22 21.81 14.67
C ASP A 829 -46.67 23.19 15.03
N GLU A 830 -45.41 23.43 14.66
CA GLU A 830 -44.74 24.71 15.00
C GLU A 830 -43.75 25.04 13.89
N ILE A 831 -43.67 26.32 13.52
CA ILE A 831 -42.69 26.74 12.47
C ILE A 831 -41.74 27.79 13.03
N VAL A 832 -40.50 27.80 12.56
CA VAL A 832 -39.50 28.78 12.95
C VAL A 832 -38.89 29.38 11.69
N VAL A 833 -38.68 30.69 11.71
CA VAL A 833 -38.11 31.42 10.58
C VAL A 833 -36.72 31.88 10.99
N LEU A 834 -35.70 31.27 10.41
CA LEU A 834 -34.32 31.63 10.72
C LEU A 834 -33.89 32.83 9.88
N GLY A 835 -33.12 33.72 10.51
CA GLY A 835 -32.58 34.87 9.82
C GLY A 835 -31.21 35.26 10.33
N ASN A 836 -30.23 35.32 9.43
CA ASN A 836 -28.85 35.70 9.77
C ASN A 836 -28.27 34.81 10.86
N GLY A 837 -28.69 33.55 10.90
CA GLY A 837 -28.21 32.62 11.90
C GLY A 837 -28.94 32.63 13.22
N THR A 838 -29.92 33.52 13.39
CA THR A 838 -30.67 33.61 14.64
C THR A 838 -32.16 33.53 14.35
N ILE A 839 -32.91 33.17 15.39
CA ILE A 839 -34.35 32.97 15.26
C ILE A 839 -35.05 34.33 15.30
N VAL A 840 -35.85 34.61 14.28
CA VAL A 840 -36.59 35.86 14.20
C VAL A 840 -37.97 35.73 14.84
N GLU A 841 -38.73 34.72 14.39
CA GLU A 841 -40.08 34.48 14.93
C GLU A 841 -40.30 32.97 15.11
N LYS A 842 -40.86 32.56 16.24
CA LYS A 842 -41.19 31.12 16.45
C LYS A 842 -42.66 31.02 16.85
N GLY A 843 -43.48 30.29 16.08
CA GLY A 843 -44.92 30.22 16.38
C GLY A 843 -45.64 29.17 15.54
N SER A 844 -46.94 28.99 15.78
CA SER A 844 -47.74 28.01 15.00
C SER A 844 -48.15 28.63 13.67
N TYR A 845 -48.70 27.82 12.76
CA TYR A 845 -49.07 28.32 11.41
C TYR A 845 -50.07 29.47 11.53
N SER A 846 -51.17 29.25 12.25
CA SER A 846 -52.22 30.29 12.37
C SER A 846 -51.66 31.54 13.06
N ALA A 847 -50.88 31.34 14.13
CA ALA A 847 -50.35 32.49 14.90
C ALA A 847 -49.49 33.37 13.98
N LEU A 848 -48.58 32.76 13.23
CA LEU A 848 -47.68 33.54 12.34
C LEU A 848 -48.53 34.31 11.33
N LEU A 849 -49.55 33.65 10.76
CA LEU A 849 -50.42 34.31 9.75
C LEU A 849 -51.15 35.49 10.40
N ALA A 850 -51.57 35.32 11.65
CA ALA A 850 -52.27 36.41 12.37
C ALA A 850 -51.29 37.54 12.70
N LYS A 851 -50.03 37.20 12.96
CA LYS A 851 -49.01 38.21 13.34
C LYS A 851 -48.88 39.27 12.24
N LYS A 852 -49.06 38.87 10.97
CA LYS A 852 -48.91 39.81 9.82
C LYS A 852 -47.44 40.19 9.70
N GLY A 853 -46.54 39.29 10.09
CA GLY A 853 -45.12 39.52 10.01
C GLY A 853 -44.56 39.20 8.64
N GLU A 854 -43.30 38.76 8.62
CA GLU A 854 -42.67 38.38 7.36
C GLU A 854 -43.33 37.17 6.73
N PHE A 855 -43.97 36.34 7.58
CA PHE A 855 -44.65 35.13 7.07
C PHE A 855 -45.77 35.55 6.11
N ALA A 856 -46.58 36.53 6.51
CA ALA A 856 -47.69 36.97 5.68
C ALA A 856 -47.19 37.56 4.36
N LYS A 857 -46.11 38.34 4.40
CA LYS A 857 -45.55 38.88 3.17
C LYS A 857 -45.04 37.78 2.25
N ASN A 858 -44.37 36.77 2.82
CA ASN A 858 -43.88 35.66 2.00
C ASN A 858 -45.05 34.88 1.39
N LEU A 859 -46.10 34.64 2.16
CA LEU A 859 -47.24 33.90 1.64
C LEU A 859 -47.96 34.67 0.55
N LYS A 860 -48.10 35.99 0.72
CA LYS A 860 -48.78 36.80 -0.28
C LYS A 860 -48.05 36.77 -1.61
N THR A 861 -46.72 36.84 -1.59
CA THR A 861 -45.95 36.72 -2.82
C THR A 861 -46.13 35.34 -3.44
N PHE A 862 -46.14 34.29 -2.62
CA PHE A 862 -46.34 32.94 -3.13
C PHE A 862 -47.73 32.78 -3.75
N LEU A 863 -48.74 33.34 -3.11
CA LEU A 863 -50.10 33.25 -3.63
C LEU A 863 -50.45 34.48 -4.46
N LEU A 945 -27.32 -13.34 -10.93
CA LEU A 945 -27.08 -12.72 -12.24
C LEU A 945 -28.14 -13.15 -13.24
N VAL A 946 -28.94 -12.19 -13.72
CA VAL A 946 -29.97 -12.51 -14.70
C VAL A 946 -29.67 -11.81 -16.01
N LYS A 947 -29.73 -10.48 -16.03
CA LYS A 947 -29.39 -9.71 -17.23
C LYS A 947 -28.26 -8.73 -16.99
N GLY A 948 -28.38 -7.83 -16.01
CA GLY A 948 -27.41 -6.78 -15.82
C GLY A 948 -27.11 -6.43 -14.38
N GLN A 949 -27.30 -7.40 -13.48
CA GLN A 949 -27.03 -7.15 -12.06
C GLN A 949 -25.55 -6.85 -11.84
N LYS A 950 -24.67 -7.61 -12.48
CA LYS A 950 -23.24 -7.42 -12.30
C LYS A 950 -22.77 -6.22 -13.10
N LEU A 951 -22.30 -5.18 -12.40
CA LEU A 951 -21.83 -3.96 -13.04
C LEU A 951 -20.31 -3.91 -13.13
N ILE A 952 -19.62 -4.00 -11.99
CA ILE A 952 -18.17 -3.91 -11.97
C ILE A 952 -17.59 -5.27 -12.31
N LYS A 953 -16.76 -5.32 -13.34
CA LYS A 953 -16.11 -6.56 -13.75
C LYS A 953 -14.81 -6.77 -12.97
N LYS A 954 -14.50 -8.03 -12.72
CA LYS A 954 -13.29 -8.36 -11.97
C LYS A 954 -12.06 -7.97 -12.78
N GLU A 955 -11.06 -7.45 -12.06
CA GLU A 955 -9.80 -6.99 -12.70
C GLU A 955 -9.11 -8.18 -13.37
N PHE A 956 -8.68 -8.00 -14.61
CA PHE A 956 -8.03 -9.06 -15.37
C PHE A 956 -6.55 -9.10 -15.05
N ILE A 957 -6.06 -10.28 -14.66
CA ILE A 957 -4.61 -10.46 -14.33
C ILE A 957 -3.96 -11.29 -15.45
N GLU A 958 -2.92 -10.72 -16.05
CA GLU A 958 -2.15 -11.44 -17.09
C GLU A 958 -1.65 -12.74 -16.48
N THR A 959 -1.67 -13.82 -17.24
CA THR A 959 -1.26 -15.12 -16.74
C THR A 959 -0.23 -15.59 -17.76
N GLY A 960 0.98 -15.89 -17.27
CA GLY A 960 2.05 -16.33 -18.14
C GLY A 960 3.28 -15.46 -18.04
N LYS A 961 4.13 -15.50 -19.06
CA LYS A 961 5.35 -14.71 -19.06
C LYS A 961 5.05 -13.27 -19.47
N VAL A 962 6.03 -12.40 -19.25
CA VAL A 962 5.93 -11.00 -19.64
C VAL A 962 6.37 -10.88 -21.10
N LYS A 963 5.52 -10.29 -21.93
CA LYS A 963 5.82 -10.16 -23.35
C LYS A 963 7.00 -9.22 -23.56
N PHE A 964 7.79 -9.52 -24.61
CA PHE A 964 8.96 -8.71 -24.93
C PHE A 964 8.58 -7.32 -25.41
N SER A 965 7.32 -7.11 -25.79
CA SER A 965 6.89 -5.79 -26.22
C SER A 965 7.04 -4.75 -25.11
N ILE A 966 6.82 -5.16 -23.86
CA ILE A 966 6.98 -4.24 -22.74
C ILE A 966 8.43 -3.78 -22.64
N TYR A 967 9.37 -4.73 -22.73
CA TYR A 967 10.79 -4.38 -22.69
C TYR A 967 11.16 -3.48 -23.86
N LEU A 968 10.66 -3.79 -25.06
CA LEU A 968 10.97 -2.97 -26.22
C LEU A 968 10.44 -1.56 -26.05
N GLU A 969 9.21 -1.42 -25.54
CA GLU A 969 8.63 -0.09 -25.33
C GLU A 969 9.43 0.70 -24.30
N TYR A 970 9.75 0.08 -23.16
CA TYR A 970 10.43 0.85 -22.08
C TYR A 970 11.82 1.31 -22.54
N LEU A 971 12.64 0.38 -23.02
CA LEU A 971 14.03 0.74 -23.43
C LEU A 971 13.96 1.81 -24.53
N GLN A 972 12.97 1.72 -25.42
CA GLN A 972 12.82 2.72 -26.51
C GLN A 972 12.61 4.11 -25.89
N ALA A 973 11.84 4.18 -24.80
CA ALA A 973 11.59 5.48 -24.13
C ALA A 973 12.89 6.03 -23.54
N ILE A 974 13.66 5.19 -22.84
CA ILE A 974 14.96 5.65 -22.27
C ILE A 974 15.82 6.19 -23.41
N GLY A 975 15.73 5.58 -24.58
CA GLY A 975 16.49 6.04 -25.75
C GLY A 975 17.58 5.04 -26.13
N LEU A 976 17.55 4.57 -27.38
CA LEU A 976 18.53 3.55 -27.82
C LEU A 976 19.96 4.12 -27.74
N PHE A 977 20.16 5.37 -28.22
CA PHE A 977 21.52 5.96 -28.26
C PHE A 977 22.09 6.02 -26.84
N SER A 978 21.27 6.45 -25.87
CA SER A 978 21.76 6.59 -24.47
C SER A 978 22.26 5.23 -23.97
N ILE A 979 21.55 4.16 -24.29
CA ILE A 979 21.97 2.80 -23.85
C ILE A 979 23.38 2.54 -24.36
N PHE A 980 23.64 2.85 -25.64
CA PHE A 980 24.98 2.61 -26.25
C PHE A 980 26.07 3.28 -25.42
N PHE A 981 25.91 4.57 -25.09
CA PHE A 981 26.97 5.31 -24.36
C PHE A 981 27.26 4.64 -23.01
N ILE A 982 26.21 4.18 -22.32
CA ILE A 982 26.41 3.55 -20.97
C ILE A 982 27.14 2.22 -21.13
N ILE A 983 26.60 1.30 -21.95
CA ILE A 983 27.22 -0.02 -22.12
C ILE A 983 28.70 0.13 -22.47
N LEU A 984 29.03 1.06 -23.38
CA LEU A 984 30.42 1.25 -23.75
C LEU A 984 31.25 1.71 -22.55
N ALA A 985 30.70 2.63 -21.77
CA ALA A 985 31.43 3.18 -20.60
C ALA A 985 31.67 2.08 -19.56
N PHE A 986 30.64 1.32 -19.20
CA PHE A 986 30.81 0.25 -18.17
C PHE A 986 31.89 -0.73 -18.65
N VAL A 987 31.93 -1.01 -19.95
CA VAL A 987 32.94 -1.96 -20.51
C VAL A 987 34.34 -1.40 -20.25
N MET A 988 34.53 -0.10 -20.43
CA MET A 988 35.85 0.53 -20.17
C MET A 988 36.21 0.34 -18.69
N ASN A 989 35.24 0.46 -17.79
CA ASN A 989 35.52 0.18 -16.35
C ASN A 989 36.05 -1.24 -16.22
N SER A 990 35.39 -2.20 -16.86
CA SER A 990 35.81 -3.62 -16.77
C SER A 990 37.20 -3.80 -17.37
N VAL A 991 37.46 -3.24 -18.55
CA VAL A 991 38.78 -3.46 -19.22
C VAL A 991 39.87 -2.84 -18.35
N ALA A 992 39.62 -1.66 -17.77
CA ALA A 992 40.61 -1.05 -16.86
C ALA A 992 40.81 -1.99 -15.67
N PHE A 993 39.71 -2.43 -15.05
CA PHE A 993 39.82 -3.40 -13.94
C PHE A 993 40.68 -4.58 -14.40
N ILE A 994 40.51 -5.02 -15.65
CA ILE A 994 41.27 -6.20 -16.05
C ILE A 994 42.74 -5.83 -16.25
N GLY A 995 42.98 -4.70 -16.90
CA GLY A 995 44.35 -4.24 -17.07
C GLY A 995 45.04 -3.95 -15.75
N SER A 996 44.31 -3.37 -14.79
CA SER A 996 44.88 -3.12 -13.47
C SER A 996 45.26 -4.42 -12.77
N ASN A 997 44.40 -5.43 -12.87
CA ASN A 997 44.73 -6.73 -12.26
C ASN A 997 45.93 -7.36 -12.94
N LEU A 998 46.04 -7.23 -14.26
CA LEU A 998 47.20 -7.75 -14.98
C LEU A 998 48.47 -7.03 -14.55
N TRP A 999 48.39 -5.71 -14.33
CA TRP A 999 49.55 -4.97 -13.87
C TRP A 999 49.96 -5.40 -12.47
N LEU A 1000 48.98 -5.68 -11.60
CA LEU A 1000 49.29 -6.26 -10.30
C LEU A 1000 50.03 -7.59 -10.45
N SER A 1001 49.53 -8.45 -11.34
CA SER A 1001 50.18 -9.75 -11.55
C SER A 1001 51.62 -9.58 -12.04
N ALA A 1002 51.83 -8.64 -12.95
CA ALA A 1002 53.19 -8.40 -13.46
C ALA A 1002 54.10 -7.82 -12.38
N TRP A 1003 53.60 -6.88 -11.59
CA TRP A 1003 54.42 -6.25 -10.56
C TRP A 1003 54.77 -7.25 -9.45
N THR A 1004 53.88 -8.19 -9.16
CA THR A 1004 54.19 -9.21 -8.18
C THR A 1004 55.29 -10.14 -8.71
N SER A 1005 55.72 -11.07 -7.86
CA SER A 1005 56.79 -12.01 -8.13
C SER A 1005 58.14 -11.33 -8.36
N ASP A 1006 58.27 -10.06 -7.97
CA ASP A 1006 59.51 -9.30 -8.07
C ASP A 1006 60.05 -9.22 -9.50
N SER A 1007 59.19 -9.43 -10.50
CA SER A 1007 59.59 -9.43 -11.91
C SER A 1007 60.75 -10.40 -12.15
N LYS A 1008 60.59 -11.62 -11.64
CA LYS A 1008 61.62 -12.66 -11.73
C LYS A 1008 62.93 -12.19 -11.11
N ILE A 1009 62.82 -11.58 -9.92
CA ILE A 1009 63.97 -11.07 -9.18
C ILE A 1009 64.78 -10.08 -10.01
N ALA A 1017 65.80 1.33 -8.62
CA ALA A 1017 64.53 1.42 -7.91
C ALA A 1017 63.54 2.28 -8.69
N SER A 1018 64.00 2.86 -9.81
CA SER A 1018 63.13 3.67 -10.63
C SER A 1018 61.98 2.85 -11.22
N GLN A 1019 62.28 1.64 -11.70
CA GLN A 1019 61.23 0.78 -12.23
C GLN A 1019 60.25 0.39 -11.14
N ARG A 1020 60.75 0.04 -9.95
CA ARG A 1020 59.87 -0.27 -8.83
C ARG A 1020 59.05 0.95 -8.43
N ASP A 1021 59.67 2.13 -8.43
CA ASP A 1021 58.94 3.36 -8.10
C ASP A 1021 57.80 3.59 -9.08
N MET A 1022 58.07 3.44 -10.38
CA MET A 1022 57.01 3.62 -11.38
C MET A 1022 55.91 2.57 -11.23
N ARG A 1023 56.30 1.32 -10.96
CA ARG A 1023 55.31 0.26 -10.82
C ARG A 1023 54.40 0.52 -9.64
N VAL A 1024 54.96 0.98 -8.52
CA VAL A 1024 54.13 1.35 -7.37
C VAL A 1024 53.28 2.57 -7.70
N GLY A 1025 53.86 3.53 -8.43
CA GLY A 1025 53.15 4.77 -8.70
C GLY A 1025 51.94 4.60 -9.60
N VAL A 1026 52.01 3.67 -10.55
CA VAL A 1026 50.92 3.54 -11.55
C VAL A 1026 49.87 2.63 -10.91
N TYR A 1027 49.10 3.22 -9.99
CA TYR A 1027 47.84 2.67 -9.47
C TYR A 1027 46.72 3.70 -9.43
N GLY A 1028 47.02 4.96 -9.11
CA GLY A 1028 45.99 5.98 -9.06
C GLY A 1028 45.42 6.27 -10.43
N ALA A 1029 46.21 6.07 -11.48
CA ALA A 1029 45.67 6.20 -12.83
C ALA A 1029 44.48 5.26 -13.03
N LEU A 1030 44.67 3.97 -12.73
CA LEU A 1030 43.60 3.00 -12.89
C LEU A 1030 42.45 3.27 -11.93
N GLY A 1031 42.76 3.64 -10.69
CA GLY A 1031 41.69 3.92 -9.73
C GLY A 1031 40.82 5.08 -10.15
N LEU A 1032 41.45 6.20 -10.51
CA LEU A 1032 40.70 7.35 -10.99
C LEU A 1032 39.95 7.02 -12.26
N ALA A 1033 40.55 6.19 -13.13
CA ALA A 1033 39.89 5.81 -14.36
C ALA A 1033 38.59 5.09 -14.07
N GLN A 1034 38.66 4.05 -13.23
CA GLN A 1034 37.44 3.24 -12.95
C GLN A 1034 36.40 4.10 -12.22
N GLY A 1035 36.82 4.99 -11.33
CA GLY A 1035 35.89 5.87 -10.65
C GLY A 1035 35.17 6.81 -11.61
N ILE A 1036 35.92 7.46 -12.49
CA ILE A 1036 35.30 8.40 -13.40
C ILE A 1036 34.41 7.67 -14.41
N PHE A 1037 34.77 6.41 -14.70
CA PHE A 1037 33.94 5.58 -15.63
C PHE A 1037 32.60 5.23 -14.96
N VAL A 1038 32.63 4.83 -13.69
CA VAL A 1038 31.36 4.50 -12.97
C VAL A 1038 30.61 5.79 -12.65
N PHE A 1039 31.25 6.94 -12.79
CA PHE A 1039 30.58 8.23 -12.61
C PHE A 1039 29.80 8.63 -13.87
N ILE A 1040 30.51 8.59 -14.99
CA ILE A 1040 29.88 8.94 -16.30
C ILE A 1040 28.69 8.01 -16.52
N ALA A 1041 28.88 6.70 -16.31
CA ALA A 1041 27.77 5.74 -16.51
C ALA A 1041 26.59 6.16 -15.63
N HIS A 1042 26.82 6.35 -14.33
CA HIS A 1042 25.69 6.70 -13.42
C HIS A 1042 25.10 8.04 -13.83
N PHE A 1043 25.94 9.06 -14.06
CA PHE A 1043 25.45 10.42 -14.41
C PHE A 1043 24.61 10.33 -15.68
N TRP A 1044 25.15 9.73 -16.73
CA TRP A 1044 24.44 9.62 -18.04
C TRP A 1044 23.12 8.88 -17.86
N SER A 1045 23.10 7.83 -17.04
CA SER A 1045 21.86 7.04 -16.82
C SER A 1045 20.79 7.91 -16.16
N ALA A 1046 21.18 8.74 -15.19
CA ALA A 1046 20.19 9.57 -14.47
C ALA A 1046 19.40 10.41 -15.46
N PHE A 1047 20.08 11.05 -16.41
CA PHE A 1047 19.38 11.91 -17.40
C PHE A 1047 18.39 11.05 -18.22
N GLY A 1048 18.78 9.82 -18.54
CA GLY A 1048 17.91 8.96 -19.37
C GLY A 1048 16.68 8.48 -18.62
N PHE A 1049 16.87 7.80 -17.50
CA PHE A 1049 15.72 7.21 -16.75
C PHE A 1049 14.64 8.28 -16.53
N VAL A 1050 15.03 9.49 -16.10
CA VAL A 1050 14.04 10.58 -15.88
C VAL A 1050 13.26 10.81 -17.17
N HIS A 1051 13.95 10.95 -18.30
CA HIS A 1051 13.28 11.22 -19.60
C HIS A 1051 12.27 10.12 -19.91
N ALA A 1052 12.55 8.88 -19.50
CA ALA A 1052 11.63 7.75 -19.76
C ALA A 1052 10.42 7.87 -18.83
N SER A 1053 10.66 8.04 -17.54
CA SER A 1053 9.56 8.22 -16.57
C SER A 1053 8.64 9.37 -17.02
N ASN A 1054 9.21 10.40 -17.63
CA ASN A 1054 8.39 11.49 -18.16
C ASN A 1054 7.52 11.01 -19.30
N ILE A 1055 8.12 10.32 -20.27
CA ILE A 1055 7.37 9.88 -21.44
C ILE A 1055 6.25 8.92 -21.05
N LEU A 1056 6.55 7.98 -20.15
CA LEU A 1056 5.54 7.00 -19.74
C LEU A 1056 4.34 7.67 -19.08
N HIS A 1057 4.60 8.59 -18.14
CA HIS A 1057 3.47 9.23 -17.47
C HIS A 1057 2.66 10.08 -18.45
N LYS A 1058 3.34 10.79 -19.36
CA LYS A 1058 2.61 11.60 -20.33
C LYS A 1058 1.68 10.74 -21.18
N GLN A 1059 2.19 9.61 -21.68
CA GLN A 1059 1.35 8.74 -22.51
C GLN A 1059 0.16 8.21 -21.72
N LEU A 1060 0.39 7.77 -20.48
CA LEU A 1060 -0.70 7.20 -19.69
C LEU A 1060 -1.80 8.23 -19.44
N LEU A 1061 -1.41 9.42 -18.99
CA LEU A 1061 -2.40 10.46 -18.71
C LEU A 1061 -3.16 10.86 -19.97
N ASN A 1062 -2.44 11.04 -21.08
CA ASN A 1062 -3.09 11.47 -22.30
C ASN A 1062 -4.12 10.44 -22.76
N ASN A 1063 -3.78 9.15 -22.67
CA ASN A 1063 -4.73 8.14 -23.11
C ASN A 1063 -5.93 8.04 -22.17
N ILE A 1064 -5.68 8.11 -20.87
CA ILE A 1064 -6.78 7.94 -19.87
C ILE A 1064 -7.79 9.09 -20.03
N LEU A 1065 -7.31 10.29 -20.36
CA LEU A 1065 -8.21 11.47 -20.47
C LEU A 1065 -9.16 11.30 -21.66
N ARG A 1066 -8.92 10.31 -22.53
CA ARG A 1066 -9.75 10.18 -23.75
C ARG A 1066 -10.55 8.87 -23.72
N ALA A 1067 -11.11 8.50 -22.58
CA ALA A 1067 -11.98 7.32 -22.55
C ALA A 1067 -13.44 7.72 -22.41
N PRO A 1068 -14.37 6.87 -22.88
CA PRO A 1068 -15.80 7.20 -22.78
C PRO A 1068 -16.32 7.09 -21.35
N MET A 1069 -17.62 7.33 -21.17
CA MET A 1069 -18.19 7.34 -19.83
C MET A 1069 -18.40 5.94 -19.27
N ARG A 1070 -18.59 4.94 -20.13
CA ARG A 1070 -18.82 3.58 -19.65
C ARG A 1070 -17.62 3.07 -18.86
N PHE A 1071 -16.41 3.32 -19.37
CA PHE A 1071 -15.21 2.90 -18.64
C PHE A 1071 -15.09 3.63 -17.32
N PHE A 1072 -15.53 4.88 -17.25
CA PHE A 1072 -15.39 5.65 -16.02
C PHE A 1072 -16.41 5.23 -14.97
N ASP A 1073 -17.60 4.82 -15.41
CA ASP A 1073 -18.67 4.43 -14.44
C ASP A 1073 -18.52 2.95 -14.07
N THR A 1074 -17.84 2.16 -14.90
CA THR A 1074 -17.72 0.74 -14.64
C THR A 1074 -16.61 0.42 -13.64
N THR A 1075 -15.45 1.06 -13.79
CA THR A 1075 -14.35 0.84 -12.86
C THR A 1075 -14.32 1.91 -11.79
N PRO A 1076 -14.15 1.53 -10.53
CA PRO A 1076 -14.06 2.53 -9.46
C PRO A 1076 -12.76 3.32 -9.57
N THR A 1077 -12.75 4.47 -8.89
CA THR A 1077 -11.57 5.33 -8.90
C THR A 1077 -10.38 4.70 -8.19
N GLY A 1078 -10.59 3.64 -7.41
CA GLY A 1078 -9.48 3.02 -6.71
C GLY A 1078 -8.42 2.48 -7.64
N ARG A 1079 -8.84 1.79 -8.70
CA ARG A 1079 -7.88 1.21 -9.65
C ARG A 1079 -7.08 2.30 -10.36
N ILE A 1080 -7.76 3.35 -10.83
CA ILE A 1080 -7.07 4.41 -11.54
C ILE A 1080 -6.10 5.14 -10.62
N VAL A 1081 -6.51 5.41 -9.39
CA VAL A 1081 -5.61 6.08 -8.44
C VAL A 1081 -4.41 5.19 -8.13
N ASN A 1082 -4.65 3.90 -7.95
CA ASN A 1082 -3.55 2.97 -7.71
C ASN A 1082 -2.54 3.01 -8.85
N ARG A 1083 -3.03 2.93 -10.09
CA ARG A 1083 -2.13 2.98 -11.24
C ARG A 1083 -1.42 4.32 -11.35
N PHE A 1084 -2.08 5.41 -10.93
CA PHE A 1084 -1.49 6.73 -11.04
C PHE A 1084 -0.48 7.03 -9.95
N ALA A 1085 -0.51 6.30 -8.83
CA ALA A 1085 0.40 6.58 -7.73
C ALA A 1085 1.43 5.48 -7.50
N GLY A 1086 0.98 4.25 -7.21
CA GLY A 1086 1.92 3.22 -6.80
C GLY A 1086 2.85 2.78 -7.92
N ASP A 1087 2.29 2.53 -9.10
CA ASP A 1087 3.10 2.08 -10.23
C ASP A 1087 4.07 3.17 -10.69
N ILE A 1088 3.61 4.43 -10.68
CA ILE A 1088 4.49 5.53 -11.08
C ILE A 1088 5.64 5.67 -10.09
N SER A 1089 5.35 5.57 -8.78
CA SER A 1089 6.42 5.63 -7.79
C SER A 1089 7.40 4.49 -7.98
N THR A 1090 6.88 3.28 -8.25
CA THR A 1090 7.76 2.10 -8.44
C THR A 1090 8.67 2.34 -9.65
N VAL A 1091 8.10 2.81 -10.76
CA VAL A 1091 8.89 3.07 -11.96
C VAL A 1091 9.95 4.14 -11.68
N ASP A 1092 9.59 5.17 -10.92
CA ASP A 1092 10.53 6.25 -10.63
C ASP A 1092 11.69 5.75 -9.76
N ASP A 1093 11.41 4.88 -8.79
CA ASP A 1093 12.40 4.57 -7.76
C ASP A 1093 13.13 3.25 -7.98
N THR A 1094 12.42 2.14 -8.17
CA THR A 1094 13.03 0.82 -7.98
C THR A 1094 13.77 0.34 -9.23
N LEU A 1095 13.19 0.50 -10.41
CA LEU A 1095 13.74 -0.10 -11.62
C LEU A 1095 15.18 0.33 -11.93
N PRO A 1096 15.54 1.64 -11.93
CA PRO A 1096 16.90 2.01 -12.29
C PRO A 1096 17.95 1.23 -11.49
N GLN A 1097 17.83 1.20 -10.17
CA GLN A 1097 18.86 0.58 -9.34
C GLN A 1097 19.04 -0.88 -9.72
N SER A 1098 17.94 -1.60 -9.93
CA SER A 1098 18.04 -3.00 -10.31
C SER A 1098 18.71 -3.16 -11.67
N LEU A 1099 18.36 -2.28 -12.61
CA LEU A 1099 18.91 -2.39 -13.99
C LEU A 1099 20.41 -2.05 -13.97
N ARG A 1100 20.81 -1.04 -13.20
CA ARG A 1100 22.25 -0.68 -13.11
C ARG A 1100 22.99 -1.82 -12.41
N SER A 1101 22.41 -2.36 -11.34
CA SER A 1101 23.08 -3.47 -10.61
C SER A 1101 23.28 -4.66 -11.56
N TRP A 1102 22.26 -5.04 -12.33
CA TRP A 1102 22.39 -6.24 -13.19
C TRP A 1102 23.53 -6.05 -14.19
N ILE A 1103 23.60 -4.89 -14.85
CA ILE A 1103 24.64 -4.74 -15.90
C ILE A 1103 26.03 -4.89 -15.24
N THR A 1104 26.19 -4.37 -14.03
CA THR A 1104 27.48 -4.53 -13.30
C THR A 1104 27.79 -6.01 -13.14
N CYS A 1105 26.84 -6.81 -12.64
CA CYS A 1105 27.09 -8.25 -12.38
C CYS A 1105 27.45 -8.97 -13.69
N PHE A 1106 26.69 -8.72 -14.75
CA PHE A 1106 26.94 -9.47 -16.02
C PHE A 1106 28.36 -9.18 -16.51
N LEU A 1107 28.73 -7.91 -16.59
CA LEU A 1107 30.10 -7.54 -17.06
C LEU A 1107 31.11 -8.11 -16.07
N GLY A 1108 30.73 -8.24 -14.80
CA GLY A 1108 31.63 -8.84 -13.80
C GLY A 1108 32.01 -10.26 -14.19
N ILE A 1109 31.03 -11.09 -14.51
CA ILE A 1109 31.32 -12.50 -14.93
C ILE A 1109 32.12 -12.46 -16.23
N ILE A 1110 31.64 -11.71 -17.23
CA ILE A 1110 32.39 -11.59 -18.51
C ILE A 1110 33.86 -11.31 -18.18
N SER A 1111 34.11 -10.33 -17.31
CA SER A 1111 35.51 -9.99 -16.94
C SER A 1111 36.16 -11.19 -16.25
N THR A 1112 35.53 -11.69 -15.18
CA THR A 1112 36.10 -12.84 -14.48
C THR A 1112 36.31 -14.02 -15.42
N LEU A 1113 35.37 -14.26 -16.32
CA LEU A 1113 35.50 -15.35 -17.28
C LEU A 1113 36.67 -15.10 -18.23
N VAL A 1114 36.83 -13.86 -18.69
CA VAL A 1114 37.96 -13.54 -19.57
C VAL A 1114 39.28 -13.76 -18.84
N MET A 1115 39.36 -13.32 -17.57
CA MET A 1115 40.58 -13.51 -16.80
C MET A 1115 40.88 -15.00 -16.64
N ILE A 1116 39.86 -15.80 -16.33
CA ILE A 1116 40.06 -17.23 -16.17
C ILE A 1116 40.52 -17.87 -17.47
N CYS A 1117 39.91 -17.49 -18.59
CA CYS A 1117 40.27 -18.06 -19.89
C CYS A 1117 41.59 -17.53 -20.43
N MET A 1118 42.18 -16.52 -19.77
CA MET A 1118 43.53 -16.06 -20.19
C MET A 1118 44.43 -17.30 -20.23
N ALA A 1119 44.33 -18.17 -19.23
CA ALA A 1119 45.12 -19.43 -19.21
C ALA A 1119 44.16 -20.62 -19.10
N THR A 1120 44.68 -21.83 -18.99
CA THR A 1120 43.83 -23.04 -18.81
C THR A 1120 42.61 -22.93 -19.74
N PRO A 1121 42.77 -23.05 -21.07
CA PRO A 1121 41.66 -22.87 -22.01
C PRO A 1121 40.49 -23.83 -21.75
N VAL A 1122 40.78 -25.07 -21.36
CA VAL A 1122 39.71 -26.10 -21.18
C VAL A 1122 38.92 -25.82 -19.89
N PHE A 1123 39.42 -24.94 -19.01
CA PHE A 1123 38.74 -24.72 -17.71
C PHE A 1123 37.32 -24.19 -17.94
N THR A 1124 37.05 -23.66 -19.14
CA THR A 1124 35.71 -23.08 -19.44
C THR A 1124 34.63 -24.16 -19.30
N ILE A 1125 35.03 -25.44 -19.27
CA ILE A 1125 34.02 -26.55 -19.22
C ILE A 1125 33.31 -26.55 -17.86
N ILE A 1126 34.04 -26.31 -16.76
CA ILE A 1126 33.43 -26.40 -15.40
C ILE A 1126 32.26 -25.40 -15.29
N VAL A 1127 32.18 -24.45 -16.22
CA VAL A 1127 31.16 -23.41 -16.13
C VAL A 1127 29.82 -23.93 -16.61
N ILE A 1128 29.82 -24.79 -17.63
CA ILE A 1128 28.56 -25.23 -18.23
C ILE A 1128 27.64 -25.94 -17.25
N PRO A 1129 28.09 -26.95 -16.49
CA PRO A 1129 27.19 -27.54 -15.49
C PRO A 1129 26.72 -26.54 -14.45
N LEU A 1130 27.61 -25.63 -14.02
CA LEU A 1130 27.20 -24.60 -13.09
C LEU A 1130 26.18 -23.67 -13.71
N GLY A 1131 26.36 -23.32 -14.98
CA GLY A 1131 25.37 -22.49 -15.67
C GLY A 1131 24.01 -23.16 -15.72
N ILE A 1132 23.98 -24.45 -16.06
CA ILE A 1132 22.71 -25.18 -16.11
C ILE A 1132 22.07 -25.23 -14.73
N ILE A 1133 22.86 -25.52 -13.70
CA ILE A 1133 22.33 -25.62 -12.34
C ILE A 1133 21.73 -24.29 -11.90
N TYR A 1134 22.44 -23.18 -12.17
CA TYR A 1134 21.94 -21.88 -11.76
C TYR A 1134 20.73 -21.45 -12.58
N VAL A 1135 20.66 -21.86 -13.85
CA VAL A 1135 19.51 -21.50 -14.68
C VAL A 1135 18.26 -22.25 -14.21
N SER A 1136 18.43 -23.50 -13.80
CA SER A 1136 17.26 -24.33 -13.46
C SER A 1136 16.47 -23.74 -12.31
N VAL A 1137 17.16 -23.37 -11.23
CA VAL A 1137 16.46 -22.80 -10.05
C VAL A 1137 15.81 -21.49 -10.49
N GLN A 1138 16.45 -20.77 -11.41
CA GLN A 1138 15.91 -19.46 -11.89
C GLN A 1138 14.62 -19.71 -12.68
N MET A 1139 14.55 -20.81 -13.43
CA MET A 1139 13.36 -21.07 -14.30
C MET A 1139 12.35 -21.91 -13.52
N PHE A 1140 12.41 -21.89 -12.18
CA PHE A 1140 11.45 -22.64 -11.35
C PHE A 1140 10.90 -21.70 -10.27
N TYR A 1141 11.68 -20.69 -9.89
CA TYR A 1141 11.23 -19.70 -8.88
C TYR A 1141 10.55 -18.52 -9.58
N VAL A 1142 10.90 -18.26 -10.84
CA VAL A 1142 10.35 -17.06 -11.53
C VAL A 1142 8.82 -17.13 -11.59
N SER A 1143 8.27 -18.31 -11.90
CA SER A 1143 6.79 -18.43 -12.06
C SER A 1143 6.06 -18.00 -10.79
N THR A 1144 6.48 -18.50 -9.63
CA THR A 1144 5.77 -18.17 -8.36
C THR A 1144 6.05 -16.72 -7.97
N SER A 1145 7.27 -16.23 -8.18
CA SER A 1145 7.59 -14.85 -7.74
C SER A 1145 6.73 -13.85 -8.51
N ARG A 1146 6.67 -13.99 -9.84
CA ARG A 1146 5.92 -13.02 -10.68
C ARG A 1146 4.43 -13.04 -10.32
N GLN A 1147 3.83 -14.22 -10.20
CA GLN A 1147 2.36 -14.29 -9.97
C GLN A 1147 2.00 -13.70 -8.60
N LEU A 1148 2.85 -13.90 -7.60
CA LEU A 1148 2.59 -13.30 -6.26
C LEU A 1148 2.63 -11.76 -6.37
N ARG A 1149 3.57 -11.22 -7.15
CA ARG A 1149 3.65 -9.75 -7.34
C ARG A 1149 2.34 -9.25 -7.93
N ARG A 1150 1.86 -9.86 -9.01
CA ARG A 1150 0.63 -9.37 -9.67
C ARG A 1150 -0.54 -9.43 -8.67
N LEU A 1151 -0.68 -10.55 -7.96
CA LEU A 1151 -1.82 -10.72 -7.03
C LEU A 1151 -1.78 -9.61 -5.96
N ASP A 1152 -0.58 -9.22 -5.53
CA ASP A 1152 -0.43 -8.11 -4.54
C ASP A 1152 -1.02 -6.83 -5.09
N SER A 1153 -0.67 -6.45 -6.33
CA SER A 1153 -1.10 -5.15 -6.89
C SER A 1153 -2.58 -5.15 -7.29
N VAL A 1154 -3.27 -6.28 -7.20
CA VAL A 1154 -4.73 -6.34 -7.50
C VAL A 1154 -5.51 -6.36 -6.19
N THR A 1155 -4.85 -6.68 -5.08
CA THR A 1155 -5.53 -6.72 -3.75
C THR A 1155 -5.20 -5.45 -2.95
N ARG A 1156 -4.45 -4.52 -3.54
CA ARG A 1156 -4.07 -3.26 -2.85
C ARG A 1156 -5.14 -2.19 -3.10
N SER A 1157 -5.87 -2.28 -4.22
CA SER A 1157 -6.87 -1.24 -4.57
C SER A 1157 -8.08 -1.27 -3.63
N PRO A 1158 -8.70 -2.41 -3.25
CA PRO A 1158 -9.80 -2.39 -2.29
C PRO A 1158 -9.50 -1.59 -1.00
N ILE A 1159 -8.23 -1.28 -0.71
CA ILE A 1159 -7.93 -0.43 0.44
C ILE A 1159 -8.14 1.05 0.09
N TYR A 1160 -7.66 1.46 -1.09
CA TYR A 1160 -7.93 2.82 -1.53
C TYR A 1160 -9.38 3.01 -1.92
N SER A 1161 -10.00 1.98 -2.52
CA SER A 1161 -11.39 2.12 -2.95
C SER A 1161 -12.35 2.26 -1.77
N HIS A 1162 -11.96 1.80 -0.59
CA HIS A 1162 -12.80 1.93 0.60
C HIS A 1162 -12.55 3.23 1.37
N PHE A 1163 -11.33 3.77 1.30
CA PHE A 1163 -11.01 5.01 2.00
C PHE A 1163 -11.65 6.23 1.34
N SER A 1164 -12.15 6.10 0.11
CA SER A 1164 -12.77 7.23 -0.57
C SER A 1164 -14.26 7.33 -0.31
N GLU A 1165 -14.94 6.20 -0.12
CA GLU A 1165 -16.37 6.21 0.16
C GLU A 1165 -16.70 6.41 1.62
N THR A 1166 -15.70 6.31 2.51
CA THR A 1166 -15.92 6.59 3.92
C THR A 1166 -15.76 8.06 4.24
N VAL A 1167 -14.74 8.71 3.68
CA VAL A 1167 -14.53 10.13 3.95
C VAL A 1167 -15.70 10.96 3.44
N SER A 1168 -16.26 10.59 2.28
CA SER A 1168 -17.36 11.34 1.70
C SER A 1168 -18.63 11.25 2.54
N GLY A 1169 -18.76 10.24 3.39
CA GLY A 1169 -19.98 10.07 4.16
C GLY A 1169 -19.76 10.04 5.65
N LEU A 1170 -18.83 10.87 6.14
CA LEU A 1170 -18.56 10.91 7.57
C LEU A 1170 -19.75 11.38 8.41
N PRO A 1171 -20.50 12.43 8.04
CA PRO A 1171 -21.63 12.83 8.89
C PRO A 1171 -22.65 11.72 9.10
N VAL A 1172 -22.97 10.95 8.07
CA VAL A 1172 -23.95 9.87 8.21
C VAL A 1172 -23.42 8.79 9.14
N ILE A 1173 -22.16 8.40 8.96
CA ILE A 1173 -21.56 7.37 9.81
C ILE A 1173 -21.56 7.81 11.26
N ARG A 1174 -21.18 9.06 11.52
CA ARG A 1174 -21.08 9.52 12.90
C ARG A 1174 -22.45 9.77 13.52
N ALA A 1175 -23.46 10.11 12.71
CA ALA A 1175 -24.80 10.31 13.24
C ALA A 1175 -25.51 8.99 13.52
N PHE A 1176 -25.26 7.97 12.71
CA PHE A 1176 -25.85 6.66 12.94
C PHE A 1176 -25.06 5.80 13.91
N GLU A 1177 -23.92 6.30 14.40
CA GLU A 1177 -23.07 5.59 15.36
C GLU A 1177 -22.54 4.28 14.80
N HIS A 1178 -22.43 4.18 13.48
CA HIS A 1178 -21.92 2.99 12.82
C HIS A 1178 -20.42 3.13 12.53
N GLN A 1179 -19.65 3.36 13.59
CA GLN A 1179 -18.21 3.53 13.44
C GLN A 1179 -17.46 2.22 13.64
N GLN A 1180 -17.82 1.44 14.67
CA GLN A 1180 -17.12 0.20 14.94
C GLN A 1180 -17.26 -0.81 13.82
N ARG A 1181 -18.31 -0.69 13.00
CA ARG A 1181 -18.48 -1.59 11.87
C ARG A 1181 -17.55 -1.24 10.72
N PHE A 1182 -17.26 0.04 10.52
CA PHE A 1182 -16.46 0.50 9.39
C PHE A 1182 -14.96 0.36 9.62
N LEU A 1183 -14.54 -0.44 10.59
CA LEU A 1183 -13.14 -0.75 10.78
C LEU A 1183 -12.80 -2.21 10.53
N LYS A 1184 -13.75 -3.12 10.74
CA LYS A 1184 -13.52 -4.52 10.45
C LYS A 1184 -13.30 -4.74 8.96
N HIS A 1185 -14.04 -4.00 8.12
CA HIS A 1185 -13.83 -4.10 6.68
C HIS A 1185 -12.41 -3.70 6.30
N ASN A 1186 -11.91 -2.60 6.87
CA ASN A 1186 -10.55 -2.18 6.59
C ASN A 1186 -9.53 -3.21 7.09
N GLU A 1187 -9.78 -3.78 8.28
CA GLU A 1187 -8.87 -4.80 8.80
C GLU A 1187 -8.81 -6.01 7.87
N VAL A 1188 -9.97 -6.44 7.37
CA VAL A 1188 -9.99 -7.58 6.44
C VAL A 1188 -9.25 -7.23 5.16
N ARG A 1189 -9.50 -6.04 4.62
CA ARG A 1189 -8.87 -5.61 3.37
C ARG A 1189 -7.36 -5.45 3.51
N ILE A 1190 -6.87 -5.18 4.72
CA ILE A 1190 -5.42 -5.09 4.91
C ILE A 1190 -4.82 -6.47 5.12
N ASP A 1191 -5.53 -7.35 5.84
CA ASP A 1191 -5.02 -8.70 6.03
C ASP A 1191 -4.90 -9.45 4.72
N THR A 1192 -5.81 -9.18 3.78
CA THR A 1192 -5.75 -9.85 2.49
C THR A 1192 -4.44 -9.54 1.77
N ASN A 1193 -3.99 -8.29 1.81
CA ASN A 1193 -2.74 -7.89 1.17
C ASN A 1193 -1.51 -8.40 1.95
N GLN A 1194 -1.59 -8.36 3.28
CA GLN A 1194 -0.50 -8.89 4.09
C GLN A 1194 -0.25 -10.36 3.78
N LYS A 1195 -1.33 -11.11 3.52
CA LYS A 1195 -1.20 -12.53 3.20
C LYS A 1195 -0.31 -12.75 1.98
N CYS A 1196 -0.45 -11.91 0.95
CA CYS A 1196 0.37 -12.05 -0.23
C CYS A 1196 1.81 -11.60 0.02
N VAL A 1197 1.97 -10.48 0.75
CA VAL A 1197 3.32 -9.94 0.95
C VAL A 1197 4.19 -10.93 1.72
N PHE A 1198 3.65 -11.53 2.79
CA PHE A 1198 4.45 -12.45 3.59
C PHE A 1198 4.89 -13.66 2.77
N SER A 1199 3.97 -14.22 1.98
CA SER A 1199 4.33 -15.35 1.12
C SER A 1199 5.40 -14.96 0.12
N TRP A 1200 5.32 -13.75 -0.43
CA TRP A 1200 6.39 -13.32 -1.36
C TRP A 1200 7.74 -13.35 -0.65
N ILE A 1201 7.87 -12.67 0.49
CA ILE A 1201 9.21 -12.57 1.14
C ILE A 1201 9.77 -13.98 1.39
N THR A 1202 8.91 -14.92 1.76
CA THR A 1202 9.41 -16.30 2.09
C THR A 1202 10.01 -16.93 0.83
N SER A 1203 9.38 -16.71 -0.33
CA SER A 1203 9.87 -17.34 -1.58
C SER A 1203 11.31 -16.89 -1.86
N ASN A 1204 11.59 -15.61 -1.65
CA ASN A 1204 12.96 -15.08 -1.86
C ASN A 1204 13.93 -15.89 -0.99
N ARG A 1205 13.57 -16.12 0.28
CA ARG A 1205 14.48 -16.83 1.21
C ARG A 1205 14.69 -18.27 0.71
N TRP A 1206 13.63 -18.93 0.23
CA TRP A 1206 13.77 -20.33 -0.23
C TRP A 1206 14.84 -20.39 -1.32
N LEU A 1207 14.79 -19.48 -2.29
CA LEU A 1207 15.75 -19.50 -3.41
C LEU A 1207 17.16 -19.29 -2.85
N ALA A 1208 17.36 -18.30 -1.98
CA ALA A 1208 18.72 -18.00 -1.50
C ALA A 1208 19.32 -19.22 -0.80
N ILE A 1209 18.58 -19.79 0.17
CA ILE A 1209 19.09 -20.98 0.90
C ILE A 1209 19.37 -22.08 -0.12
N ARG A 1210 18.69 -22.05 -1.28
CA ARG A 1210 19.07 -23.09 -2.24
C ARG A 1210 20.37 -22.74 -2.96
N LEU A 1211 20.48 -21.50 -3.44
CA LEU A 1211 21.66 -21.09 -4.19
C LEU A 1211 22.91 -21.10 -3.32
N GLU A 1212 22.79 -20.62 -2.08
CA GLU A 1212 23.95 -20.59 -1.20
C GLU A 1212 24.41 -22.00 -0.85
N LEU A 1213 23.45 -22.91 -0.66
CA LEU A 1213 23.81 -24.33 -0.40
C LEU A 1213 24.58 -24.88 -1.60
N VAL A 1214 24.08 -24.63 -2.81
CA VAL A 1214 24.74 -25.15 -4.01
C VAL A 1214 26.17 -24.62 -4.12
N GLY A 1215 26.34 -23.32 -3.88
CA GLY A 1215 27.68 -22.74 -3.92
C GLY A 1215 28.61 -23.34 -2.88
N ASN A 1216 28.11 -23.51 -1.66
CA ASN A 1216 28.91 -24.14 -0.62
C ASN A 1216 29.35 -25.53 -1.03
N LEU A 1217 28.43 -26.33 -1.56
CA LEU A 1217 28.74 -27.70 -1.93
C LEU A 1217 29.79 -27.75 -3.04
N THR A 1218 29.64 -26.91 -4.06
CA THR A 1218 30.59 -26.95 -5.17
C THR A 1218 31.97 -26.47 -4.74
N VAL A 1219 32.02 -25.44 -3.88
CA VAL A 1219 33.31 -24.95 -3.39
C VAL A 1219 34.01 -26.03 -2.58
N PHE A 1220 33.28 -26.70 -1.68
CA PHE A 1220 33.88 -27.75 -0.88
C PHE A 1220 34.35 -28.91 -1.74
N PHE A 1221 33.56 -29.28 -2.75
CA PHE A 1221 33.96 -30.37 -3.63
C PHE A 1221 35.24 -30.03 -4.39
N SER A 1222 35.32 -28.80 -4.91
CA SER A 1222 36.54 -28.38 -5.61
C SER A 1222 37.75 -28.39 -4.69
N ALA A 1223 37.57 -28.00 -3.42
CA ALA A 1223 38.75 -27.92 -2.53
C ALA A 1223 39.32 -29.32 -2.26
N LEU A 1224 38.45 -30.30 -1.98
CA LEU A 1224 38.91 -31.67 -1.61
C LEU A 1224 39.72 -32.30 -2.74
N MET A 1225 39.30 -32.14 -4.00
CA MET A 1225 40.00 -32.80 -5.12
C MET A 1225 41.48 -32.39 -5.12
N MET A 1226 41.76 -31.10 -4.98
CA MET A 1226 43.16 -30.60 -4.99
C MET A 1226 43.92 -31.20 -3.81
N VAL A 1227 43.23 -31.46 -2.69
CA VAL A 1227 43.89 -32.08 -1.50
C VAL A 1227 44.39 -33.47 -1.89
N ILE A 1228 43.57 -34.23 -2.62
CA ILE A 1228 43.98 -35.61 -3.06
C ILE A 1228 45.24 -35.48 -3.93
N TYR A 1229 45.26 -34.50 -4.84
CA TYR A 1229 46.42 -34.30 -5.74
C TYR A 1229 47.47 -33.45 -5.02
N ARG A 1230 48.04 -33.97 -3.93
CA ARG A 1230 49.00 -33.18 -3.12
C ARG A 1230 50.43 -33.43 -3.61
N ASP A 1231 50.60 -34.29 -4.62
CA ASP A 1231 51.96 -34.64 -5.09
C ASP A 1231 52.10 -34.27 -6.57
N THR A 1232 51.00 -33.90 -7.22
CA THR A 1232 51.04 -33.58 -8.67
C THR A 1232 50.86 -32.07 -8.87
N LEU A 1233 50.74 -31.32 -7.78
CA LEU A 1233 50.56 -29.84 -7.88
C LEU A 1233 51.81 -29.22 -8.51
N SER A 1234 51.65 -28.11 -9.24
CA SER A 1234 52.81 -27.44 -9.88
C SER A 1234 52.96 -26.03 -9.31
N GLY A 1235 54.08 -25.76 -8.64
CA GLY A 1235 54.30 -24.43 -8.02
C GLY A 1235 53.11 -24.02 -7.16
N ASP A 1236 52.47 -25.00 -6.52
CA ASP A 1236 51.29 -24.72 -5.65
C ASP A 1236 50.28 -23.89 -6.44
N THR A 1237 50.05 -24.22 -7.72
CA THR A 1237 49.05 -23.50 -8.54
C THR A 1237 47.68 -23.69 -7.91
N VAL A 1238 47.52 -24.72 -7.07
CA VAL A 1238 46.22 -25.00 -6.40
C VAL A 1238 45.87 -23.83 -5.47
N GLY A 1239 46.78 -22.86 -5.34
CA GLY A 1239 46.52 -21.68 -4.50
C GLY A 1239 45.40 -20.82 -5.04
N PHE A 1240 45.47 -20.44 -6.32
CA PHE A 1240 44.47 -19.49 -6.88
C PHE A 1240 43.24 -20.25 -7.39
N VAL A 1241 43.40 -21.52 -7.76
CA VAL A 1241 42.24 -22.26 -8.36
C VAL A 1241 41.07 -22.21 -7.36
N LEU A 1242 41.37 -22.04 -6.07
CA LEU A 1242 40.30 -21.91 -5.05
C LEU A 1242 39.78 -20.47 -5.05
N SER A 1243 40.68 -19.49 -5.04
CA SER A 1243 40.25 -18.07 -4.95
C SER A 1243 39.27 -17.74 -6.08
N ASN A 1244 39.55 -18.24 -7.29
CA ASN A 1244 38.67 -17.94 -8.45
C ASN A 1244 37.29 -18.56 -8.22
N ALA A 1245 37.24 -19.80 -7.72
CA ALA A 1245 35.95 -20.50 -7.55
C ALA A 1245 35.01 -19.66 -6.67
N LEU A 1246 35.54 -19.13 -5.57
CA LEU A 1246 34.69 -18.34 -4.63
C LEU A 1246 34.05 -17.16 -5.38
N ASN A 1247 34.85 -16.37 -6.09
CA ASN A 1247 34.34 -15.17 -6.76
C ASN A 1247 33.30 -15.52 -7.81
N ILE A 1248 33.58 -16.59 -8.58
CA ILE A 1248 32.62 -17.03 -9.64
C ILE A 1248 31.26 -17.33 -9.00
N THR A 1249 31.22 -18.25 -8.03
CA THR A 1249 29.93 -18.66 -7.42
C THR A 1249 29.20 -17.43 -6.86
N GLN A 1250 29.91 -16.55 -6.15
CA GLN A 1250 29.26 -15.37 -5.51
C GLN A 1250 28.58 -14.53 -6.60
N THR A 1251 29.29 -14.21 -7.67
CA THR A 1251 28.72 -13.34 -8.74
C THR A 1251 27.55 -14.07 -9.41
N LEU A 1252 27.71 -15.37 -9.68
CA LEU A 1252 26.62 -16.17 -10.30
C LEU A 1252 25.39 -16.10 -9.40
N ASN A 1253 25.58 -16.34 -8.10
CA ASN A 1253 24.44 -16.32 -7.14
C ASN A 1253 23.77 -14.95 -7.19
N TRP A 1254 24.57 -13.87 -7.15
CA TRP A 1254 24.00 -12.50 -7.15
C TRP A 1254 23.18 -12.27 -8.43
N LEU A 1255 23.73 -12.66 -9.59
CA LEU A 1255 23.03 -12.44 -10.88
C LEU A 1255 21.68 -13.16 -10.86
N VAL A 1256 21.67 -14.43 -10.44
CA VAL A 1256 20.41 -15.22 -10.38
C VAL A 1256 19.42 -14.52 -9.44
N ARG A 1257 19.92 -13.68 -8.53
CA ARG A 1257 19.02 -12.93 -7.62
C ARG A 1257 18.62 -11.60 -8.29
N MET A 1258 19.55 -10.98 -9.02
CA MET A 1258 19.27 -9.68 -9.70
C MET A 1258 18.24 -9.88 -10.81
N THR A 1259 18.40 -10.92 -11.64
CA THR A 1259 17.49 -11.13 -12.78
C THR A 1259 16.05 -11.30 -12.29
N SER A 1260 15.85 -12.09 -11.23
CA SER A 1260 14.48 -12.34 -10.70
C SER A 1260 13.84 -11.02 -10.29
N GLU A 1261 14.58 -10.17 -9.57
CA GLU A 1261 14.05 -8.86 -9.12
C GLU A 1261 13.61 -8.05 -10.35
N ILE A 1262 14.49 -7.94 -11.35
CA ILE A 1262 14.19 -7.16 -12.55
C ILE A 1262 12.84 -7.58 -13.13
N GLU A 1263 12.58 -8.88 -13.22
CA GLU A 1263 11.31 -9.33 -13.79
C GLU A 1263 10.13 -8.86 -12.95
N THR A 1264 10.20 -9.08 -11.64
CA THR A 1264 9.08 -8.72 -10.74
C THR A 1264 8.85 -7.21 -10.74
N ASN A 1265 9.90 -6.41 -11.00
CA ASN A 1265 9.70 -4.97 -11.08
C ASN A 1265 9.18 -4.51 -12.44
N ILE A 1266 9.59 -5.19 -13.51
CA ILE A 1266 9.07 -4.88 -14.84
C ILE A 1266 7.58 -5.19 -14.92
N VAL A 1267 7.10 -6.06 -14.03
CA VAL A 1267 5.63 -6.34 -13.98
C VAL A 1267 4.91 -5.01 -13.81
N ALA A 1268 5.47 -4.08 -13.02
CA ALA A 1268 4.78 -2.82 -12.78
C ALA A 1268 4.56 -2.04 -14.07
N VAL A 1269 5.58 -1.94 -14.92
CA VAL A 1269 5.42 -1.27 -16.20
C VAL A 1269 4.42 -2.04 -17.07
N GLU A 1270 4.44 -3.37 -16.97
CA GLU A 1270 3.47 -4.16 -17.71
C GLU A 1270 2.04 -3.82 -17.29
N ARG A 1271 1.83 -3.62 -15.98
CA ARG A 1271 0.49 -3.29 -15.50
C ARG A 1271 0.12 -1.85 -15.88
N ILE A 1272 1.09 -0.95 -15.95
CA ILE A 1272 0.82 0.41 -16.42
C ILE A 1272 0.36 0.38 -17.87
N THR A 1273 1.03 -0.41 -18.71
CA THR A 1273 0.79 -0.37 -20.15
C THR A 1273 -0.66 -0.70 -20.50
N GLU A 1274 -1.35 -1.47 -19.66
CA GLU A 1274 -2.69 -1.92 -20.00
C GLU A 1274 -3.66 -0.76 -20.19
N TYR A 1275 -3.57 0.27 -19.36
CA TYR A 1275 -4.48 1.41 -19.44
C TYR A 1275 -4.08 2.41 -20.51
N THR A 1276 -3.20 2.03 -21.44
CA THR A 1276 -2.81 2.88 -22.55
C THR A 1276 -3.53 2.51 -23.85
N LYS A 1277 -4.01 1.27 -23.96
CA LYS A 1277 -4.71 0.80 -25.16
C LYS A 1277 -6.18 0.53 -24.88
N VAL A 1278 -6.82 1.40 -24.11
CA VAL A 1278 -8.25 1.29 -23.82
C VAL A 1278 -9.05 1.89 -24.97
N GLU A 1279 -10.30 1.45 -25.12
CA GLU A 1279 -11.15 1.97 -26.19
C GLU A 1279 -11.34 3.47 -26.02
N ASN A 1280 -11.35 4.18 -27.15
CA ASN A 1280 -11.45 5.63 -27.16
C ASN A 1280 -12.82 6.08 -27.65
N GLU A 1281 -13.15 7.32 -27.34
CA GLU A 1281 -14.40 7.93 -27.76
C GLU A 1281 -14.28 8.40 -29.21
N ALA A 1282 -15.22 9.22 -29.66
CA ALA A 1282 -15.17 9.79 -31.00
C ALA A 1282 -13.99 10.75 -31.10
N PRO A 1283 -13.49 10.98 -32.32
CA PRO A 1283 -12.37 11.92 -32.49
C PRO A 1283 -12.74 13.31 -32.00
N TRP A 1284 -11.80 13.99 -31.34
CA TRP A 1284 -12.09 15.32 -30.76
C TRP A 1284 -12.43 16.31 -31.88
N VAL A 1285 -11.59 16.38 -32.92
CA VAL A 1285 -11.92 17.28 -34.07
C VAL A 1285 -11.76 16.46 -35.36
N THR A 1286 -12.79 16.45 -36.21
CA THR A 1286 -12.74 15.62 -37.44
C THR A 1286 -12.52 16.50 -38.67
N ASP A 1287 -12.21 15.90 -39.81
CA ASP A 1287 -12.00 16.66 -41.07
C ASP A 1287 -13.26 17.48 -41.35
N LYS A 1288 -14.43 16.85 -41.27
CA LYS A 1288 -15.71 17.60 -41.45
C LYS A 1288 -15.71 18.75 -40.45
N ARG A 1289 -15.69 19.99 -40.92
CA ARG A 1289 -15.60 21.15 -39.98
C ARG A 1289 -16.77 22.09 -40.23
N PRO A 1290 -17.60 22.40 -39.21
CA PRO A 1290 -18.70 23.36 -39.37
C PRO A 1290 -18.18 24.79 -39.57
N PRO A 1291 -18.91 25.72 -40.22
CA PRO A 1291 -18.43 27.10 -40.33
C PRO A 1291 -18.56 27.86 -39.01
N PRO A 1292 -17.92 29.02 -38.83
CA PRO A 1292 -18.10 29.82 -37.62
C PRO A 1292 -19.56 30.25 -37.44
N ASP A 1293 -19.95 30.61 -36.22
CA ASP A 1293 -21.36 31.00 -35.95
C ASP A 1293 -22.28 29.91 -36.52
N TRP A 1294 -21.79 28.67 -36.56
CA TRP A 1294 -22.65 27.55 -37.04
C TRP A 1294 -24.06 27.70 -36.47
N PRO A 1295 -24.27 27.86 -35.15
CA PRO A 1295 -25.65 27.89 -34.61
C PRO A 1295 -26.24 29.29 -34.63
N SER A 1296 -26.52 29.77 -35.84
CA SER A 1296 -27.12 31.09 -35.99
C SER A 1296 -28.54 31.15 -35.47
N LYS A 1297 -29.22 30.00 -35.35
CA LYS A 1297 -30.58 29.94 -34.85
C LYS A 1297 -30.73 28.70 -33.99
N GLY A 1298 -31.91 28.54 -33.39
CA GLY A 1298 -32.18 27.33 -32.60
C GLY A 1298 -33.26 26.47 -33.25
N LYS A 1299 -32.87 25.51 -34.10
CA LYS A 1299 -33.86 24.69 -34.83
C LYS A 1299 -33.61 23.21 -34.56
N ILE A 1300 -33.15 22.87 -33.35
CA ILE A 1300 -32.98 21.44 -32.99
C ILE A 1300 -34.20 20.66 -33.45
N GLN A 1301 -34.01 19.53 -34.13
CA GLN A 1301 -35.14 18.69 -34.58
C GLN A 1301 -34.74 17.22 -34.46
N PHE A 1302 -35.30 16.50 -33.50
CA PHE A 1302 -35.00 15.05 -33.33
C PHE A 1302 -35.74 14.27 -34.42
N ASN A 1303 -35.42 12.98 -34.57
CA ASN A 1303 -36.10 12.13 -35.56
C ASN A 1303 -35.97 10.68 -35.10
N ASN A 1304 -37.00 10.22 -34.39
CA ASN A 1304 -37.10 8.82 -33.95
C ASN A 1304 -35.84 8.38 -33.20
N TYR A 1305 -35.40 9.24 -32.29
CA TYR A 1305 -34.13 8.98 -31.57
C TYR A 1305 -34.26 7.79 -30.63
N GLN A 1306 -33.23 6.96 -30.58
CA GLN A 1306 -33.16 5.82 -29.68
C GLN A 1306 -31.75 5.76 -29.09
N VAL A 1307 -31.66 5.45 -27.80
CA VAL A 1307 -30.37 5.42 -27.11
C VAL A 1307 -30.44 4.44 -25.95
N ARG A 1308 -29.37 3.68 -25.77
CA ARG A 1308 -29.21 2.79 -24.63
C ARG A 1308 -27.89 3.12 -23.93
N TYR A 1309 -27.91 3.09 -22.60
CA TYR A 1309 -26.74 3.51 -21.83
C TYR A 1309 -25.57 2.55 -22.01
N ARG A 1310 -25.84 1.25 -22.01
CA ARG A 1310 -24.81 0.25 -22.21
C ARG A 1310 -25.27 -0.78 -23.23
N PRO A 1311 -24.35 -1.40 -23.96
CA PRO A 1311 -24.76 -2.37 -24.99
C PRO A 1311 -25.49 -3.57 -24.43
N GLU A 1312 -25.34 -3.84 -23.13
CA GLU A 1312 -25.98 -4.98 -22.49
C GLU A 1312 -27.34 -4.65 -21.90
N LEU A 1313 -27.59 -3.38 -21.57
CA LEU A 1313 -28.88 -2.96 -21.05
C LEU A 1313 -29.89 -2.79 -22.17
N ASP A 1314 -31.07 -2.27 -21.86
CA ASP A 1314 -32.13 -2.08 -22.83
C ASP A 1314 -32.22 -0.60 -23.22
N LEU A 1315 -33.24 -0.27 -24.01
CA LEU A 1315 -33.42 1.10 -24.50
C LEU A 1315 -34.08 1.96 -23.44
N VAL A 1316 -33.54 3.18 -23.25
CA VAL A 1316 -34.12 4.12 -22.31
C VAL A 1316 -34.93 5.22 -22.99
N LEU A 1317 -34.69 5.47 -24.27
CA LEU A 1317 -35.45 6.45 -25.03
C LEU A 1317 -35.87 5.82 -26.35
N ARG A 1318 -37.16 5.92 -26.67
CA ARG A 1318 -37.68 5.30 -27.88
C ARG A 1318 -38.81 6.16 -28.44
N GLY A 1319 -38.81 6.33 -29.75
CA GLY A 1319 -39.87 7.08 -30.41
C GLY A 1319 -39.94 8.55 -30.04
N ILE A 1320 -38.80 9.21 -29.96
CA ILE A 1320 -38.75 10.64 -29.64
C ILE A 1320 -38.84 11.41 -30.96
N THR A 1321 -39.95 12.14 -31.13
CA THR A 1321 -40.16 12.96 -32.31
C THR A 1321 -40.70 14.31 -31.85
N CYS A 1322 -39.87 15.36 -32.00
CA CYS A 1322 -40.27 16.71 -31.56
C CYS A 1322 -39.51 17.75 -32.39
N ASP A 1323 -39.84 19.03 -32.21
CA ASP A 1323 -39.12 20.13 -32.94
C ASP A 1323 -39.05 21.36 -32.03
N ILE A 1324 -37.89 22.01 -31.96
CA ILE A 1324 -37.75 23.24 -31.14
C ILE A 1324 -37.69 24.44 -32.10
N GLY A 1325 -38.69 25.32 -32.05
CA GLY A 1325 -38.75 26.46 -32.98
C GLY A 1325 -37.67 27.49 -32.70
N SER A 1326 -37.50 28.46 -33.60
CA SER A 1326 -36.44 29.49 -33.45
C SER A 1326 -36.59 30.21 -32.11
N MET A 1327 -35.48 30.41 -31.39
CA MET A 1327 -35.49 31.13 -30.12
C MET A 1327 -36.73 30.94 -29.24
N GLU A 1328 -37.16 29.67 -29.20
CA GLU A 1328 -38.42 29.33 -28.50
C GLU A 1328 -38.10 28.84 -27.10
N LYS A 1329 -38.83 29.36 -26.10
CA LYS A 1329 -38.70 28.90 -24.73
C LYS A 1329 -39.58 27.68 -24.52
N ILE A 1330 -38.96 26.54 -24.22
CA ILE A 1330 -39.72 25.27 -24.05
C ILE A 1330 -39.44 24.71 -22.65
N GLY A 1331 -40.40 23.99 -22.07
CA GLY A 1331 -40.20 23.35 -20.76
C GLY A 1331 -40.57 21.87 -20.78
N VAL A 1332 -39.71 21.01 -20.24
CA VAL A 1332 -39.97 19.54 -20.23
C VAL A 1332 -40.20 19.10 -18.78
N VAL A 1333 -41.36 18.50 -18.50
CA VAL A 1333 -41.71 18.09 -17.11
C VAL A 1333 -42.24 16.66 -17.13
N GLY A 1334 -41.81 15.83 -16.18
CA GLY A 1334 -42.26 14.45 -16.12
C GLY A 1334 -41.93 13.84 -14.78
N ARG A 1335 -42.53 12.68 -14.52
CA ARG A 1335 -42.28 11.98 -13.27
C ARG A 1335 -40.83 11.52 -13.20
N THR A 1336 -40.30 11.42 -11.98
CA THR A 1336 -38.91 11.03 -11.78
C THR A 1336 -38.65 9.66 -12.42
N GLY A 1337 -37.54 9.54 -13.13
CA GLY A 1337 -37.21 8.34 -13.85
C GLY A 1337 -37.69 8.31 -15.29
N ALA A 1338 -38.40 9.33 -15.76
CA ALA A 1338 -38.87 9.35 -17.13
C ALA A 1338 -37.71 9.45 -18.12
N GLY A 1339 -36.72 10.29 -17.82
CA GLY A 1339 -35.55 10.40 -18.68
C GLY A 1339 -35.25 11.77 -19.23
N LYS A 1340 -35.84 12.82 -18.63
CA LYS A 1340 -35.52 14.18 -19.04
C LYS A 1340 -34.03 14.49 -19.04
N SER A 1341 -33.32 14.10 -17.97
CA SER A 1341 -31.88 14.33 -17.91
C SER A 1341 -31.18 13.57 -19.03
N SER A 1342 -31.63 12.35 -19.33
CA SER A 1342 -31.07 11.62 -20.46
C SER A 1342 -31.32 12.36 -21.77
N LEU A 1343 -32.52 12.91 -21.93
CA LEU A 1343 -32.86 13.62 -23.16
C LEU A 1343 -31.96 14.83 -23.37
N THR A 1344 -31.74 15.61 -22.31
CA THR A 1344 -30.85 16.75 -22.44
C THR A 1344 -29.38 16.36 -22.47
N ASN A 1345 -29.05 15.15 -22.01
CA ASN A 1345 -27.69 14.65 -22.06
C ASN A 1345 -27.33 14.21 -23.47
N CYS A 1346 -28.27 13.60 -24.20
CA CYS A 1346 -27.96 13.10 -25.53
C CYS A 1346 -27.57 14.20 -26.51
N LEU A 1347 -27.81 15.46 -26.17
CA LEU A 1347 -27.46 16.59 -27.09
C LEU A 1347 -25.94 16.82 -27.08
N PHE A 1348 -25.23 16.29 -26.08
CA PHE A 1348 -23.78 16.47 -25.99
C PHE A 1348 -23.01 15.24 -26.44
N ARG A 1349 -23.70 14.29 -27.07
CA ARG A 1349 -23.03 13.08 -27.65
C ARG A 1349 -22.33 12.25 -26.58
N ILE A 1350 -22.78 12.31 -25.32
CA ILE A 1350 -22.20 11.43 -24.30
C ILE A 1350 -22.52 9.98 -24.62
N LEU A 1351 -23.70 9.71 -25.17
CA LEU A 1351 -24.12 8.37 -25.57
C LEU A 1351 -24.37 8.37 -27.07
N GLU A 1352 -23.78 7.40 -27.77
CA GLU A 1352 -23.97 7.28 -29.20
C GLU A 1352 -25.40 6.87 -29.51
N ALA A 1353 -25.94 7.42 -30.59
CA ALA A 1353 -27.30 7.08 -31.01
C ALA A 1353 -27.38 5.63 -31.46
N ALA A 1354 -28.43 4.94 -31.03
CA ALA A 1354 -28.69 3.57 -31.43
C ALA A 1354 -29.70 3.48 -32.57
N GLY A 1355 -30.04 4.61 -33.20
CA GLY A 1355 -31.03 4.64 -34.26
C GLY A 1355 -31.66 6.00 -34.38
N GLY A 1356 -31.83 6.48 -35.61
CA GLY A 1356 -32.32 7.83 -35.84
C GLY A 1356 -31.21 8.86 -35.78
N GLN A 1357 -31.58 10.11 -36.07
CA GLN A 1357 -30.54 11.18 -36.11
C GLN A 1357 -31.07 12.47 -35.46
N ILE A 1358 -30.18 13.39 -35.10
CA ILE A 1358 -30.59 14.71 -34.53
C ILE A 1358 -29.88 15.81 -35.34
N ILE A 1359 -30.62 16.82 -35.80
CA ILE A 1359 -30.00 17.87 -36.67
C ILE A 1359 -30.10 19.22 -35.97
N ILE A 1360 -29.11 20.09 -36.18
CA ILE A 1360 -29.16 21.47 -35.61
C ILE A 1360 -28.88 22.45 -36.74
N ASP A 1361 -29.93 22.96 -37.39
CA ASP A 1361 -29.81 23.92 -38.50
C ASP A 1361 -29.28 23.25 -39.76
N GLY A 1362 -29.73 22.02 -40.02
CA GLY A 1362 -29.34 21.31 -41.22
C GLY A 1362 -28.01 20.62 -41.17
N VAL A 1363 -27.39 20.54 -39.98
CA VAL A 1363 -26.06 19.88 -39.82
C VAL A 1363 -26.18 18.72 -38.84
N ASP A 1364 -26.15 17.47 -39.34
CA ASP A 1364 -26.32 16.28 -38.46
C ASP A 1364 -25.23 16.31 -37.39
N ILE A 1365 -25.59 16.02 -36.15
CA ILE A 1365 -24.61 16.10 -35.03
C ILE A 1365 -23.57 14.98 -35.16
N ALA A 1366 -23.95 13.81 -35.68
CA ALA A 1366 -22.99 12.72 -35.72
C ALA A 1366 -21.89 12.89 -36.75
N SER A 1367 -21.82 14.03 -37.45
CA SER A 1367 -20.79 14.28 -38.43
C SER A 1367 -19.78 15.37 -38.05
N ILE A 1368 -19.80 15.80 -36.80
CA ILE A 1368 -18.89 16.89 -36.35
C ILE A 1368 -18.06 16.38 -35.18
N GLY A 1369 -16.88 16.96 -34.96
CA GLY A 1369 -16.04 16.56 -33.81
C GLY A 1369 -16.73 16.86 -32.50
N LEU A 1370 -16.42 16.09 -31.45
CA LEU A 1370 -17.05 16.28 -30.12
C LEU A 1370 -16.76 17.71 -29.63
N HIS A 1371 -15.51 18.16 -29.76
CA HIS A 1371 -15.15 19.53 -29.32
C HIS A 1371 -15.65 20.56 -30.35
N ASP A 1372 -16.37 20.09 -31.38
CA ASP A 1372 -16.95 21.03 -32.39
C ASP A 1372 -18.42 21.27 -32.04
N LEU A 1373 -18.90 20.66 -30.95
CA LEU A 1373 -20.32 20.81 -30.54
C LEU A 1373 -20.37 21.16 -29.05
N ARG A 1374 -19.72 20.36 -28.20
CA ARG A 1374 -19.74 20.58 -26.73
C ARG A 1374 -19.21 21.97 -26.41
N GLU A 1375 -18.44 22.57 -27.31
CA GLU A 1375 -17.84 23.90 -27.08
C GLU A 1375 -18.91 24.99 -27.18
N LYS A 1376 -19.82 24.92 -28.16
CA LYS A 1376 -20.77 26.05 -28.41
C LYS A 1376 -22.00 26.05 -27.49
N LEU A 1377 -22.25 24.98 -26.74
CA LEU A 1377 -23.50 24.91 -25.93
C LEU A 1377 -23.22 25.19 -24.46
N THR A 1378 -24.24 25.66 -23.71
CA THR A 1378 -24.10 25.89 -22.26
C THR A 1378 -25.12 25.04 -21.51
N ILE A 1379 -24.75 24.53 -20.33
CA ILE A 1379 -25.65 23.71 -19.52
C ILE A 1379 -25.24 23.83 -18.07
N ILE A 1380 -26.24 23.86 -17.19
CA ILE A 1380 -26.05 23.80 -15.75
C ILE A 1380 -26.53 22.43 -15.27
N PRO A 1381 -25.61 21.51 -14.91
CA PRO A 1381 -26.01 20.15 -14.55
C PRO A 1381 -26.91 20.12 -13.31
N GLN A 1382 -27.58 18.99 -13.10
CA GLN A 1382 -28.45 18.82 -11.94
C GLN A 1382 -27.65 18.87 -10.63
N ASP A 1383 -26.47 18.26 -10.61
CA ASP A 1383 -25.65 18.22 -9.41
C ASP A 1383 -24.56 19.26 -9.51
N PRO A 1384 -24.58 20.32 -8.71
CA PRO A 1384 -23.53 21.35 -8.79
C PRO A 1384 -22.24 20.84 -8.18
N ILE A 1385 -21.20 20.77 -9.04
CA ILE A 1385 -19.86 20.31 -8.59
C ILE A 1385 -18.88 21.47 -8.79
N LEU A 1386 -18.07 21.76 -7.78
CA LEU A 1386 -17.12 22.87 -7.81
C LEU A 1386 -15.70 22.36 -7.62
N PHE A 1387 -14.76 23.00 -8.31
CA PHE A 1387 -13.36 22.51 -8.22
C PHE A 1387 -12.67 23.20 -7.06
N SER A 1388 -11.44 22.80 -6.79
CA SER A 1388 -10.66 23.35 -5.69
C SER A 1388 -10.11 24.71 -6.12
N GLY A 1389 -9.16 25.24 -5.36
CA GLY A 1389 -8.56 26.51 -5.71
C GLY A 1389 -9.40 27.70 -5.27
N SER A 1390 -9.29 28.79 -6.02
CA SER A 1390 -9.98 30.03 -5.70
C SER A 1390 -11.30 30.11 -6.45
N LEU A 1391 -12.11 31.11 -6.06
CA LEU A 1391 -13.40 31.31 -6.72
C LEU A 1391 -13.21 31.74 -8.16
N ARG A 1392 -12.20 32.57 -8.43
CA ARG A 1392 -11.94 33.01 -9.80
C ARG A 1392 -11.62 31.83 -10.71
N MET A 1393 -10.82 30.88 -10.23
CA MET A 1393 -10.49 29.72 -11.04
C MET A 1393 -11.73 28.88 -11.32
N ASN A 1394 -12.62 28.74 -10.33
CA ASN A 1394 -13.86 28.02 -10.54
C ASN A 1394 -14.79 28.73 -11.51
N LEU A 1395 -14.74 30.05 -11.57
CA LEU A 1395 -15.61 30.78 -12.49
C LEU A 1395 -15.15 30.65 -13.93
N ASP A 1396 -13.84 30.76 -14.18
CA ASP A 1396 -13.33 30.62 -15.54
C ASP A 1396 -11.87 30.17 -15.52
N PRO A 1397 -11.60 28.87 -15.69
CA PRO A 1397 -10.20 28.41 -15.71
C PRO A 1397 -9.52 28.65 -17.04
N PHE A 1398 -9.66 29.86 -17.59
CA PHE A 1398 -9.01 30.22 -18.85
C PHE A 1398 -8.40 31.60 -18.86
N ASN A 1399 -8.67 32.45 -17.86
CA ASN A 1399 -8.10 33.80 -17.77
C ASN A 1399 -8.43 34.63 -19.02
N ASN A 1400 -9.63 34.45 -19.55
CA ASN A 1400 -10.07 35.17 -20.73
C ASN A 1400 -10.96 36.37 -20.40
N TYR A 1401 -11.14 36.67 -19.11
CA TYR A 1401 -12.00 37.76 -18.70
C TYR A 1401 -11.32 38.59 -17.62
N SER A 1402 -11.62 39.88 -17.62
CA SER A 1402 -11.10 40.80 -16.61
C SER A 1402 -12.02 40.77 -15.39
N ASP A 1403 -11.74 41.63 -14.41
CA ASP A 1403 -12.50 41.63 -13.17
C ASP A 1403 -13.88 42.26 -13.28
N GLU A 1404 -14.02 43.28 -14.14
CA GLU A 1404 -15.28 44.02 -14.18
C GLU A 1404 -16.42 43.17 -14.71
N GLU A 1405 -16.18 42.40 -15.77
CA GLU A 1405 -17.23 41.52 -16.29
C GLU A 1405 -17.59 40.44 -15.27
N ILE A 1406 -16.60 39.93 -14.54
CA ILE A 1406 -16.87 38.95 -13.49
C ILE A 1406 -17.76 39.56 -12.42
N TRP A 1407 -17.46 40.80 -12.00
CA TRP A 1407 -18.29 41.47 -11.01
C TRP A 1407 -19.71 41.68 -11.52
N LYS A 1408 -19.84 42.09 -12.79
CA LYS A 1408 -21.17 42.30 -13.35
C LYS A 1408 -21.97 41.01 -13.40
N ALA A 1409 -21.33 39.91 -13.83
CA ALA A 1409 -22.01 38.62 -13.88
C ALA A 1409 -22.39 38.15 -12.49
N LEU A 1410 -21.51 38.35 -11.49
CA LEU A 1410 -21.86 37.98 -10.13
C LEU A 1410 -23.03 38.79 -9.62
N GLU A 1411 -23.10 40.07 -9.99
CA GLU A 1411 -24.26 40.88 -9.62
C GLU A 1411 -25.52 40.34 -10.27
N LEU A 1412 -25.42 39.94 -11.55
CA LEU A 1412 -26.58 39.42 -12.26
C LEU A 1412 -27.08 38.10 -11.68
N ALA A 1413 -26.23 37.37 -10.96
CA ALA A 1413 -26.60 36.09 -10.36
C ALA A 1413 -26.93 36.21 -8.87
N HIS A 1414 -27.04 37.44 -8.35
CA HIS A 1414 -27.39 37.68 -6.95
C HIS A 1414 -26.37 37.03 -6.00
N LEU A 1415 -25.12 37.45 -6.15
CA LEU A 1415 -24.06 37.02 -5.24
C LEU A 1415 -23.14 38.16 -4.84
N LYS A 1416 -23.51 39.41 -5.13
CA LYS A 1416 -22.65 40.54 -4.79
C LYS A 1416 -22.50 40.67 -3.28
N SER A 1417 -23.59 40.52 -2.53
CA SER A 1417 -23.56 40.75 -1.09
C SER A 1417 -22.62 39.77 -0.39
N PHE A 1418 -22.80 38.48 -0.64
CA PHE A 1418 -21.99 37.48 0.04
C PHE A 1418 -20.52 37.60 -0.34
N VAL A 1419 -20.23 37.79 -1.63
CA VAL A 1419 -18.85 37.89 -2.07
C VAL A 1419 -18.18 39.13 -1.49
N ALA A 1420 -18.87 40.27 -1.52
CA ALA A 1420 -18.29 41.50 -0.98
C ALA A 1420 -18.07 41.41 0.52
N SER A 1421 -19.02 40.79 1.24
CA SER A 1421 -18.89 40.66 2.69
C SER A 1421 -17.74 39.75 3.09
N LEU A 1422 -17.22 38.95 2.16
CA LEU A 1422 -16.11 38.07 2.47
C LEU A 1422 -14.82 38.87 2.65
N GLN A 1423 -13.89 38.31 3.43
CA GLN A 1423 -12.59 39.01 3.67
C GLN A 1423 -11.86 39.14 2.34
N LEU A 1424 -11.65 38.03 1.63
CA LEU A 1424 -10.97 38.07 0.31
C LEU A 1424 -12.03 38.24 -0.78
N GLY A 1425 -11.85 39.22 -1.68
CA GLY A 1425 -12.88 39.50 -2.70
C GLY A 1425 -13.22 38.28 -3.53
N LEU A 1426 -12.27 37.75 -4.30
CA LEU A 1426 -12.56 36.62 -5.21
C LEU A 1426 -11.51 35.54 -5.05
N SER A 1427 -10.44 35.82 -4.30
CA SER A 1427 -9.39 34.83 -4.12
C SER A 1427 -9.70 33.85 -3.00
N HIS A 1428 -10.93 33.84 -2.49
CA HIS A 1428 -11.31 32.92 -1.44
C HIS A 1428 -11.21 31.48 -1.94
N GLU A 1429 -10.66 30.61 -1.10
CA GLU A 1429 -10.46 29.21 -1.46
C GLU A 1429 -11.73 28.41 -1.18
N VAL A 1430 -11.94 27.38 -1.98
CA VAL A 1430 -13.07 26.46 -1.83
C VAL A 1430 -12.51 25.06 -1.65
N THR A 1431 -12.99 24.37 -0.62
CA THR A 1431 -12.53 23.02 -0.34
C THR A 1431 -13.01 22.06 -1.42
N GLU A 1432 -12.42 20.86 -1.43
CA GLU A 1432 -12.77 19.86 -2.43
C GLU A 1432 -14.25 19.52 -2.35
N ALA A 1433 -14.85 19.29 -3.53
CA ALA A 1433 -16.29 19.03 -3.68
C ALA A 1433 -17.14 20.21 -3.24
N GLY A 1434 -16.57 21.41 -3.20
CA GLY A 1434 -17.33 22.60 -2.86
C GLY A 1434 -17.93 22.57 -1.47
N GLY A 1435 -17.17 22.09 -0.50
CA GLY A 1435 -17.66 21.99 0.87
C GLY A 1435 -17.60 23.28 1.66
N ASN A 1436 -17.06 24.35 1.09
CA ASN A 1436 -16.95 25.62 1.78
C ASN A 1436 -18.16 26.52 1.58
N LEU A 1437 -19.15 26.07 0.79
CA LEU A 1437 -20.33 26.88 0.53
C LEU A 1437 -21.58 25.99 0.65
N SER A 1438 -22.73 26.64 0.77
CA SER A 1438 -24.00 25.94 0.87
C SER A 1438 -24.46 25.53 -0.53
N ILE A 1439 -25.60 24.83 -0.59
CA ILE A 1439 -26.12 24.37 -1.88
C ILE A 1439 -26.65 25.55 -2.69
N GLY A 1440 -27.37 26.47 -2.05
CA GLY A 1440 -27.91 27.60 -2.78
C GLY A 1440 -26.85 28.48 -3.38
N GLN A 1441 -25.80 28.77 -2.61
CA GLN A 1441 -24.69 29.56 -3.13
C GLN A 1441 -23.98 28.82 -4.26
N ARG A 1442 -23.85 27.49 -4.15
CA ARG A 1442 -23.23 26.72 -5.21
C ARG A 1442 -24.04 26.79 -6.50
N GLN A 1443 -25.37 26.68 -6.39
CA GLN A 1443 -26.21 26.78 -7.58
C GLN A 1443 -26.16 28.17 -8.20
N LEU A 1444 -26.14 29.21 -7.36
CA LEU A 1444 -26.02 30.57 -7.87
C LEU A 1444 -24.66 30.77 -8.56
N LEU A 1445 -23.61 30.17 -8.02
CA LEU A 1445 -22.30 30.22 -8.66
C LEU A 1445 -22.33 29.53 -10.02
N CYS A 1446 -23.00 28.38 -10.10
CA CYS A 1446 -23.12 27.69 -11.38
C CYS A 1446 -23.88 28.54 -12.40
N LEU A 1447 -24.95 29.19 -11.97
CA LEU A 1447 -25.69 30.08 -12.87
C LEU A 1447 -24.81 31.24 -13.33
N GLY A 1448 -24.05 31.83 -12.41
CA GLY A 1448 -23.15 32.89 -12.80
C GLY A 1448 -22.08 32.45 -13.78
N ARG A 1449 -21.57 31.22 -13.59
CA ARG A 1449 -20.60 30.67 -14.52
C ARG A 1449 -21.20 30.48 -15.90
N ALA A 1450 -22.42 29.95 -15.96
CA ALA A 1450 -23.08 29.76 -17.25
C ALA A 1450 -23.51 31.08 -17.88
N LEU A 1451 -23.59 32.16 -17.09
CA LEU A 1451 -23.98 33.46 -17.61
C LEU A 1451 -22.86 34.16 -18.39
N LEU A 1452 -21.64 33.62 -18.39
CA LEU A 1452 -20.51 34.29 -19.02
C LEU A 1452 -20.27 33.88 -20.46
N ARG A 1453 -20.52 32.63 -20.82
CA ARG A 1453 -20.20 32.15 -22.16
C ARG A 1453 -21.09 32.78 -23.23
N LYS A 1454 -22.23 33.35 -22.84
CA LYS A 1454 -23.19 34.00 -23.74
C LYS A 1454 -23.35 33.24 -25.06
N SER A 1455 -23.68 31.96 -24.93
CA SER A 1455 -23.85 31.10 -26.09
C SER A 1455 -25.23 31.33 -26.71
N LYS A 1456 -25.60 30.48 -27.66
CA LYS A 1456 -26.88 30.59 -28.35
C LYS A 1456 -27.91 29.58 -27.84
N ILE A 1457 -27.48 28.36 -27.50
CA ILE A 1457 -28.37 27.33 -27.00
C ILE A 1457 -28.04 27.09 -25.53
N LEU A 1458 -29.01 27.28 -24.66
CA LEU A 1458 -28.86 27.10 -23.23
C LEU A 1458 -29.94 26.16 -22.72
N VAL A 1459 -29.56 25.26 -21.82
CA VAL A 1459 -30.50 24.31 -21.23
C VAL A 1459 -30.34 24.32 -19.72
N LEU A 1460 -31.46 24.45 -19.01
CA LEU A 1460 -31.49 24.42 -17.56
C LEU A 1460 -31.87 23.03 -17.07
N ASP A 1461 -31.17 22.55 -16.04
CA ASP A 1461 -31.41 21.22 -15.47
C ASP A 1461 -31.56 21.38 -13.96
N GLN A 1462 -32.79 21.70 -13.53
CA GLN A 1462 -33.12 21.88 -12.12
C GLN A 1462 -32.20 22.89 -11.46
N ALA A 1463 -32.28 24.12 -11.95
CA ALA A 1463 -31.41 25.20 -11.46
C ALA A 1463 -31.90 25.82 -10.16
N THR A 1464 -33.13 25.54 -9.74
CA THR A 1464 -33.72 26.12 -8.53
C THR A 1464 -34.20 25.02 -7.60
N ALA A 1465 -33.38 23.99 -7.42
CA ALA A 1465 -33.76 22.90 -6.53
C ALA A 1465 -33.71 23.32 -5.06
N ALA A 1466 -32.66 24.04 -4.68
CA ALA A 1466 -32.48 24.45 -3.28
C ALA A 1466 -32.43 25.96 -3.16
N VAL A 1467 -33.35 26.66 -3.82
CA VAL A 1467 -33.41 28.11 -3.82
C VAL A 1467 -34.83 28.53 -3.43
N ASP A 1468 -34.93 29.51 -2.53
CA ASP A 1468 -36.27 30.01 -2.08
C ASP A 1468 -37.00 30.66 -3.26
N LEU A 1469 -38.33 30.81 -3.16
CA LEU A 1469 -39.13 31.37 -4.27
C LEU A 1469 -38.66 32.78 -4.63
N GLU A 1470 -38.32 33.60 -3.63
CA GLU A 1470 -37.89 35.00 -3.89
C GLU A 1470 -36.68 34.98 -4.83
N THR A 1471 -35.54 34.46 -4.36
CA THR A 1471 -34.36 34.35 -5.21
C THR A 1471 -34.70 33.65 -6.52
N ASP A 1472 -35.59 32.66 -6.48
CA ASP A 1472 -36.01 32.00 -7.71
C ASP A 1472 -36.69 32.98 -8.66
N ASN A 1473 -37.58 33.82 -8.14
CA ASN A 1473 -38.23 34.82 -8.98
C ASN A 1473 -37.22 35.81 -9.55
N LEU A 1474 -36.26 36.24 -8.73
CA LEU A 1474 -35.27 37.20 -9.20
C LEU A 1474 -34.42 36.61 -10.32
N ILE A 1475 -33.95 35.37 -10.14
CA ILE A 1475 -33.13 34.77 -11.19
C ILE A 1475 -33.96 34.42 -12.42
N GLN A 1476 -35.24 34.11 -12.24
CA GLN A 1476 -36.10 33.89 -13.41
C GLN A 1476 -36.26 35.18 -14.21
N THR A 1477 -36.46 36.31 -13.53
CA THR A 1477 -36.53 37.59 -14.23
C THR A 1477 -35.21 37.90 -14.92
N THR A 1478 -34.08 37.63 -14.26
CA THR A 1478 -32.78 37.85 -14.87
C THR A 1478 -32.60 37.02 -16.13
N ILE A 1479 -32.99 35.75 -16.08
CA ILE A 1479 -32.88 34.88 -17.25
C ILE A 1479 -33.78 35.37 -18.37
N GLN A 1480 -35.00 35.79 -18.03
CA GLN A 1480 -35.92 36.29 -19.05
C GLN A 1480 -35.38 37.55 -19.72
N ASN A 1481 -34.77 38.45 -18.94
CA ASN A 1481 -34.26 39.69 -19.50
C ASN A 1481 -32.87 39.56 -20.11
N GLU A 1482 -32.19 38.44 -19.90
CA GLU A 1482 -30.82 38.25 -20.38
C GLU A 1482 -30.72 37.33 -21.59
N PHE A 1483 -31.45 36.22 -21.60
CA PHE A 1483 -31.36 35.23 -22.67
C PHE A 1483 -32.56 35.32 -23.62
N ALA A 1484 -33.00 36.54 -23.92
CA ALA A 1484 -34.14 36.71 -24.83
C ALA A 1484 -33.81 36.19 -26.22
N HIS A 1485 -32.60 36.45 -26.70
CA HIS A 1485 -32.18 36.03 -28.04
C HIS A 1485 -31.53 34.66 -28.04
N CYS A 1486 -32.20 33.67 -27.44
CA CYS A 1486 -31.65 32.34 -27.32
C CYS A 1486 -32.79 31.33 -27.23
N THR A 1487 -32.38 30.05 -27.22
CA THR A 1487 -33.35 28.93 -27.05
C THR A 1487 -33.05 28.30 -25.70
N VAL A 1488 -34.04 28.23 -24.81
CA VAL A 1488 -33.88 27.74 -23.45
C VAL A 1488 -34.75 26.50 -23.27
N ILE A 1489 -34.17 25.44 -22.71
CA ILE A 1489 -34.90 24.23 -22.35
C ILE A 1489 -34.85 24.11 -20.83
N THR A 1490 -36.02 24.05 -20.21
CA THR A 1490 -36.14 24.04 -18.76
C THR A 1490 -36.65 22.69 -18.29
N ILE A 1491 -35.95 22.11 -17.32
CA ILE A 1491 -36.33 20.84 -16.71
C ILE A 1491 -36.55 21.12 -15.24
N ALA A 1492 -37.80 21.43 -14.87
CA ALA A 1492 -38.12 21.78 -13.48
C ALA A 1492 -39.40 21.10 -13.07
N HIS A 1493 -39.40 20.56 -11.84
CA HIS A 1493 -40.59 19.95 -11.27
C HIS A 1493 -41.54 20.98 -10.68
N ARG A 1494 -41.09 22.21 -10.48
CA ARG A 1494 -41.94 23.29 -9.99
C ARG A 1494 -42.59 23.96 -11.21
N LEU A 1495 -43.91 23.79 -11.34
CA LEU A 1495 -44.61 24.26 -12.53
C LEU A 1495 -44.71 25.77 -12.60
N HIS A 1496 -44.35 26.49 -11.53
CA HIS A 1496 -44.41 27.94 -11.56
C HIS A 1496 -43.53 28.52 -12.66
N THR A 1497 -42.32 27.98 -12.82
CA THR A 1497 -41.44 28.45 -13.88
C THR A 1497 -41.89 27.93 -15.25
N ILE A 1498 -42.35 26.68 -15.31
CA ILE A 1498 -42.73 26.08 -16.59
C ILE A 1498 -44.02 26.66 -17.13
N MET A 1499 -44.77 27.41 -16.30
CA MET A 1499 -46.07 27.92 -16.74
C MET A 1499 -45.95 28.79 -17.98
N ASP A 1500 -44.96 29.68 -18.01
CA ASP A 1500 -44.77 30.59 -19.14
C ASP A 1500 -43.77 29.94 -20.11
N SER A 1501 -44.30 29.29 -21.14
CA SER A 1501 -43.46 28.70 -22.17
C SER A 1501 -44.30 28.51 -23.43
N ASP A 1502 -43.63 28.50 -24.58
CA ASP A 1502 -44.33 28.33 -25.85
C ASP A 1502 -44.74 26.88 -26.08
N LYS A 1503 -43.88 25.95 -25.68
CA LYS A 1503 -44.18 24.51 -25.84
C LYS A 1503 -43.92 23.78 -24.52
N VAL A 1504 -44.83 22.90 -24.11
CA VAL A 1504 -44.60 22.10 -22.88
C VAL A 1504 -44.65 20.61 -23.25
N MET A 1505 -43.55 19.90 -23.02
CA MET A 1505 -43.49 18.45 -23.38
C MET A 1505 -43.57 17.63 -22.09
N VAL A 1506 -44.32 16.53 -22.10
CA VAL A 1506 -44.38 15.64 -20.91
C VAL A 1506 -43.81 14.27 -21.27
N LEU A 1507 -43.15 13.60 -20.32
CA LEU A 1507 -42.54 12.27 -20.56
C LEU A 1507 -42.96 11.31 -19.45
N ASP A 1508 -43.05 10.02 -19.74
CA ASP A 1508 -43.46 9.02 -18.75
C ASP A 1508 -42.48 7.87 -18.64
N ASN A 1509 -42.12 7.24 -19.76
CA ASN A 1509 -41.18 6.13 -19.77
C ASN A 1509 -40.22 6.23 -20.94
N GLY A 1510 -39.89 7.44 -21.36
CA GLY A 1510 -39.09 7.66 -22.54
C GLY A 1510 -39.85 8.00 -23.78
N LYS A 1511 -41.18 8.04 -23.72
CA LYS A 1511 -42.03 8.37 -24.86
C LYS A 1511 -42.79 9.65 -24.55
N ILE A 1512 -42.75 10.60 -25.49
CA ILE A 1512 -43.47 11.88 -25.32
C ILE A 1512 -44.98 11.62 -25.42
N ILE A 1513 -45.74 12.05 -24.42
CA ILE A 1513 -47.19 11.83 -24.38
C ILE A 1513 -47.90 13.01 -25.03
N GLU A 1514 -47.70 14.19 -24.43
CA GLU A 1514 -48.43 15.40 -24.90
C GLU A 1514 -47.46 16.50 -25.28
N CYS A 1515 -47.87 17.38 -26.18
CA CYS A 1515 -47.08 18.54 -26.57
C CYS A 1515 -48.00 19.64 -27.06
N GLY A 1516 -47.79 20.85 -26.58
CA GLY A 1516 -48.62 21.97 -26.98
C GLY A 1516 -48.45 23.13 -26.01
N SER A 1517 -49.23 24.17 -26.28
CA SER A 1517 -49.19 25.35 -25.43
C SER A 1517 -49.76 25.02 -24.04
N PRO A 1518 -49.21 25.62 -22.98
CA PRO A 1518 -49.73 25.30 -21.63
C PRO A 1518 -51.20 25.64 -21.45
N GLU A 1519 -51.68 26.71 -22.10
CA GLU A 1519 -53.10 27.04 -22.00
C GLU A 1519 -53.97 25.93 -22.57
N GLU A 1520 -53.58 25.41 -23.74
CA GLU A 1520 -54.33 24.31 -24.34
C GLU A 1520 -54.28 23.06 -23.47
N LEU A 1521 -53.12 22.77 -22.87
CA LEU A 1521 -52.99 21.61 -22.01
C LEU A 1521 -53.86 21.75 -20.76
N LEU A 1522 -53.93 22.96 -20.21
CA LEU A 1522 -54.78 23.17 -19.03
C LEU A 1522 -56.26 23.12 -19.39
N GLN A 1523 -56.62 23.61 -20.58
CA GLN A 1523 -58.02 23.60 -21.00
C GLN A 1523 -58.52 22.17 -21.22
N ILE A 1524 -57.72 21.34 -21.86
CA ILE A 1524 -58.10 19.97 -22.17
C ILE A 1524 -57.71 19.05 -21.01
N PRO A 1525 -58.64 18.27 -20.46
CA PRO A 1525 -58.28 17.37 -19.36
C PRO A 1525 -57.25 16.32 -19.75
N GLY A 1526 -56.05 16.43 -19.19
CA GLY A 1526 -54.98 15.51 -19.49
C GLY A 1526 -54.00 15.40 -18.34
N PRO A 1527 -52.84 14.77 -18.58
CA PRO A 1527 -51.84 14.65 -17.51
C PRO A 1527 -51.38 16.00 -16.97
N PHE A 1528 -51.23 17.00 -17.83
CA PHE A 1528 -50.77 18.31 -17.38
C PHE A 1528 -51.80 18.99 -16.48
N TYR A 1529 -53.09 18.85 -16.82
CA TYR A 1529 -54.13 19.44 -15.99
C TYR A 1529 -54.15 18.81 -14.60
N PHE A 1530 -54.01 17.48 -14.53
CA PHE A 1530 -53.98 16.82 -13.24
C PHE A 1530 -52.74 17.20 -12.45
N MET A 1531 -51.59 17.33 -13.13
CA MET A 1531 -50.37 17.75 -12.45
C MET A 1531 -50.52 19.15 -11.87
N ALA A 1532 -51.11 20.07 -12.64
CA ALA A 1532 -51.33 21.43 -12.15
C ALA A 1532 -52.32 21.44 -10.99
N LYS A 1533 -53.37 20.63 -11.06
CA LYS A 1533 -54.31 20.54 -9.95
C LYS A 1533 -53.65 20.02 -8.70
N GLU A 1534 -52.78 19.02 -8.83
CA GLU A 1534 -52.04 18.50 -7.68
C GLU A 1534 -51.10 19.57 -7.11
N ALA A 1535 -50.45 20.34 -7.99
CA ALA A 1535 -49.57 21.40 -7.53
C ALA A 1535 -50.34 22.53 -6.84
N GLY A 1536 -51.65 22.64 -7.09
CA GLY A 1536 -52.43 23.68 -6.47
C GLY A 1536 -52.21 25.07 -7.03
N ILE A 1537 -51.72 25.18 -8.25
CA ILE A 1537 -51.44 26.48 -8.84
C ILE A 1537 -52.68 27.07 -9.49
N GLU A 1538 -53.47 26.25 -10.17
CA GLU A 1538 -54.67 26.72 -10.85
C GLU A 1538 -55.71 27.25 -9.85
PG ATP B . -29.14 26.12 2.15
O1G ATP B . -29.35 24.71 2.64
O2G ATP B . -28.46 26.20 0.81
O3G ATP B . -30.38 26.95 2.21
PB ATP B . -28.34 27.21 4.73
O1B ATP B . -28.68 25.99 5.52
O2B ATP B . -29.24 28.39 4.77
O3B ATP B . -28.12 26.79 3.20
PA ATP B . -25.60 26.78 5.58
O1A ATP B . -25.72 26.54 7.04
O2A ATP B . -25.48 25.61 4.67
O3A ATP B . -26.85 27.67 5.11
O5' ATP B . -24.39 27.79 5.31
C5' ATP B . -24.48 29.16 5.77
C4' ATP B . -23.13 29.80 5.64
O4' ATP B . -22.20 29.14 6.53
C3' ATP B . -22.47 29.71 4.26
O3' ATP B . -22.91 30.74 3.38
C2' ATP B . -20.99 29.85 4.62
O2' ATP B . -20.64 31.20 4.85
C1' ATP B . -20.93 29.04 5.91
N9 ATP B . -20.64 27.62 5.71
C8 ATP B . -21.51 26.61 5.40
N7 ATP B . -20.92 25.44 5.30
C5 ATP B . -19.58 25.70 5.60
C6 ATP B . -18.45 24.88 5.66
N6 ATP B . -18.47 23.56 5.43
N1 ATP B . -17.27 25.46 5.97
C2 ATP B . -17.25 26.78 6.20
N3 ATP B . -18.25 27.65 6.16
C4 ATP B . -19.40 27.04 5.85
PG ATP C . -34.90 13.25 -12.80
O1G ATP C . -34.78 12.89 -11.35
O2G ATP C . -33.87 14.26 -13.23
O3G ATP C . -36.30 13.64 -13.19
PB ATP C . -34.94 11.57 -15.15
O1B ATP C . -36.41 11.34 -15.22
O2B ATP C . -34.32 12.60 -16.03
O3B ATP C . -34.57 11.92 -13.63
PA ATP C . -32.67 9.86 -15.79
O1A ATP C . -31.73 10.59 -14.89
O2A ATP C . -32.55 10.07 -17.26
O3A ATP C . -34.18 10.18 -15.35
O5' ATP C . -32.60 8.30 -15.46
C5' ATP C . -33.70 7.46 -15.90
C4' ATP C . -33.34 6.01 -15.66
O4' ATP C . -32.27 5.64 -16.55
C3' ATP C . -32.80 5.67 -14.26
O3' ATP C . -33.85 5.46 -13.32
C2' ATP C . -32.02 4.40 -14.56
O2' ATP C . -32.88 3.28 -14.68
C1' ATP C . -31.38 4.74 -15.90
N9 ATP C . -30.09 5.40 -15.79
C8 ATP C . -29.82 6.72 -15.53
N7 ATP C . -28.53 6.98 -15.52
C5 ATP C . -27.93 5.77 -15.79
C6 ATP C . -26.57 5.38 -15.92
N6 ATP C . -25.55 6.22 -15.78
N1 ATP C . -26.33 4.08 -16.21
C2 ATP C . -27.36 3.24 -16.35
N3 ATP C . -28.66 3.49 -16.26
C4 ATP C . -28.87 4.78 -15.97
MG MG D . -29.10 23.18 3.49
MG MG E . -32.15 14.72 -13.54
C32 UNL F . 23.03 -25.98 12.10
C33 UNL F . 22.84 -24.48 11.89
C34 UNL F . 22.30 -23.81 13.15
C35 UNL F . 21.74 -22.41 12.90
C36 UNL F . 20.97 -21.88 14.09
C37 UNL F . 20.04 -20.71 13.76
C38 UNL F . 19.07 -20.38 14.89
C39 UNL F . 18.01 -19.36 14.52
C3A UNL F . 17.00 -19.13 15.63
O12 UNL G . 8.63 -31.48 4.91
P UNL G . 8.48 -32.08 6.26
O14 UNL G . 8.03 -31.32 7.46
O13 UNL G . 7.48 -33.39 6.18
O11 UNL G . 9.93 -32.82 6.57
C1 UNL G . 10.34 -33.89 5.75
C2 UNL G . 11.78 -34.22 6.03
O21 UNL G . 12.67 -33.31 5.38
C21 UNL G . 13.03 -32.19 6.00
O22 UNL G . 12.70 -31.93 7.14
C22 UNL G . 13.89 -31.33 5.12
C23 UNL G . 15.34 -31.79 5.02
C24 UNL G . 16.19 -31.23 6.15
C25 UNL G . 17.67 -31.35 5.90
C26 UNL G . 18.48 -30.24 6.57
C27 UNL G . 19.95 -30.24 6.20
C28 UNL G . 20.81 -31.10 7.12
C29 UNL G . 20.93 -30.57 8.53
C2A UNL G . 21.64 -31.52 9.48
C2B UNL G . 23.05 -31.87 9.04
C3 UNL G . 12.17 -35.60 5.52
O31 UNL G . 12.83 -36.27 6.59
C31 UNL G . 13.87 -37.04 6.30
O32 UNL G . 13.88 -38.22 6.46
C32 UNL G . 15.01 -36.22 5.74
C33 UNL G . 15.72 -35.36 6.79
C34 UNL G . 17.04 -35.97 7.21
C35 UNL G . 17.86 -35.05 8.10
C36 UNL G . 19.31 -35.53 8.26
C32 UNL H . 22.21 -17.09 -15.74
C33 UNL H . 21.66 -16.36 -16.96
C34 UNL H . 20.24 -16.82 -17.29
C35 UNL H . 19.72 -16.30 -18.61
C36 UNL H . 18.41 -16.95 -19.03
C37 UNL H . 17.96 -16.57 -20.44
C38 UNL H . 16.70 -17.32 -20.87
C39 UNL H . 16.22 -16.94 -22.26
C3A UNL H . 14.98 -17.70 -22.70
C3B UNL H . 14.50 -17.32 -24.10
C3C UNL H . 13.26 -18.10 -24.53
C1 CLR I . 16.17 -11.47 -20.85
C2 CLR I . 15.19 -12.63 -20.76
C3 CLR I . 14.90 -13.00 -19.32
C4 CLR I . 14.39 -11.78 -18.56
C5 CLR I . 15.31 -10.59 -18.70
C6 CLR I . 15.73 -9.95 -17.61
C7 CLR I . 16.52 -8.69 -17.63
C8 CLR I . 16.62 -8.07 -19.03
C9 CLR I . 16.86 -9.16 -20.07
C10 CLR I . 15.70 -10.19 -20.10
C11 CLR I . 17.19 -8.55 -21.44
C12 CLR I . 18.29 -7.50 -21.41
C13 CLR I . 17.98 -6.38 -20.40
C14 CLR I . 17.75 -7.07 -19.06
C15 CLR I . 17.73 -5.93 -18.05
C16 CLR I . 18.77 -4.94 -18.59
C17 CLR I . 19.14 -5.41 -20.03
C18 CLR I . 16.76 -5.57 -20.85
C19 CLR I . 14.47 -9.62 -20.81
C20 CLR I . 19.46 -4.20 -20.93
C21 CLR I . 20.16 -4.58 -22.24
C22 CLR I . 20.30 -3.19 -20.15
C23 CLR I . 20.19 -1.75 -20.64
C24 CLR I . 21.20 -0.81 -19.96
C25 CLR I . 20.74 -0.20 -18.64
C26 CLR I . 21.84 0.67 -18.05
C27 CLR I . 19.46 0.62 -18.80
O1 CLR I . 13.98 -14.07 -19.30
C1 CLR J . 43.53 -42.09 9.52
C2 CLR J . 44.89 -42.70 9.21
C3 CLR J . 45.28 -42.47 7.76
C4 CLR J . 45.25 -40.98 7.45
C5 CLR J . 43.94 -40.35 7.81
C6 CLR J . 43.26 -39.64 6.90
C7 CLR J . 42.00 -38.89 7.18
C8 CLR J . 41.69 -38.79 8.67
C9 CLR J . 41.94 -40.14 9.34
C10 CLR J . 43.43 -40.58 9.22
C11 CLR J . 41.43 -40.16 10.78
C12 CLR J . 39.98 -39.66 10.93
C13 CLR J . 39.81 -38.26 10.35
C14 CLR J . 40.25 -38.36 8.88
C15 CLR J . 39.79 -37.05 8.24
C16 CLR J . 38.47 -36.75 8.97
C17 CLR J . 38.35 -37.74 10.16
C18 CLR J . 40.63 -37.22 11.12
C19 CLR J . 44.33 -39.80 10.19
C20 CLR J . 37.60 -37.09 11.34
C21 CLR J . 37.28 -38.05 12.49
C22 CLR J . 36.29 -36.47 10.83
C23 CLR J . 35.52 -35.65 11.86
C24 CLR J . 34.41 -34.81 11.24
C25 CLR J . 33.73 -33.83 12.19
C26 CLR J . 34.77 -32.92 12.84
C27 CLR J . 32.66 -32.99 11.50
O1 CLR J . 46.56 -43.02 7.54
C1 CLR K . 43.43 -41.11 2.35
C2 CLR K . 44.65 -41.98 2.09
C3 CLR K . 45.04 -42.74 3.34
C4 CLR K . 43.86 -43.57 3.83
C5 CLR K . 42.62 -42.72 4.04
C6 CLR K . 41.95 -42.79 5.19
C7 CLR K . 40.71 -42.03 5.49
C8 CLR K . 40.06 -41.43 4.25
C9 CLR K . 41.13 -40.82 3.32
C10 CLR K . 42.19 -41.86 2.87
C11 CLR K . 40.48 -40.08 2.14
C12 CLR K . 39.40 -39.07 2.56
C13 CLR K . 38.33 -39.70 3.45
C14 CLR K . 39.07 -40.34 4.63
C15 CLR K . 37.98 -40.69 5.62
C16 CLR K . 37.01 -39.50 5.50
C17 CLR K . 37.39 -38.72 4.21
C18 CLR K . 37.50 -40.72 2.67
C19 CLR K . 41.65 -42.78 1.77
C20 CLR K . 36.13 -38.14 3.54
C21 CLR K . 36.41 -37.24 2.34
C22 CLR K . 35.30 -37.39 4.59
C23 CLR K . 33.80 -37.39 4.36
C24 CLR K . 33.06 -36.54 5.39
C25 CLR K . 32.32 -37.32 6.48
C26 CLR K . 33.30 -37.88 7.50
C27 CLR K . 31.27 -36.46 7.19
O1 CLR K . 46.16 -43.55 3.04
C1 CLR L . 40.84 -47.44 6.67
C2 CLR L . 41.86 -48.57 6.54
C3 CLR L . 43.07 -48.30 7.41
C4 CLR L . 42.64 -48.10 8.86
C5 CLR L . 41.59 -47.04 8.99
C6 CLR L . 41.73 -46.05 9.88
C7 CLR L . 40.72 -45.00 10.17
C8 CLR L . 39.35 -45.32 9.55
C9 CLR L . 39.54 -45.86 8.12
C10 CLR L . 40.36 -47.17 8.11
C11 CLR L . 38.20 -45.97 7.39
C12 CLR L . 37.36 -44.69 7.44
C13 CLR L . 37.10 -44.23 8.89
C14 CLR L . 38.49 -44.08 9.52
C15 CLR L . 38.22 -43.36 10.85
C16 CLR L . 37.06 -42.42 10.51
C17 CLR L . 36.55 -42.80 9.09
C18 CLR L . 36.23 -45.24 9.63
C19 CLR L . 39.54 -48.37 8.60
C20 CLR L . 35.05 -42.51 8.94
C21 CLR L . 34.54 -42.53 7.50
C22 CLR L . 34.72 -41.16 9.58
C23 CLR L . 33.24 -40.79 9.66
C24 CLR L . 32.44 -41.80 10.48
C25 CLR L . 30.93 -41.69 10.33
C26 CLR L . 30.23 -42.70 11.24
C27 CLR L . 30.42 -40.27 10.63
O1 CLR L . 43.97 -49.39 7.28
C1 CLR M . 9.35 -30.66 -12.60
C2 CLR M . 8.32 -31.38 -13.45
C3 CLR M . 8.66 -31.28 -14.92
C4 CLR M . 10.07 -31.82 -15.17
C5 CLR M . 11.09 -31.17 -14.28
C6 CLR M . 12.18 -30.61 -14.82
C7 CLR M . 13.30 -30.00 -14.04
C8 CLR M . 13.21 -30.35 -12.56
C9 CLR M . 11.78 -30.20 -12.05
C10 CLR M . 10.80 -31.16 -12.79
C11 CLR M . 11.70 -30.32 -10.54
C12 CLR M . 12.73 -29.47 -9.77
C13 CLR M . 14.16 -29.74 -10.25
C14 CLR M . 14.15 -29.46 -11.76
C15 CLR M . 15.62 -29.42 -12.14
C16 CLR M . 16.30 -28.79 -10.92
C17 CLR M . 15.27 -28.77 -9.76
C18 CLR M . 14.58 -31.19 -9.93
C19 CLR M . 10.92 -32.59 -12.27
C20 CLR M . 15.96 -29.02 -8.41
C21 CLR M . 15.08 -28.70 -7.19
C22 CLR M . 17.27 -28.24 -8.34
C23 CLR M . 18.39 -28.93 -7.58
C24 CLR M . 18.86 -28.12 -6.37
C25 CLR M . 19.49 -28.95 -5.25
C26 CLR M . 20.37 -28.08 -4.37
C27 CLR M . 18.43 -29.65 -4.39
O1 CLR M . 7.69 -31.99 -15.66
#